data_9G7B
#
_entry.id   9G7B
#
_cell.length_a   1.00
_cell.length_b   1.00
_cell.length_c   1.00
_cell.angle_alpha   90.00
_cell.angle_beta   90.00
_cell.angle_gamma   90.00
#
_symmetry.space_group_name_H-M   'P 1'
#
loop_
_entity.id
_entity.type
_entity.pdbx_description
1 polymer 'Gamma-aminobutyric acid receptor subunit rho-1'
2 non-polymer 'GAMMA-AMINO-BUTANOIC ACID'
3 non-polymer 2-acetamido-2-deoxy-beta-D-glucopyranose
4 non-polymer N-OCTANE
5 non-polymer HEXANE
6 non-polymer 1-[(~{Z})-2-chloranyl-2-(2,4-dichlorophenyl)ethenyl]-1,2,4-triazole
7 non-polymer 'CHLORIDE ION'
8 water water
#
_entity_poly.entity_id   1
_entity_poly.type   'polypeptide(L)'
_entity_poly.pdbx_seq_one_letter_code
;MLAVPNMRFGIFLLWWGWVLATESRMHWPGREVHEMSKKGRPQRQRREVHEDAHKQVSPILRRSPDITKSPLTKSEQLLR
IDDHDFSMRPGFGGPAIPVGVDVQVESLDSISEVDMDFTMTLYLRHYWKDERLSFPSTNNLSMTFDGRLVKKIWVPDMFF
VHSKRSFIHDTTTDNVMLRVQPDGKVLYSLRVTVTAMCNMDFSRFPLDTQTCSLEIESYAYTEDDLMLYWKKGNDSLKTD
ERISLSQFLIQEFHTTTKLAFYSSTGWYNRLYINFTLRRHIFFFLLQTYFPATLMVMLSWVSFWIDRRAVPARVPLGITT
VLTMSTIITGVNASMPRVSYIKAVDIYLWVSFVFVFLSVLEYAAVNYLTTVQERKEQKLREKLPCTSGLPPPRTAMLDGN
YSDGEVNDLDNYMPENGEKPDRMMVQLTLASERSSPQRKSQRSSYVSMRIDTHAIDKYSRIIFPAAYILFNLIYWSIFS
;
_entity_poly.pdbx_strand_id   A,E,B,C,D
#
loop_
_chem_comp.id
_chem_comp.type
_chem_comp.name
_chem_comp.formula
A1IIV non-polymer 1-[(~{Z})-2-chloranyl-2-(2,4-dichlorophenyl)ethenyl]-1,2,4-triazole 'C10 H6 Cl3 N3'
ABU non-polymer 'GAMMA-AMINO-BUTANOIC ACID' 'C4 H9 N O2'
CL non-polymer 'CHLORIDE ION' 'Cl -1'
HEX non-polymer HEXANE 'C6 H14'
NAG D-saccharide, beta linking 2-acetamido-2-deoxy-beta-D-glucopyranose 'C8 H15 N O6'
OCT non-polymer N-OCTANE 'C8 H18'
#
# COMPACT_ATOMS: atom_id res chain seq x y z
N ASP A 85 -46.77 -9.04 19.67
CA ASP A 85 -45.91 -8.15 18.89
C ASP A 85 -44.52 -8.12 19.45
N PHE A 86 -43.58 -8.84 18.84
CA PHE A 86 -42.24 -8.87 19.40
C PHE A 86 -41.45 -7.63 19.02
N SER A 87 -42.11 -6.47 19.04
CA SER A 87 -41.45 -5.17 18.88
C SER A 87 -41.43 -4.40 20.18
N MET A 88 -42.23 -4.80 21.16
CA MET A 88 -42.22 -4.26 22.51
C MET A 88 -41.33 -5.10 23.41
N ARG A 89 -40.52 -4.43 24.23
CA ARG A 89 -39.59 -5.16 25.09
C ARG A 89 -40.33 -5.89 26.18
N PRO A 90 -39.72 -6.94 26.78
CA PRO A 90 -40.36 -7.64 27.91
C PRO A 90 -40.45 -6.77 29.17
N GLY A 91 -41.66 -6.48 29.62
CA GLY A 91 -41.86 -5.60 30.75
C GLY A 91 -42.16 -4.18 30.34
N PHE A 92 -42.60 -3.99 29.10
CA PHE A 92 -42.95 -2.68 28.54
C PHE A 92 -43.81 -1.85 29.48
N GLY A 93 -43.43 -0.57 29.58
CA GLY A 93 -44.17 0.38 30.39
C GLY A 93 -43.90 0.31 31.87
N GLY A 94 -43.58 -0.87 32.40
CA GLY A 94 -43.24 -1.05 33.80
C GLY A 94 -41.75 -0.81 34.04
N PRO A 95 -41.08 -1.73 34.74
CA PRO A 95 -39.66 -1.53 35.07
C PRO A 95 -38.74 -2.10 34.00
N ALA A 96 -37.52 -1.55 33.99
CA ALA A 96 -36.49 -1.86 33.01
C ALA A 96 -36.12 -3.34 33.03
N ILE A 97 -35.69 -3.85 31.88
CA ILE A 97 -35.40 -5.28 31.74
C ILE A 97 -33.90 -5.48 32.00
N PRO A 98 -33.52 -6.35 32.94
CA PRO A 98 -32.09 -6.61 33.24
C PRO A 98 -31.47 -7.54 32.20
N VAL A 99 -30.45 -7.04 31.49
CA VAL A 99 -29.73 -7.80 30.48
C VAL A 99 -28.27 -7.91 30.91
N GLY A 100 -27.74 -9.13 30.86
CA GLY A 100 -26.39 -9.39 31.37
C GLY A 100 -25.45 -9.89 30.30
N VAL A 101 -24.19 -9.44 30.36
CA VAL A 101 -23.22 -9.60 29.28
C VAL A 101 -22.05 -10.45 29.74
N ASP A 102 -21.55 -11.29 28.82
CA ASP A 102 -20.37 -12.13 29.02
C ASP A 102 -19.52 -12.09 27.76
N VAL A 103 -18.19 -12.06 27.90
CA VAL A 103 -17.29 -11.85 26.77
C VAL A 103 -16.06 -12.78 26.87
N GLN A 104 -15.60 -13.27 25.71
CA GLN A 104 -14.35 -14.02 25.59
C GLN A 104 -13.58 -13.52 24.38
N VAL A 105 -12.30 -13.20 24.56
CA VAL A 105 -11.49 -12.56 23.52
C VAL A 105 -10.69 -13.59 22.74
N GLU A 106 -10.74 -13.53 21.40
CA GLU A 106 -10.08 -14.56 20.58
C GLU A 106 -8.68 -14.11 20.18
N SER A 107 -8.57 -12.99 19.46
CA SER A 107 -7.32 -12.57 18.86
C SER A 107 -7.30 -11.06 18.70
N LEU A 108 -6.09 -10.52 18.53
CA LEU A 108 -5.82 -9.12 18.20
C LEU A 108 -5.13 -9.06 16.82
N ASP A 109 -5.90 -8.66 15.81
CA ASP A 109 -5.54 -8.97 14.43
C ASP A 109 -4.53 -7.98 13.86
N SER A 110 -4.61 -6.71 14.25
CA SER A 110 -3.70 -5.70 13.72
C SER A 110 -3.81 -4.40 14.52
N ILE A 111 -2.81 -3.54 14.30
CA ILE A 111 -2.69 -2.23 14.93
C ILE A 111 -2.12 -1.24 13.90
N SER A 112 -2.74 -0.05 13.77
CA SER A 112 -2.23 0.99 12.88
C SER A 112 -1.87 2.23 13.68
N GLU A 113 -0.61 2.63 13.58
CA GLU A 113 -0.07 3.75 14.33
C GLU A 113 -0.44 5.09 13.70
N VAL A 114 -0.48 5.12 12.36
CA VAL A 114 -0.75 6.37 11.66
C VAL A 114 -2.24 6.73 11.77
N ASP A 115 -3.12 5.74 11.68
CA ASP A 115 -4.54 6.05 11.74
C ASP A 115 -5.11 6.01 13.16
N MET A 116 -4.32 5.48 14.09
CA MET A 116 -4.63 5.37 15.52
C MET A 116 -5.85 4.49 15.80
N ASP A 117 -5.74 3.19 15.45
CA ASP A 117 -6.80 2.21 15.72
C ASP A 117 -6.23 0.81 15.86
N PHE A 118 -7.07 -0.13 16.36
CA PHE A 118 -6.74 -1.54 16.51
C PHE A 118 -7.93 -2.42 16.13
N THR A 119 -7.68 -3.68 15.74
CA THR A 119 -8.71 -4.62 15.29
C THR A 119 -8.70 -5.90 16.12
N MET A 120 -9.90 -6.38 16.55
CA MET A 120 -10.08 -7.46 17.52
C MET A 120 -11.22 -8.41 17.11
N THR A 121 -11.04 -9.72 17.36
CA THR A 121 -12.10 -10.72 17.15
C THR A 121 -12.51 -11.34 18.48
N LEU A 122 -13.82 -11.37 18.77
CA LEU A 122 -14.29 -11.84 20.07
C LEU A 122 -15.63 -12.58 19.96
N TYR A 123 -16.01 -13.25 21.07
CA TYR A 123 -17.34 -13.80 21.26
C TYR A 123 -18.11 -12.94 22.26
N LEU A 124 -19.39 -12.70 21.99
CA LEU A 124 -20.23 -11.83 22.81
C LEU A 124 -21.52 -12.56 23.16
N ARG A 125 -21.87 -12.59 24.46
CA ARG A 125 -22.99 -13.39 24.95
C ARG A 125 -23.97 -12.50 25.73
N HIS A 126 -25.27 -12.80 25.61
CA HIS A 126 -26.32 -12.07 26.34
C HIS A 126 -27.24 -13.03 27.10
N TYR A 127 -27.95 -12.49 28.09
CA TYR A 127 -28.86 -13.26 28.93
C TYR A 127 -30.03 -12.38 29.40
N TRP A 128 -31.18 -13.02 29.54
CA TRP A 128 -32.40 -12.39 30.04
C TRP A 128 -33.51 -13.43 30.18
N LYS A 129 -34.63 -12.99 30.74
CA LYS A 129 -35.81 -13.83 30.95
C LYS A 129 -37.01 -13.18 30.25
N ASP A 130 -37.64 -13.94 29.34
CA ASP A 130 -38.80 -13.51 28.59
C ASP A 130 -39.83 -14.63 28.62
N GLU A 131 -41.07 -14.28 28.97
CA GLU A 131 -42.13 -15.26 29.14
C GLU A 131 -42.87 -15.57 27.86
N ARG A 132 -42.96 -14.63 26.90
CA ARG A 132 -43.54 -14.95 25.59
C ARG A 132 -42.77 -16.05 24.88
N LEU A 133 -41.64 -16.49 25.43
CA LEU A 133 -40.78 -17.49 24.82
C LEU A 133 -40.81 -18.82 25.57
N SER A 134 -41.78 -19.01 26.46
CA SER A 134 -41.90 -20.22 27.26
C SER A 134 -42.62 -21.32 26.49
N PHE A 135 -42.27 -22.57 26.79
CA PHE A 135 -42.91 -23.70 26.15
C PHE A 135 -43.14 -24.84 27.11
N PRO A 136 -44.20 -25.65 26.90
CA PRO A 136 -44.52 -26.73 27.85
C PRO A 136 -43.70 -28.01 27.68
N SER A 137 -42.58 -28.15 28.39
CA SER A 137 -41.81 -29.39 28.37
C SER A 137 -41.27 -29.69 29.76
N THR A 138 -41.12 -30.98 30.04
CA THR A 138 -40.75 -31.42 31.38
C THR A 138 -39.25 -31.52 31.57
N ASN A 139 -38.47 -31.28 30.52
CA ASN A 139 -37.08 -31.72 30.50
C ASN A 139 -36.19 -30.91 31.45
N ASN A 140 -36.61 -29.68 31.76
CA ASN A 140 -35.83 -28.72 32.54
C ASN A 140 -34.45 -28.48 31.92
N LEU A 141 -34.39 -28.43 30.59
CA LEU A 141 -33.14 -28.32 29.83
C LEU A 141 -33.32 -27.45 28.59
N SER A 142 -32.25 -26.77 28.18
CA SER A 142 -32.32 -25.82 27.07
C SER A 142 -32.38 -26.51 25.71
N MET A 143 -32.94 -25.80 24.72
CA MET A 143 -33.20 -26.29 23.37
C MET A 143 -32.80 -25.21 22.36
N THR A 144 -32.28 -25.64 21.20
CA THR A 144 -31.47 -24.78 20.34
C THR A 144 -32.19 -24.35 19.08
N PHE A 145 -32.14 -23.04 18.78
CA PHE A 145 -32.53 -22.42 17.51
C PHE A 145 -31.34 -21.64 16.92
N ASP A 146 -31.53 -21.03 15.76
CA ASP A 146 -30.46 -20.27 15.11
C ASP A 146 -30.95 -18.96 14.51
N GLY A 147 -30.13 -18.38 13.61
CA GLY A 147 -30.33 -17.00 13.17
C GLY A 147 -31.68 -16.72 12.52
N ARG A 148 -32.36 -17.74 11.98
CA ARG A 148 -33.63 -17.47 11.32
C ARG A 148 -34.69 -17.08 12.34
N LEU A 149 -34.69 -17.74 13.50
CA LEU A 149 -35.55 -17.34 14.61
C LEU A 149 -35.19 -15.95 15.13
N VAL A 150 -33.93 -15.52 14.97
CA VAL A 150 -33.52 -14.24 15.53
C VAL A 150 -34.22 -13.10 14.79
N LYS A 151 -34.59 -13.31 13.54
CA LYS A 151 -35.29 -12.28 12.77
C LYS A 151 -36.78 -12.24 13.06
N LYS A 152 -37.30 -13.17 13.84
CA LYS A 152 -38.72 -13.18 14.21
C LYS A 152 -38.99 -12.63 15.59
N ILE A 153 -38.12 -12.93 16.56
CA ILE A 153 -38.31 -12.57 17.96
C ILE A 153 -37.71 -11.20 18.25
N TRP A 154 -37.85 -10.75 19.49
CA TRP A 154 -37.19 -9.53 19.95
C TRP A 154 -35.85 -9.89 20.59
N VAL A 155 -34.87 -8.99 20.44
CA VAL A 155 -33.47 -9.22 20.78
C VAL A 155 -32.82 -7.88 21.14
N PRO A 156 -31.85 -7.84 22.06
CA PRO A 156 -31.14 -6.57 22.35
C PRO A 156 -30.47 -5.97 21.10
N ASP A 157 -29.98 -4.74 21.27
CA ASP A 157 -29.39 -3.95 20.19
C ASP A 157 -28.10 -3.27 20.65
N MET A 158 -27.16 -4.03 21.21
CA MET A 158 -25.89 -3.44 21.62
C MET A 158 -25.06 -2.99 20.42
N PHE A 159 -24.20 -2.00 20.64
CA PHE A 159 -23.28 -1.56 19.61
C PHE A 159 -21.98 -1.10 20.27
N PHE A 160 -20.97 -0.91 19.42
CA PHE A 160 -19.58 -0.70 19.83
C PHE A 160 -19.24 0.78 19.75
N VAL A 161 -19.06 1.43 20.89
CA VAL A 161 -18.86 2.88 20.89
C VAL A 161 -17.41 3.19 20.52
N HIS A 162 -17.24 4.22 19.68
CA HIS A 162 -15.94 4.64 19.16
C HIS A 162 -15.29 3.56 18.29
N SER A 163 -16.11 2.89 17.50
CA SER A 163 -15.62 1.98 16.47
C SER A 163 -15.61 2.64 15.10
N LYS A 164 -14.66 2.20 14.28
CA LYS A 164 -14.57 2.64 12.90
C LYS A 164 -15.22 1.69 11.91
N ARG A 165 -15.26 0.39 12.22
CA ARG A 165 -15.81 -0.65 11.35
C ARG A 165 -15.89 -1.97 12.11
N SER A 166 -16.92 -2.77 11.81
CA SER A 166 -17.12 -4.08 12.43
C SER A 166 -17.93 -4.97 11.49
N PHE A 167 -18.03 -6.25 11.84
CA PHE A 167 -18.89 -7.18 11.11
C PHE A 167 -19.02 -8.51 11.85
N ILE A 168 -20.04 -9.27 11.46
CA ILE A 168 -20.34 -10.59 12.00
C ILE A 168 -19.98 -11.63 10.95
N HIS A 169 -19.33 -12.72 11.37
CA HIS A 169 -18.86 -13.74 10.44
C HIS A 169 -20.02 -14.60 9.96
N ASP A 170 -19.90 -15.08 8.70
CA ASP A 170 -21.03 -15.74 8.02
C ASP A 170 -20.63 -16.93 7.16
N THR A 171 -19.57 -17.66 7.52
CA THR A 171 -19.19 -18.86 6.76
C THR A 171 -18.89 -20.00 7.73
N THR A 172 -19.49 -21.15 7.50
CA THR A 172 -20.31 -21.40 6.29
C THR A 172 -21.76 -20.93 6.38
N THR A 173 -22.10 -20.36 7.53
CA THR A 173 -23.41 -19.78 7.78
C THR A 173 -23.23 -18.79 8.91
N ASP A 174 -24.28 -18.04 9.21
CA ASP A 174 -24.17 -17.00 10.23
C ASP A 174 -23.69 -17.58 11.56
N ASN A 175 -22.66 -16.95 12.13
CA ASN A 175 -22.10 -17.38 13.41
C ASN A 175 -22.99 -16.88 14.55
N VAL A 176 -24.18 -17.47 14.64
CA VAL A 176 -25.19 -17.06 15.60
C VAL A 176 -25.75 -18.29 16.31
N MET A 177 -26.03 -18.16 17.61
CA MET A 177 -26.56 -19.24 18.44
C MET A 177 -27.68 -18.72 19.33
N LEU A 178 -28.73 -19.53 19.52
CA LEU A 178 -29.89 -19.16 20.34
C LEU A 178 -30.38 -20.39 21.10
N ARG A 179 -30.35 -20.35 22.44
CA ARG A 179 -30.75 -21.47 23.30
C ARG A 179 -31.89 -21.04 24.21
N VAL A 180 -32.96 -21.83 24.29
CA VAL A 180 -34.17 -21.41 25.01
C VAL A 180 -34.59 -22.50 25.98
N GLN A 181 -34.77 -22.11 27.27
CA GLN A 181 -35.04 -22.95 28.43
C GLN A 181 -36.52 -23.00 28.78
N PRO A 182 -36.97 -24.06 29.47
CA PRO A 182 -38.42 -24.20 29.70
C PRO A 182 -39.03 -23.04 30.48
N ASP A 183 -38.27 -22.41 31.38
CA ASP A 183 -38.80 -21.30 32.16
C ASP A 183 -38.72 -19.97 31.44
N GLY A 184 -38.02 -19.90 30.32
CA GLY A 184 -37.94 -18.70 29.52
C GLY A 184 -36.65 -17.88 29.58
N LYS A 185 -35.53 -18.47 30.01
CA LYS A 185 -34.26 -17.77 30.10
C LYS A 185 -33.49 -18.01 28.80
N VAL A 186 -33.32 -16.94 28.01
CA VAL A 186 -32.70 -17.00 26.69
C VAL A 186 -31.20 -16.75 26.81
N LEU A 187 -30.43 -17.42 25.94
CA LEU A 187 -29.01 -17.17 25.74
C LEU A 187 -28.75 -16.93 24.27
N TYR A 188 -27.96 -15.90 23.96
CA TYR A 188 -27.79 -15.39 22.60
C TYR A 188 -26.33 -14.98 22.42
N SER A 189 -25.71 -15.41 21.31
CA SER A 189 -24.26 -15.42 21.17
C SER A 189 -23.84 -15.15 19.72
N LEU A 190 -22.74 -14.39 19.58
CA LEU A 190 -22.26 -13.88 18.31
C LEU A 190 -20.74 -13.96 18.26
N ARG A 191 -20.19 -14.02 17.04
CA ARG A 191 -18.77 -13.91 16.76
C ARG A 191 -18.55 -12.68 15.89
N VAL A 192 -17.65 -11.78 16.28
CA VAL A 192 -17.51 -10.49 15.61
C VAL A 192 -16.05 -10.03 15.63
N THR A 193 -15.73 -9.12 14.70
CA THR A 193 -14.46 -8.43 14.62
C THR A 193 -14.73 -6.93 14.62
N VAL A 194 -13.99 -6.18 15.43
CA VAL A 194 -14.20 -4.73 15.55
C VAL A 194 -12.85 -4.02 15.42
N THR A 195 -12.88 -2.86 14.77
CA THR A 195 -11.78 -1.90 14.77
C THR A 195 -12.20 -0.70 15.60
N ALA A 196 -11.39 -0.36 16.60
CA ALA A 196 -11.75 0.66 17.56
C ALA A 196 -10.65 1.70 17.64
N MET A 197 -11.07 2.96 17.71
CA MET A 197 -10.16 4.10 17.76
C MET A 197 -9.39 4.17 19.08
N CYS A 198 -8.06 4.27 19.00
CA CYS A 198 -7.29 4.47 20.23
C CYS A 198 -6.38 5.69 20.12
N ASN A 199 -6.55 6.66 21.02
CA ASN A 199 -5.72 7.87 21.04
C ASN A 199 -4.37 7.57 21.68
N MET A 200 -3.27 7.94 20.99
CA MET A 200 -1.91 7.53 21.33
C MET A 200 -1.00 8.76 21.30
N ASP A 201 -0.03 8.82 22.22
CA ASP A 201 0.94 9.91 22.29
C ASP A 201 2.34 9.37 22.06
N PHE A 202 3.04 9.94 21.08
CA PHE A 202 4.33 9.42 20.66
C PHE A 202 5.50 10.26 21.15
N SER A 203 5.28 11.18 22.10
CA SER A 203 6.34 12.10 22.47
C SER A 203 7.46 11.39 23.17
N ARG A 204 7.20 10.23 23.77
CA ARG A 204 8.27 9.55 24.50
C ARG A 204 8.89 8.41 23.71
N PHE A 205 8.51 8.22 22.42
CA PHE A 205 8.96 7.14 21.54
C PHE A 205 10.47 7.10 21.48
N PRO A 206 11.11 5.93 21.67
CA PRO A 206 10.36 4.67 21.80
C PRO A 206 10.14 4.15 23.23
N LEU A 207 10.14 5.03 24.23
CA LEU A 207 9.97 4.62 25.62
C LEU A 207 8.55 4.84 26.13
N ASP A 208 7.57 4.87 25.23
CA ASP A 208 6.17 5.11 25.56
C ASP A 208 5.43 3.86 26.01
N THR A 209 4.25 4.10 26.57
CA THR A 209 3.27 3.10 26.96
C THR A 209 1.89 3.59 26.51
N GLN A 210 1.10 2.76 25.85
CA GLN A 210 -0.20 3.21 25.34
C GLN A 210 -1.33 2.47 26.06
N THR A 211 -2.44 3.15 26.32
CA THR A 211 -3.58 2.50 26.97
C THR A 211 -4.79 2.59 26.04
N CYS A 212 -5.51 1.47 25.86
CA CYS A 212 -6.63 1.35 24.92
C CYS A 212 -7.81 0.64 25.59
N SER A 213 -9.00 0.78 24.98
CA SER A 213 -10.24 0.28 25.57
C SER A 213 -11.26 -0.06 24.50
N LEU A 214 -12.17 -1.00 24.84
CA LEU A 214 -13.34 -1.34 24.02
C LEU A 214 -14.62 -1.08 24.81
N GLU A 215 -15.56 -0.36 24.20
CA GLU A 215 -16.74 0.16 24.89
C GLU A 215 -18.01 -0.43 24.28
N ILE A 216 -18.94 -0.83 25.15
CA ILE A 216 -20.19 -1.48 24.75
C ILE A 216 -21.38 -0.71 25.32
N GLU A 217 -22.38 -0.46 24.49
CA GLU A 217 -23.53 0.37 24.83
C GLU A 217 -24.77 -0.09 24.08
N SER A 218 -25.95 0.18 24.66
CA SER A 218 -27.21 -0.02 23.96
C SER A 218 -27.56 1.20 23.12
N TYR A 219 -28.05 0.97 21.89
CA TYR A 219 -28.28 2.11 21.00
C TYR A 219 -29.60 2.81 21.28
N ALA A 220 -30.69 2.07 21.36
CA ALA A 220 -32.01 2.72 21.39
C ALA A 220 -32.55 3.00 22.80
N TYR A 221 -32.20 2.23 23.82
CA TYR A 221 -32.91 2.20 25.10
C TYR A 221 -32.10 2.84 26.23
N THR A 222 -32.73 3.71 27.02
CA THR A 222 -32.10 4.34 28.18
C THR A 222 -32.12 3.41 29.40
N GLU A 223 -31.47 3.89 30.49
CA GLU A 223 -31.31 3.10 31.70
C GLU A 223 -32.62 2.88 32.44
N ASP A 224 -33.70 3.59 32.08
CA ASP A 224 -35.02 3.34 32.65
C ASP A 224 -35.79 2.26 31.90
N ASP A 225 -35.30 1.81 30.76
CA ASP A 225 -35.93 0.75 29.99
C ASP A 225 -35.09 -0.51 29.92
N LEU A 226 -33.77 -0.38 29.76
CA LEU A 226 -32.85 -1.51 29.70
C LEU A 226 -31.70 -1.29 30.67
N MET A 227 -31.42 -2.30 31.48
CA MET A 227 -30.35 -2.28 32.48
C MET A 227 -29.26 -3.27 32.09
N LEU A 228 -28.02 -2.78 32.01
CA LEU A 228 -26.89 -3.53 31.44
C LEU A 228 -25.78 -3.68 32.48
N TYR A 229 -25.26 -4.90 32.63
CA TYR A 229 -24.24 -5.20 33.63
C TYR A 229 -23.41 -6.42 33.25
N TRP A 230 -22.24 -6.57 33.88
CA TRP A 230 -21.41 -7.78 33.70
C TRP A 230 -21.99 -8.96 34.48
N LYS A 231 -22.15 -10.10 33.81
CA LYS A 231 -22.90 -11.22 34.39
C LYS A 231 -22.27 -11.68 35.72
N LYS A 232 -20.95 -11.81 35.77
CA LYS A 232 -20.28 -12.38 36.94
C LYS A 232 -19.11 -11.51 37.41
N GLY A 233 -19.31 -10.19 37.45
CA GLY A 233 -18.25 -9.25 37.83
C GLY A 233 -16.99 -9.31 36.97
N ASN A 234 -15.85 -9.23 37.66
CA ASN A 234 -14.55 -9.25 37.02
C ASN A 234 -14.27 -10.55 36.29
N ASP A 235 -15.04 -11.60 36.58
CA ASP A 235 -14.89 -12.93 36.00
C ASP A 235 -15.69 -13.10 34.72
N SER A 236 -16.41 -12.06 34.28
CA SER A 236 -17.14 -12.11 33.03
C SER A 236 -16.27 -11.81 31.81
N LEU A 237 -14.95 -11.75 31.97
CA LEU A 237 -14.04 -11.65 30.83
C LEU A 237 -13.07 -12.83 30.81
N LYS A 238 -12.96 -13.49 29.65
CA LYS A 238 -12.02 -14.58 29.41
C LYS A 238 -11.11 -14.21 28.24
N THR A 239 -9.84 -14.66 28.26
CA THR A 239 -8.87 -14.28 27.22
C THR A 239 -8.04 -15.48 26.79
N ASP A 240 -7.70 -15.52 25.50
CA ASP A 240 -7.04 -16.65 24.84
C ASP A 240 -5.54 -16.71 25.09
N GLU A 241 -4.98 -17.92 25.17
CA GLU A 241 -3.64 -18.06 25.72
C GLU A 241 -2.55 -17.63 24.74
N ARG A 242 -2.84 -17.68 23.44
CA ARG A 242 -1.87 -17.40 22.39
C ARG A 242 -2.09 -16.05 21.75
N ILE A 243 -2.73 -15.12 22.46
CA ILE A 243 -2.87 -13.77 21.91
C ILE A 243 -1.50 -13.10 21.90
N SER A 244 -1.09 -12.62 20.74
CA SER A 244 0.28 -12.12 20.57
C SER A 244 0.29 -11.02 19.53
N LEU A 245 1.39 -10.26 19.50
CA LEU A 245 1.63 -9.21 18.53
C LEU A 245 3.10 -9.20 18.15
N SER A 246 3.37 -8.76 16.91
CA SER A 246 4.76 -8.76 16.47
C SER A 246 5.54 -7.55 16.96
N GLN A 247 4.88 -6.42 17.22
CA GLN A 247 5.61 -5.21 17.61
C GLN A 247 5.43 -4.82 19.08
N PHE A 248 4.61 -5.52 19.87
CA PHE A 248 4.19 -5.01 21.18
C PHE A 248 4.13 -6.12 22.22
N LEU A 249 3.97 -5.75 23.50
CA LEU A 249 3.68 -6.72 24.54
C LEU A 249 2.41 -6.31 25.29
N ILE A 250 1.53 -7.27 25.55
CA ILE A 250 0.19 -7.01 26.07
C ILE A 250 0.07 -7.46 27.52
N GLN A 251 -0.57 -6.63 28.35
CA GLN A 251 -0.75 -6.93 29.76
C GLN A 251 -1.95 -6.18 30.32
N GLU A 252 -2.46 -6.70 31.44
CA GLU A 252 -3.39 -6.00 32.33
C GLU A 252 -4.84 -5.89 31.84
N PHE A 253 -5.48 -7.01 31.52
CA PHE A 253 -6.88 -7.02 31.10
C PHE A 253 -7.81 -6.90 32.30
N HIS A 254 -8.72 -5.89 32.29
CA HIS A 254 -9.77 -5.86 33.31
C HIS A 254 -10.98 -5.07 32.79
N THR A 255 -12.10 -5.18 33.51
CA THR A 255 -13.37 -4.59 33.12
C THR A 255 -13.72 -3.42 34.04
N THR A 256 -14.44 -2.43 33.49
CA THR A 256 -15.05 -1.33 34.27
C THR A 256 -16.42 -1.00 33.67
N THR A 257 -17.20 -0.20 34.42
CA THR A 257 -18.48 0.35 33.95
C THR A 257 -18.59 1.86 34.24
N LYS A 258 -19.44 2.55 33.45
CA LYS A 258 -19.67 3.99 33.65
C LYS A 258 -20.97 4.45 32.99
N LEU A 259 -21.69 5.37 33.66
CA LEU A 259 -22.91 5.98 33.10
C LEU A 259 -22.59 7.13 32.15
N ALA A 260 -23.29 7.20 31.01
CA ALA A 260 -23.04 8.20 29.98
C ALA A 260 -24.31 8.96 29.62
N PHE A 261 -24.13 10.18 29.10
CA PHE A 261 -25.21 11.12 28.83
C PHE A 261 -25.10 11.71 27.43
N TYR A 262 -26.22 11.73 26.70
CA TYR A 262 -26.33 12.46 25.45
C TYR A 262 -27.38 13.55 25.61
N SER A 263 -27.09 14.72 25.05
CA SER A 263 -27.90 15.89 25.37
C SER A 263 -29.28 15.82 24.72
N SER A 264 -29.39 15.23 23.54
CA SER A 264 -30.65 15.13 22.84
C SER A 264 -31.39 13.81 23.12
N THR A 265 -30.81 12.91 23.94
CA THR A 265 -31.42 11.57 24.08
C THR A 265 -31.49 10.94 25.47
N GLY A 266 -30.52 11.15 26.42
CA GLY A 266 -30.70 10.65 27.78
C GLY A 266 -29.45 9.98 28.37
N TRP A 267 -29.66 9.18 29.43
CA TRP A 267 -28.60 8.51 30.20
C TRP A 267 -28.54 7.02 29.85
N TYR A 268 -27.34 6.52 29.52
CA TYR A 268 -27.15 5.14 29.11
C TYR A 268 -26.03 4.47 29.90
N ASN A 269 -26.16 3.15 30.08
CA ASN A 269 -25.17 2.33 30.77
C ASN A 269 -24.11 1.86 29.79
N ARG A 270 -22.85 1.87 30.23
CA ARG A 270 -21.73 1.54 29.34
C ARG A 270 -20.73 0.62 30.04
N LEU A 271 -20.24 -0.39 29.31
CA LEU A 271 -19.24 -1.33 29.81
C LEU A 271 -17.93 -1.16 29.05
N TYR A 272 -16.81 -1.46 29.71
CA TYR A 272 -15.46 -1.23 29.17
C TYR A 272 -14.56 -2.45 29.34
N ILE A 273 -13.69 -2.68 28.35
CA ILE A 273 -12.63 -3.70 28.38
C ILE A 273 -11.28 -3.00 28.15
N ASN A 274 -10.43 -2.97 29.18
CA ASN A 274 -9.20 -2.17 29.16
C ASN A 274 -7.96 -3.06 29.11
N PHE A 275 -6.88 -2.51 28.56
CA PHE A 275 -5.57 -3.22 28.55
C PHE A 275 -4.43 -2.25 28.23
N THR A 276 -3.19 -2.74 28.43
CA THR A 276 -1.98 -1.94 28.34
C THR A 276 -1.01 -2.52 27.30
N LEU A 277 -0.10 -1.68 26.76
CA LEU A 277 0.82 -2.03 25.66
C LEU A 277 2.22 -1.44 25.89
N ARG A 278 3.26 -2.09 25.33
CA ARG A 278 4.65 -1.65 25.45
C ARG A 278 5.52 -2.28 24.37
N ARG A 279 6.71 -1.70 24.13
CA ARG A 279 7.63 -2.09 23.06
C ARG A 279 8.87 -2.81 23.60
N HIS A 280 9.69 -3.34 22.67
CA HIS A 280 10.95 -4.03 22.98
C HIS A 280 12.07 -3.01 22.99
N ILE A 281 12.43 -2.55 24.19
CA ILE A 281 13.26 -1.35 24.34
C ILE A 281 14.68 -1.62 23.83
N PHE A 282 15.20 -2.78 24.22
CA PHE A 282 16.62 -3.08 24.04
C PHE A 282 16.97 -3.36 22.59
N PHE A 283 15.97 -3.51 21.74
CA PHE A 283 16.18 -3.53 20.30
C PHE A 283 16.38 -2.13 19.76
N PHE A 284 15.59 -1.18 20.24
CA PHE A 284 15.72 0.19 19.77
C PHE A 284 17.01 0.82 20.26
N LEU A 285 17.50 0.41 21.44
CA LEU A 285 18.78 0.93 21.87
C LEU A 285 19.88 0.63 20.84
N LEU A 286 19.87 -0.59 20.26
CA LEU A 286 20.88 -1.03 19.30
C LEU A 286 20.61 -0.56 17.88
N GLN A 287 19.35 -0.40 17.53
CA GLN A 287 19.02 0.06 16.20
C GLN A 287 19.27 1.55 16.01
N THR A 288 19.12 2.36 17.06
CA THR A 288 19.19 3.81 16.90
C THR A 288 20.23 4.46 17.83
N TYR A 289 20.22 4.16 19.12
CA TYR A 289 21.12 4.85 20.04
C TYR A 289 22.53 4.30 20.02
N PHE A 290 22.83 3.34 19.16
CA PHE A 290 24.20 2.80 19.14
C PHE A 290 25.07 3.36 18.01
N PRO A 291 24.62 3.32 16.75
CA PRO A 291 25.47 3.87 15.67
C PRO A 291 25.83 5.33 15.87
N ALA A 292 24.88 6.17 16.30
CA ALA A 292 25.17 7.59 16.51
C ALA A 292 26.26 7.78 17.55
N THR A 293 26.21 6.96 18.60
CA THR A 293 27.16 7.17 19.70
C THR A 293 28.55 6.82 19.21
N LEU A 294 28.66 5.73 18.44
CA LEU A 294 29.95 5.36 17.86
C LEU A 294 30.45 6.46 16.93
N MET A 295 29.55 7.09 16.16
CA MET A 295 29.98 8.16 15.26
C MET A 295 30.56 9.34 16.05
N VAL A 296 29.91 9.73 17.14
CA VAL A 296 30.43 10.86 17.92
C VAL A 296 31.79 10.48 18.50
N MET A 297 31.96 9.21 18.87
CA MET A 297 33.24 8.78 19.40
C MET A 297 34.32 8.80 18.33
N LEU A 298 33.92 8.56 17.07
CA LEU A 298 34.85 8.59 15.95
C LEU A 298 35.31 10.00 15.63
N SER A 299 34.45 11.00 15.86
CA SER A 299 34.86 12.38 15.60
C SER A 299 35.93 12.90 16.57
N TRP A 300 36.13 12.22 17.71
CA TRP A 300 37.10 12.67 18.72
C TRP A 300 38.52 12.22 18.42
N VAL A 301 38.68 11.23 17.54
CA VAL A 301 39.98 10.73 17.12
C VAL A 301 40.80 11.84 16.46
N SER A 302 40.14 12.85 15.92
CA SER A 302 40.84 13.89 15.17
C SER A 302 41.78 14.71 16.05
N PHE A 303 41.44 14.87 17.33
CA PHE A 303 42.24 15.68 18.24
C PHE A 303 43.63 15.11 18.50
N TRP A 304 43.89 13.87 18.11
CA TRP A 304 45.14 13.20 18.41
C TRP A 304 46.04 13.06 17.18
N ILE A 305 45.57 13.50 16.02
CA ILE A 305 46.35 13.48 14.79
C ILE A 305 47.12 14.79 14.68
N ASP A 306 48.28 14.73 14.02
CA ASP A 306 49.20 15.85 13.94
C ASP A 306 48.60 16.97 13.10
N ARG A 307 48.51 18.16 13.69
CA ARG A 307 47.94 19.33 13.03
C ARG A 307 48.65 19.68 11.74
N ARG A 308 49.89 19.20 11.56
CA ARG A 308 50.62 19.42 10.31
C ARG A 308 50.03 18.65 9.14
N ALA A 309 49.27 17.58 9.40
CA ALA A 309 48.72 16.72 8.34
C ALA A 309 47.34 17.24 7.93
N VAL A 310 47.33 18.32 7.16
CA VAL A 310 46.07 18.92 6.70
C VAL A 310 45.28 17.97 5.79
N PRO A 311 45.90 17.35 4.74
CA PRO A 311 45.12 16.46 3.87
C PRO A 311 44.59 15.21 4.57
N ALA A 312 44.93 15.04 5.85
CA ALA A 312 44.47 13.91 6.65
C ALA A 312 43.43 14.30 7.68
N ARG A 313 43.49 15.52 8.21
CA ARG A 313 42.49 15.96 9.17
C ARG A 313 41.28 16.62 8.51
N VAL A 314 41.42 17.21 7.33
CA VAL A 314 40.27 17.83 6.66
C VAL A 314 39.27 16.81 6.13
N PRO A 315 39.66 15.77 5.37
CA PRO A 315 38.60 14.88 4.83
C PRO A 315 37.91 14.04 5.91
N LEU A 316 38.56 13.82 7.05
CA LEU A 316 38.01 12.96 8.09
C LEU A 316 36.71 13.52 8.62
N GLY A 317 36.72 14.81 8.95
CA GLY A 317 35.54 15.43 9.54
C GLY A 317 34.36 15.47 8.59
N ILE A 318 34.60 15.83 7.32
CA ILE A 318 33.47 16.01 6.42
C ILE A 318 32.90 14.65 6.03
N THR A 319 33.76 13.62 5.91
CA THR A 319 33.22 12.28 5.72
C THR A 319 32.41 11.82 6.93
N THR A 320 32.80 12.22 8.13
CA THR A 320 32.03 11.85 9.32
C THR A 320 30.67 12.53 9.31
N VAL A 321 30.62 13.80 8.87
CA VAL A 321 29.33 14.47 8.70
C VAL A 321 28.44 13.69 7.74
N LEU A 322 29.03 13.21 6.63
CA LEU A 322 28.26 12.50 5.61
C LEU A 322 27.66 11.22 6.19
N THR A 323 28.47 10.46 6.92
CA THR A 323 28.00 9.24 7.55
C THR A 323 26.84 9.52 8.50
N MET A 324 26.98 10.54 9.35
CA MET A 324 25.89 10.81 10.30
C MET A 324 24.60 11.23 9.59
N SER A 325 24.71 12.00 8.50
CA SER A 325 23.50 12.39 7.76
C SER A 325 22.80 11.17 7.16
N THR A 326 23.59 10.28 6.55
CA THR A 326 23.05 9.02 6.03
C THR A 326 22.29 8.26 7.12
N ILE A 327 22.86 8.21 8.33
CA ILE A 327 22.23 7.43 9.39
C ILE A 327 20.89 8.03 9.78
N ILE A 328 20.87 9.35 9.89
CA ILE A 328 19.65 10.01 10.30
C ILE A 328 18.54 9.81 9.26
N THR A 329 18.90 9.59 7.99
CA THR A 329 17.84 9.29 7.02
C THR A 329 17.39 7.81 7.02
N GLY A 330 18.28 6.88 7.35
CA GLY A 330 17.84 5.48 7.42
C GLY A 330 16.87 5.24 8.57
N VAL A 331 17.12 5.87 9.71
CA VAL A 331 16.24 5.64 10.84
C VAL A 331 14.84 6.16 10.51
N ASN A 332 14.79 7.27 9.78
CA ASN A 332 13.50 7.88 9.46
C ASN A 332 12.74 7.04 8.46
N ALA A 333 13.47 6.33 7.61
CA ALA A 333 12.76 5.47 6.67
C ALA A 333 12.23 4.21 7.34
N SER A 334 12.81 3.79 8.47
CA SER A 334 12.29 2.58 9.13
C SER A 334 11.28 2.81 10.25
N MET A 335 10.97 4.09 10.64
CA MET A 335 9.99 4.41 11.70
C MET A 335 8.58 4.67 11.15
N PRO A 336 7.53 4.60 12.00
CA PRO A 336 6.14 4.68 11.50
C PRO A 336 5.61 5.91 10.77
N ARG A 337 6.29 7.07 10.86
CA ARG A 337 5.92 8.35 10.23
C ARG A 337 4.94 9.25 10.97
N VAL A 338 5.46 10.02 11.95
CA VAL A 338 4.71 10.95 12.81
C VAL A 338 5.34 12.34 12.74
N SER A 339 4.52 13.40 12.73
CA SER A 339 5.03 14.73 12.38
C SER A 339 5.09 15.70 13.57
N TYR A 340 5.29 15.21 14.79
CA TYR A 340 5.75 16.07 15.87
C TYR A 340 6.99 15.49 16.56
N ILE A 341 7.59 16.29 17.43
CA ILE A 341 8.93 15.96 17.91
C ILE A 341 8.88 14.80 18.90
N LYS A 342 9.77 13.81 18.72
CA LYS A 342 9.87 12.59 19.53
C LYS A 342 11.23 12.51 20.22
N ALA A 343 11.29 11.68 21.26
CA ALA A 343 12.47 11.60 22.11
C ALA A 343 13.72 11.28 21.30
N VAL A 344 13.58 10.40 20.30
CA VAL A 344 14.73 9.85 19.60
C VAL A 344 15.28 10.87 18.63
N ASP A 345 14.38 11.73 18.12
CA ASP A 345 14.82 12.82 17.26
C ASP A 345 15.79 13.73 17.99
N ILE A 346 15.53 14.02 19.28
CA ILE A 346 16.36 14.96 20.02
C ILE A 346 17.78 14.42 20.14
N TYR A 347 17.91 13.14 20.50
CA TYR A 347 19.23 12.55 20.66
C TYR A 347 20.00 12.61 19.34
N LEU A 348 19.32 12.31 18.22
CA LEU A 348 20.06 12.29 16.95
C LEU A 348 20.53 13.70 16.54
N TRP A 349 19.69 14.71 16.76
CA TRP A 349 20.07 16.06 16.34
C TRP A 349 21.21 16.61 17.18
N VAL A 350 21.23 16.29 18.48
CA VAL A 350 22.33 16.72 19.34
C VAL A 350 23.65 16.06 18.92
N SER A 351 23.62 14.76 18.61
CA SER A 351 24.84 14.11 18.09
C SER A 351 25.33 14.82 16.82
N PHE A 352 24.39 15.22 15.96
CA PHE A 352 24.78 15.93 14.74
C PHE A 352 25.54 17.22 15.06
N VAL A 353 25.05 17.98 16.03
CA VAL A 353 25.72 19.23 16.40
C VAL A 353 27.14 18.96 16.91
N PHE A 354 27.33 17.88 17.69
CA PHE A 354 28.68 17.58 18.16
C PHE A 354 29.65 17.35 17.00
N VAL A 355 29.19 16.60 15.98
CA VAL A 355 30.08 16.33 14.86
C VAL A 355 30.37 17.60 14.03
N PHE A 356 29.41 18.51 13.90
CA PHE A 356 29.66 19.76 13.15
C PHE A 356 30.67 20.65 13.86
N LEU A 357 30.60 20.67 15.20
CA LEU A 357 31.53 21.50 15.95
C LEU A 357 32.96 20.99 15.82
N SER A 358 33.13 19.67 15.69
CA SER A 358 34.51 19.17 15.57
C SER A 358 35.21 19.71 14.32
N VAL A 359 34.45 20.00 13.26
CA VAL A 359 35.04 20.47 12.01
C VAL A 359 35.47 21.92 12.18
N LEU A 360 34.57 22.70 12.79
CA LEU A 360 34.95 24.09 13.07
C LEU A 360 36.21 24.19 13.95
N GLU A 361 36.43 23.20 14.82
CA GLU A 361 37.58 23.23 15.73
C GLU A 361 38.90 23.27 14.96
N TYR A 362 39.08 22.32 14.04
CA TYR A 362 40.34 22.25 13.32
C TYR A 362 40.50 23.42 12.38
N ALA A 363 39.38 23.97 11.86
CA ALA A 363 39.54 25.17 11.04
C ALA A 363 40.17 26.32 11.82
N ALA A 364 39.73 26.53 13.08
CA ALA A 364 40.38 27.52 13.95
C ALA A 364 41.87 27.25 14.10
N VAL A 365 42.22 25.99 14.35
CA VAL A 365 43.59 25.60 14.67
C VAL A 365 44.50 25.88 13.49
N ASN A 366 44.07 25.42 12.31
CA ASN A 366 44.80 25.63 11.07
C ASN A 366 45.04 27.12 10.81
N TYR A 367 43.99 27.92 10.92
CA TYR A 367 44.13 29.36 10.70
C TYR A 367 45.14 30.01 11.64
N LEU A 368 45.12 29.64 12.91
CA LEU A 368 46.00 30.26 13.90
C LEU A 368 47.46 29.86 13.64
N THR A 369 47.70 28.58 13.32
CA THR A 369 49.04 28.17 12.97
C THR A 369 49.56 28.93 11.76
N THR A 370 48.69 29.15 10.77
CA THR A 370 49.12 29.76 9.52
C THR A 370 49.54 31.22 9.74
N VAL A 371 48.72 31.96 10.48
CA VAL A 371 49.06 33.35 10.78
C VAL A 371 50.31 33.42 11.64
N GLN A 372 50.54 32.41 12.50
CA GLN A 372 51.80 32.40 13.24
C GLN A 372 53.00 32.25 12.31
N GLU A 373 52.90 31.34 11.33
CA GLU A 373 54.00 31.20 10.38
C GLU A 373 54.28 32.53 9.67
N ARG A 374 53.22 33.20 9.23
CA ARG A 374 53.35 34.50 8.57
C ARG A 374 53.96 35.55 9.50
N LYS A 375 53.61 35.49 10.78
CA LYS A 375 54.12 36.47 11.75
C LYS A 375 55.60 36.28 11.96
N GLU A 376 56.07 35.03 12.11
CA GLU A 376 57.50 34.86 12.36
C GLU A 376 58.31 35.16 11.12
N GLN A 377 57.82 34.77 9.96
CA GLN A 377 58.50 35.07 8.71
C GLN A 377 58.28 36.55 8.33
N ASP A 451 54.90 20.45 18.74
CA ASP A 451 54.15 20.87 19.92
C ASP A 451 52.65 20.84 19.68
N THR A 452 51.90 20.34 20.65
CA THR A 452 50.45 20.28 20.50
C THR A 452 49.81 21.65 20.72
N HIS A 453 48.83 21.99 19.89
CA HIS A 453 48.16 23.28 20.07
C HIS A 453 47.28 23.28 21.32
N ALA A 454 47.10 24.48 21.90
CA ALA A 454 46.34 24.59 23.13
C ALA A 454 44.90 24.16 22.93
N ILE A 455 44.31 24.50 21.79
CA ILE A 455 42.93 24.13 21.53
C ILE A 455 42.79 22.63 21.34
N ASP A 456 43.84 21.96 20.88
CA ASP A 456 43.76 20.51 20.72
C ASP A 456 43.73 19.82 22.08
N LYS A 457 44.68 20.20 22.95
CA LYS A 457 44.81 19.58 24.25
C LYS A 457 43.70 20.00 25.20
N TYR A 458 42.97 21.08 24.90
CA TYR A 458 41.78 21.35 25.69
C TYR A 458 40.57 20.59 25.15
N SER A 459 40.46 20.47 23.83
CA SER A 459 39.32 19.74 23.25
C SER A 459 39.32 18.29 23.72
N ARG A 460 40.50 17.67 23.78
CA ARG A 460 40.62 16.28 24.22
C ARG A 460 39.96 16.03 25.57
N ILE A 461 39.88 17.06 26.42
CA ILE A 461 39.13 16.93 27.67
C ILE A 461 37.69 17.40 27.51
N ILE A 462 37.48 18.54 26.85
CA ILE A 462 36.17 19.18 26.99
C ILE A 462 35.09 18.41 26.24
N PHE A 463 35.37 17.93 25.03
CA PHE A 463 34.27 17.34 24.27
C PHE A 463 33.64 16.13 24.97
N PRO A 464 34.40 15.11 25.41
CA PRO A 464 33.75 13.95 26.03
C PRO A 464 32.97 14.30 27.28
N ALA A 465 33.46 15.25 28.07
CA ALA A 465 32.80 15.61 29.32
C ALA A 465 31.44 16.22 29.07
N ALA A 466 31.33 17.07 28.04
CA ALA A 466 30.03 17.63 27.67
C ALA A 466 29.08 16.54 27.20
N TYR A 467 29.61 15.56 26.46
CA TYR A 467 28.70 14.52 25.98
C TYR A 467 28.18 13.69 27.15
N ILE A 468 29.06 13.47 28.14
CA ILE A 468 28.65 12.73 29.33
C ILE A 468 27.59 13.51 30.11
N LEU A 469 27.75 14.83 30.21
CA LEU A 469 26.72 15.66 30.86
C LEU A 469 25.40 15.58 30.12
N PHE A 470 25.45 15.65 28.78
CA PHE A 470 24.24 15.50 27.98
C PHE A 470 23.52 14.20 28.30
N ASN A 471 24.27 13.10 28.31
CA ASN A 471 23.62 11.81 28.52
C ASN A 471 22.99 11.73 29.92
N LEU A 472 23.68 12.25 30.93
CA LEU A 472 23.11 12.24 32.28
C LEU A 472 21.77 12.97 32.33
N ILE A 473 21.72 14.19 31.78
CA ILE A 473 20.46 14.95 31.83
C ILE A 473 19.37 14.24 31.04
N TYR A 474 19.71 13.83 29.80
CA TYR A 474 18.73 13.20 28.93
C TYR A 474 18.09 11.99 29.59
N TRP A 475 18.92 11.10 30.14
CA TRP A 475 18.32 9.94 30.77
C TRP A 475 17.77 10.24 32.15
N SER A 476 18.01 11.44 32.70
CA SER A 476 17.26 11.80 33.89
C SER A 476 15.85 12.25 33.56
N ILE A 477 15.63 12.74 32.35
CA ILE A 477 14.34 13.28 31.92
C ILE A 477 13.43 12.16 31.40
N PHE A 478 13.98 11.25 30.60
CA PHE A 478 13.18 10.18 30.02
C PHE A 478 13.31 8.86 30.75
N SER A 479 14.28 8.72 31.64
CA SER A 479 14.38 7.59 32.57
C SER A 479 14.40 6.23 31.87
N ASP B 85 -40.76 -29.66 10.60
CA ASP B 85 -39.98 -28.47 10.94
C ASP B 85 -38.50 -28.72 10.76
N PHE B 86 -37.93 -28.25 9.66
CA PHE B 86 -36.52 -28.54 9.44
C PHE B 86 -35.62 -27.60 10.24
N SER B 87 -36.02 -27.30 11.49
CA SER B 87 -35.20 -26.57 12.43
C SER B 87 -34.68 -27.47 13.54
N MET B 88 -35.26 -28.65 13.69
CA MET B 88 -34.79 -29.69 14.60
C MET B 88 -33.87 -30.67 13.88
N ARG B 89 -32.76 -31.02 14.52
CA ARG B 89 -31.79 -31.89 13.86
C ARG B 89 -32.35 -33.30 13.74
N PRO B 90 -31.80 -34.13 12.81
CA PRO B 90 -32.25 -35.53 12.70
C PRO B 90 -31.85 -36.37 13.90
N GLY B 91 -32.82 -36.89 14.64
CA GLY B 91 -32.54 -37.64 15.84
C GLY B 91 -32.66 -36.81 17.09
N PHE B 92 -33.35 -35.68 17.01
CA PHE B 92 -33.59 -34.76 18.11
C PHE B 92 -33.99 -35.46 19.41
N GLY B 93 -33.36 -35.02 20.49
CA GLY B 93 -33.66 -35.53 21.80
C GLY B 93 -33.03 -36.87 22.13
N GLY B 94 -32.82 -37.74 21.13
CA GLY B 94 -32.16 -39.01 21.32
C GLY B 94 -30.64 -38.88 21.20
N PRO B 95 -30.00 -39.73 20.40
CA PRO B 95 -28.54 -39.70 20.30
C PRO B 95 -28.06 -38.77 19.19
N ALA B 96 -26.80 -38.35 19.36
CA ALA B 96 -26.14 -37.37 18.50
C ALA B 96 -26.06 -37.87 17.06
N ILE B 97 -26.07 -36.93 16.11
CA ILE B 97 -26.10 -37.27 14.69
C ILE B 97 -24.66 -37.31 14.17
N PRO B 98 -24.22 -38.41 13.58
CA PRO B 98 -22.85 -38.53 13.04
C PRO B 98 -22.70 -37.81 11.71
N VAL B 99 -21.83 -36.80 11.66
CA VAL B 99 -21.57 -36.02 10.46
C VAL B 99 -20.10 -36.19 10.10
N GLY B 100 -19.83 -36.49 8.83
CA GLY B 100 -18.48 -36.81 8.38
C GLY B 100 -17.97 -35.84 7.32
N VAL B 101 -16.68 -35.51 7.42
CA VAL B 101 -16.08 -34.41 6.68
C VAL B 101 -15.01 -34.93 5.72
N ASP B 102 -14.94 -34.31 4.54
CA ASP B 102 -13.93 -34.59 3.53
C ASP B 102 -13.46 -33.26 2.93
N VAL B 103 -12.15 -33.15 2.65
CA VAL B 103 -11.56 -31.88 2.23
C VAL B 103 -10.56 -32.07 1.09
N GLN B 104 -10.52 -31.12 0.15
CA GLN B 104 -9.51 -31.07 -0.91
C GLN B 104 -9.00 -29.64 -1.04
N VAL B 105 -7.68 -29.45 -1.04
CA VAL B 105 -7.07 -28.13 -0.99
C VAL B 105 -6.72 -27.65 -2.41
N GLU B 106 -7.10 -26.40 -2.75
CA GLU B 106 -6.89 -25.91 -4.12
C GLU B 106 -5.59 -25.13 -4.23
N SER B 107 -5.45 -24.05 -3.46
CA SER B 107 -4.35 -23.12 -3.59
C SER B 107 -4.08 -22.43 -2.27
N LEU B 108 -2.89 -21.85 -2.16
CA LEU B 108 -2.45 -20.98 -1.06
C LEU B 108 -2.15 -19.59 -1.62
N ASP B 109 -3.07 -18.65 -1.36
CA ASP B 109 -3.14 -17.44 -2.17
C ASP B 109 -2.15 -16.37 -1.73
N SER B 110 -1.87 -16.28 -0.42
CA SER B 110 -0.96 -15.27 0.08
C SER B 110 -0.60 -15.53 1.54
N ILE B 111 0.45 -14.85 1.99
CA ILE B 111 0.98 -14.92 3.34
C ILE B 111 1.43 -13.52 3.77
N SER B 112 1.05 -13.07 4.98
CA SER B 112 1.48 -11.79 5.51
C SER B 112 2.28 -12.00 6.79
N GLU B 113 3.52 -11.55 6.78
CA GLU B 113 4.46 -11.71 7.88
C GLU B 113 4.20 -10.72 9.01
N VAL B 114 3.81 -9.50 8.64
CA VAL B 114 3.60 -8.44 9.62
C VAL B 114 2.31 -8.68 10.39
N ASP B 115 1.25 -9.11 9.71
CA ASP B 115 -0.01 -9.31 10.40
C ASP B 115 -0.19 -10.72 10.94
N MET B 116 0.70 -11.63 10.54
CA MET B 116 0.77 -13.04 10.98
C MET B 116 -0.48 -13.83 10.58
N ASP B 117 -0.72 -13.97 9.26
CA ASP B 117 -1.85 -14.75 8.76
C ASP B 117 -1.54 -15.30 7.36
N PHE B 118 -2.38 -16.24 6.89
CA PHE B 118 -2.30 -16.85 5.55
C PHE B 118 -3.70 -17.02 4.96
N THR B 119 -3.80 -17.09 3.63
CA THR B 119 -5.07 -17.21 2.91
C THR B 119 -5.09 -18.44 2.00
N MET B 120 -6.21 -19.21 2.03
CA MET B 120 -6.33 -20.53 1.39
C MET B 120 -7.70 -20.71 0.71
N THR B 121 -7.72 -21.38 -0.45
CA THR B 121 -8.96 -21.74 -1.14
C THR B 121 -9.13 -23.26 -1.17
N LEU B 122 -10.29 -23.77 -0.75
CA LEU B 122 -10.49 -25.21 -0.65
C LEU B 122 -11.92 -25.63 -1.00
N TYR B 123 -12.12 -26.94 -1.16
CA TYR B 123 -13.45 -27.56 -1.24
C TYR B 123 -13.73 -28.31 0.06
N LEU B 124 -14.97 -28.20 0.55
CA LEU B 124 -15.38 -28.78 1.83
C LEU B 124 -16.64 -29.60 1.61
N ARG B 125 -16.63 -30.86 2.08
CA ARG B 125 -17.72 -31.80 1.82
C ARG B 125 -18.28 -32.37 3.12
N HIS B 126 -19.60 -32.60 3.18
CA HIS B 126 -20.25 -33.18 4.36
C HIS B 126 -21.11 -34.39 3.97
N TYR B 127 -21.40 -35.23 4.96
CA TYR B 127 -22.21 -36.44 4.77
C TYR B 127 -23.00 -36.75 6.03
N TRP B 128 -24.19 -37.33 5.81
CA TRP B 128 -25.08 -37.77 6.87
C TRP B 128 -26.30 -38.48 6.26
N LYS B 129 -27.13 -39.03 7.14
CA LYS B 129 -28.36 -39.74 6.78
C LYS B 129 -29.54 -39.09 7.46
N ASP B 130 -30.52 -38.65 6.66
CA ASP B 130 -31.74 -38.01 7.15
C ASP B 130 -32.92 -38.63 6.41
N GLU B 131 -33.93 -39.04 7.17
CA GLU B 131 -35.07 -39.76 6.61
C GLU B 131 -36.19 -38.82 6.14
N ARG B 132 -36.33 -37.63 6.72
CA ARG B 132 -37.29 -36.66 6.19
C ARG B 132 -36.96 -36.25 4.75
N LEU B 133 -35.83 -36.72 4.22
CA LEU B 133 -35.36 -36.38 2.89
C LEU B 133 -35.46 -37.56 1.91
N SER B 134 -36.18 -38.61 2.28
CA SER B 134 -36.31 -39.80 1.46
C SER B 134 -37.41 -39.64 0.42
N PHE B 135 -37.24 -40.30 -0.72
CA PHE B 135 -38.23 -40.25 -1.77
C PHE B 135 -38.41 -41.58 -2.46
N PRO B 136 -39.62 -41.88 -2.97
CA PRO B 136 -39.88 -43.19 -3.58
C PRO B 136 -39.39 -43.36 -5.01
N SER B 137 -38.17 -43.86 -5.23
CA SER B 137 -37.70 -44.15 -6.57
C SER B 137 -36.88 -45.43 -6.56
N THR B 138 -36.92 -46.14 -7.68
CA THR B 138 -36.29 -47.45 -7.77
C THR B 138 -34.84 -47.40 -8.21
N ASN B 139 -34.34 -46.21 -8.54
CA ASN B 139 -33.11 -46.10 -9.32
C ASN B 139 -31.87 -46.51 -8.53
N ASN B 140 -31.95 -46.42 -7.20
CA ASN B 140 -30.82 -46.65 -6.29
C ASN B 140 -29.62 -45.75 -6.64
N LEU B 141 -29.91 -44.51 -7.03
CA LEU B 141 -28.90 -43.54 -7.51
C LEU B 141 -29.24 -42.12 -7.05
N SER B 142 -28.19 -41.31 -6.84
CA SER B 142 -28.38 -39.96 -6.30
C SER B 142 -28.93 -38.98 -7.34
N MET B 143 -29.57 -37.91 -6.85
CA MET B 143 -30.28 -36.91 -7.64
C MET B 143 -29.95 -35.52 -7.09
N THR B 144 -29.86 -34.52 -7.97
CA THR B 144 -29.14 -33.28 -7.69
C THR B 144 -30.08 -32.10 -7.49
N PHE B 145 -29.86 -31.34 -6.40
CA PHE B 145 -30.44 -30.02 -6.13
C PHE B 145 -29.32 -28.98 -5.91
N ASP B 146 -29.69 -27.73 -5.67
CA ASP B 146 -28.70 -26.66 -5.49
C ASP B 146 -29.06 -25.73 -4.34
N GLY B 147 -28.42 -24.55 -4.32
CA GLY B 147 -28.46 -23.68 -3.15
C GLY B 147 -29.85 -23.24 -2.71
N ARG B 148 -30.83 -23.23 -3.63
CA ARG B 148 -32.16 -22.76 -3.24
C ARG B 148 -32.81 -23.74 -2.28
N LEU B 149 -32.64 -25.03 -2.53
CA LEU B 149 -33.07 -26.04 -1.57
C LEU B 149 -32.34 -25.96 -0.25
N VAL B 150 -31.11 -25.44 -0.25
CA VAL B 150 -30.32 -25.40 0.98
C VAL B 150 -30.95 -24.44 1.98
N LYS B 151 -31.68 -23.43 1.50
CA LYS B 151 -32.34 -22.48 2.38
C LYS B 151 -33.67 -23.00 2.93
N LYS B 152 -34.14 -24.15 2.45
CA LYS B 152 -35.38 -24.74 2.95
C LYS B 152 -35.16 -25.85 3.95
N ILE B 153 -34.15 -26.69 3.74
CA ILE B 153 -33.89 -27.88 4.56
C ILE B 153 -32.99 -27.53 5.73
N TRP B 154 -32.70 -28.52 6.57
CA TRP B 154 -31.72 -28.37 7.64
C TRP B 154 -30.35 -28.85 7.14
N VAL B 155 -29.29 -28.21 7.65
CA VAL B 155 -27.92 -28.35 7.16
C VAL B 155 -26.95 -28.08 8.33
N PRO B 156 -25.78 -28.72 8.39
CA PRO B 156 -24.80 -28.40 9.44
C PRO B 156 -24.38 -26.92 9.41
N ASP B 157 -23.63 -26.54 10.46
CA ASP B 157 -23.21 -25.15 10.67
C ASP B 157 -21.73 -25.08 11.08
N MET B 158 -20.85 -25.72 10.31
CA MET B 158 -19.43 -25.65 10.63
C MET B 158 -18.87 -24.24 10.44
N PHE B 159 -17.81 -23.92 11.17
CA PHE B 159 -17.12 -22.65 11.01
C PHE B 159 -15.63 -22.85 11.28
N PHE B 160 -14.87 -21.82 10.90
CA PHE B 160 -13.41 -21.88 10.85
C PHE B 160 -12.82 -21.20 12.09
N VAL B 161 -12.21 -21.97 12.98
CA VAL B 161 -11.75 -21.40 14.24
C VAL B 161 -10.43 -20.69 14.01
N HIS B 162 -10.28 -19.52 14.65
CA HIS B 162 -9.11 -18.65 14.52
C HIS B 162 -8.92 -18.15 13.09
N SER B 163 -10.04 -17.81 12.45
CA SER B 163 -10.03 -17.11 11.17
C SER B 163 -10.25 -15.62 11.34
N LYS B 164 -9.66 -14.86 10.42
CA LYS B 164 -9.85 -13.42 10.38
C LYS B 164 -10.91 -12.98 9.37
N ARG B 165 -11.11 -13.75 8.30
CA ARG B 165 -12.06 -13.43 7.24
C ARG B 165 -12.19 -14.62 6.29
N SER B 166 -13.40 -14.83 5.76
CA SER B 166 -13.68 -15.91 4.81
C SER B 166 -14.85 -15.52 3.92
N PHE B 167 -15.12 -16.33 2.90
CA PHE B 167 -16.29 -16.14 2.04
C PHE B 167 -16.48 -17.33 1.11
N ILE B 168 -17.70 -17.45 0.57
CA ILE B 168 -18.09 -18.48 -0.38
C ILE B 168 -18.23 -17.83 -1.76
N HIS B 169 -17.71 -18.50 -2.79
CA HIS B 169 -17.70 -17.94 -4.14
C HIS B 169 -19.09 -18.01 -4.76
N ASP B 170 -19.41 -17.02 -5.62
CA ASP B 170 -20.77 -16.84 -6.11
C ASP B 170 -20.86 -16.43 -7.59
N THR B 171 -19.90 -16.83 -8.43
CA THR B 171 -19.96 -16.51 -9.85
C THR B 171 -19.64 -17.75 -10.67
N THR B 172 -20.51 -18.07 -11.64
CA THR B 172 -21.65 -17.20 -12.01
C THR B 172 -22.90 -17.36 -11.15
N THR B 173 -22.81 -18.28 -10.19
CA THR B 173 -23.87 -18.52 -9.23
C THR B 173 -23.21 -19.17 -8.02
N ASP B 174 -23.98 -19.35 -6.95
CA ASP B 174 -23.40 -19.89 -5.72
C ASP B 174 -22.72 -21.22 -5.97
N ASN B 175 -21.47 -21.33 -5.50
CA ASN B 175 -20.68 -22.56 -5.65
C ASN B 175 -21.14 -23.58 -4.59
N VAL B 176 -22.35 -24.10 -4.79
CA VAL B 176 -22.98 -25.00 -3.83
C VAL B 176 -23.56 -26.19 -4.58
N MET B 177 -23.45 -27.39 -3.99
CA MET B 177 -23.93 -28.63 -4.57
C MET B 177 -24.66 -29.46 -3.51
N LEU B 178 -25.76 -30.11 -3.90
CA LEU B 178 -26.57 -30.94 -3.00
C LEU B 178 -27.07 -32.17 -3.74
N ARG B 179 -26.68 -33.38 -3.31
CA ARG B 179 -27.05 -34.64 -3.95
C ARG B 179 -27.81 -35.52 -2.96
N VAL B 180 -28.95 -36.08 -3.36
CA VAL B 180 -29.82 -36.79 -2.43
C VAL B 180 -30.18 -38.16 -2.99
N GLN B 181 -29.93 -39.23 -2.20
CA GLN B 181 -30.04 -40.64 -2.53
C GLN B 181 -31.36 -41.25 -2.06
N PRO B 182 -31.81 -42.34 -2.69
CA PRO B 182 -33.14 -42.87 -2.35
C PRO B 182 -33.29 -43.25 -0.89
N ASP B 183 -32.21 -43.71 -0.24
CA ASP B 183 -32.29 -44.12 1.15
C ASP B 183 -32.15 -42.96 2.12
N GLY B 184 -31.77 -41.79 1.64
CA GLY B 184 -31.68 -40.60 2.47
C GLY B 184 -30.28 -40.13 2.88
N LYS B 185 -29.22 -40.55 2.17
CA LYS B 185 -27.86 -40.13 2.50
C LYS B 185 -27.53 -38.90 1.67
N VAL B 186 -27.37 -37.74 2.35
CA VAL B 186 -27.14 -36.45 1.71
C VAL B 186 -25.64 -36.20 1.57
N LEU B 187 -25.27 -35.53 0.48
CA LEU B 187 -23.93 -34.99 0.26
C LEU B 187 -24.03 -33.51 -0.05
N TYR B 188 -23.17 -32.70 0.57
CA TYR B 188 -23.26 -31.25 0.56
C TYR B 188 -21.86 -30.67 0.48
N SER B 189 -21.65 -29.70 -0.42
CA SER B 189 -20.31 -29.31 -0.87
C SER B 189 -20.24 -27.83 -1.17
N LEU B 190 -19.09 -27.22 -0.84
CA LEU B 190 -18.88 -25.78 -0.90
C LEU B 190 -17.47 -25.49 -1.40
N ARG B 191 -17.29 -24.30 -1.97
CA ARG B 191 -15.98 -23.76 -2.35
C ARG B 191 -15.78 -22.46 -1.57
N VAL B 192 -14.65 -22.33 -0.86
CA VAL B 192 -14.44 -21.22 0.07
C VAL B 192 -12.97 -20.81 0.10
N THR B 193 -12.74 -19.58 0.53
CA THR B 193 -11.42 -19.02 0.80
C THR B 193 -11.40 -18.52 2.23
N VAL B 194 -10.33 -18.85 2.97
CA VAL B 194 -10.21 -18.47 4.39
C VAL B 194 -8.85 -17.85 4.63
N THR B 195 -8.82 -16.83 5.49
CA THR B 195 -7.59 -16.29 6.06
C THR B 195 -7.54 -16.69 7.53
N ALA B 196 -6.45 -17.33 7.92
CA ALA B 196 -6.34 -17.90 9.25
C ALA B 196 -5.08 -17.39 9.93
N MET B 197 -5.22 -17.06 11.22
CA MET B 197 -4.12 -16.54 12.02
C MET B 197 -3.04 -17.58 12.27
N CYS B 198 -1.78 -17.22 11.99
CA CYS B 198 -0.69 -18.15 12.34
C CYS B 198 0.38 -17.43 13.18
N ASN B 199 0.64 -17.93 14.39
CA ASN B 199 1.67 -17.35 15.26
C ASN B 199 3.06 -17.81 14.82
N MET B 200 3.98 -16.85 14.63
CA MET B 200 5.29 -17.06 14.01
C MET B 200 6.36 -16.42 14.87
N ASP B 201 7.54 -17.05 14.93
CA ASP B 201 8.69 -16.57 15.70
C ASP B 201 9.84 -16.29 14.75
N PHE B 202 10.36 -15.06 14.77
CA PHE B 202 11.37 -14.64 13.81
C PHE B 202 12.77 -14.56 14.42
N SER B 203 12.97 -15.13 15.61
CA SER B 203 14.26 -14.94 16.28
C SER B 203 15.37 -15.65 15.55
N ARG B 204 15.06 -16.66 14.74
CA ARG B 204 16.13 -17.38 14.06
C ARG B 204 16.29 -16.97 12.60
N PHE B 205 15.55 -15.93 12.15
CA PHE B 205 15.54 -15.43 10.75
C PHE B 205 16.95 -15.13 10.29
N PRO B 206 17.37 -15.62 9.11
CA PRO B 206 16.45 -16.33 8.22
C PRO B 206 16.52 -17.86 8.24
N LEU B 207 16.95 -18.46 9.36
CA LEU B 207 17.08 -19.91 9.47
C LEU B 207 15.91 -20.54 10.20
N ASP B 208 14.75 -19.89 10.21
CA ASP B 208 13.57 -20.36 10.92
C ASP B 208 12.74 -21.36 10.12
N THR B 209 11.82 -22.00 10.84
CA THR B 209 10.80 -22.89 10.31
C THR B 209 9.48 -22.55 11.00
N GLN B 210 8.40 -22.39 10.25
CA GLN B 210 7.12 -21.99 10.84
C GLN B 210 6.10 -23.12 10.71
N THR B 211 5.25 -23.32 11.72
CA THR B 211 4.22 -24.35 11.64
C THR B 211 2.84 -23.69 11.76
N CYS B 212 1.91 -24.06 10.87
CA CYS B 212 0.57 -23.45 10.79
C CYS B 212 -0.51 -24.53 10.66
N SER B 213 -1.76 -24.14 10.92
CA SER B 213 -2.88 -25.09 10.99
C SER B 213 -4.19 -24.41 10.62
N LEU B 214 -5.14 -25.21 10.12
CA LEU B 214 -6.53 -24.82 9.88
C LEU B 214 -7.47 -25.68 10.71
N GLU B 215 -8.39 -25.02 11.43
CA GLU B 215 -9.22 -25.67 12.43
C GLU B 215 -10.70 -25.56 12.06
N ILE B 216 -11.42 -26.67 12.21
CA ILE B 216 -12.83 -26.76 11.84
C ILE B 216 -13.66 -27.22 13.04
N GLU B 217 -14.77 -26.54 13.28
CA GLU B 217 -15.61 -26.75 14.46
C GLU B 217 -17.08 -26.47 14.14
N SER B 218 -17.98 -27.11 14.89
CA SER B 218 -19.41 -26.77 14.82
C SER B 218 -19.71 -25.61 15.77
N TYR B 219 -20.55 -24.67 15.33
CA TYR B 219 -20.77 -23.47 16.13
C TYR B 219 -21.81 -23.71 17.23
N ALA B 220 -22.98 -24.25 16.88
CA ALA B 220 -24.08 -24.28 17.83
C ALA B 220 -24.17 -25.55 18.68
N TYR B 221 -23.71 -26.71 18.19
CA TYR B 221 -24.06 -28.03 18.76
C TYR B 221 -22.88 -28.67 19.47
N THR B 222 -23.10 -29.19 20.69
CA THR B 222 -22.07 -29.91 21.45
C THR B 222 -21.95 -31.37 20.98
N GLU B 223 -20.97 -32.06 21.58
CA GLU B 223 -20.64 -33.44 21.20
C GLU B 223 -21.73 -34.43 21.58
N ASP B 224 -22.71 -34.03 22.40
CA ASP B 224 -23.85 -34.88 22.71
C ASP B 224 -24.97 -34.73 21.71
N ASP B 225 -24.90 -33.76 20.80
CA ASP B 225 -25.90 -33.56 19.78
C ASP B 225 -25.37 -33.80 18.38
N LEU B 226 -24.14 -33.37 18.09
CA LEU B 226 -23.51 -33.56 16.79
C LEU B 226 -22.12 -34.16 16.97
N MET B 227 -21.84 -35.23 16.24
CA MET B 227 -20.57 -35.94 16.28
C MET B 227 -19.83 -35.75 14.96
N LEU B 228 -18.58 -35.27 15.03
CA LEU B 228 -17.81 -34.83 13.87
C LEU B 228 -16.52 -35.63 13.76
N TYR B 229 -16.22 -36.12 12.55
CA TYR B 229 -15.05 -36.95 12.32
C TYR B 229 -14.60 -36.90 10.85
N TRP B 230 -13.36 -37.34 10.60
CA TRP B 230 -12.85 -37.45 9.22
C TRP B 230 -13.41 -38.70 8.54
N LYS B 231 -13.97 -38.53 7.34
CA LYS B 231 -14.73 -39.62 6.71
C LYS B 231 -13.89 -40.88 6.53
N LYS B 232 -12.64 -40.73 6.06
CA LYS B 232 -11.81 -41.89 5.72
C LYS B 232 -10.42 -41.79 6.35
N GLY B 233 -10.34 -41.39 7.61
CA GLY B 233 -9.06 -41.19 8.30
C GLY B 233 -8.10 -40.21 7.64
N ASN B 234 -6.83 -40.61 7.62
CA ASN B 234 -5.77 -39.79 7.05
C ASN B 234 -5.95 -39.55 5.55
N ASP B 235 -6.81 -40.35 4.90
CA ASP B 235 -7.07 -40.27 3.47
C ASP B 235 -8.20 -39.31 3.13
N SER B 236 -8.79 -38.66 4.13
CA SER B 236 -9.82 -37.65 3.91
C SER B 236 -9.27 -36.28 3.56
N LEU B 237 -7.96 -36.16 3.31
CA LEU B 237 -7.39 -34.93 2.80
C LEU B 237 -6.69 -35.16 1.46
N LYS B 238 -7.02 -34.33 0.46
CA LYS B 238 -6.42 -34.34 -0.86
C LYS B 238 -5.79 -32.96 -1.15
N THR B 239 -4.66 -32.92 -1.89
CA THR B 239 -3.95 -31.66 -2.13
C THR B 239 -3.51 -31.56 -3.59
N ASP B 240 -3.53 -30.34 -4.12
CA ASP B 240 -3.30 -30.03 -5.54
C ASP B 240 -1.82 -30.00 -5.91
N GLU B 241 -1.52 -30.41 -7.14
CA GLU B 241 -0.12 -30.73 -7.47
C GLU B 241 0.72 -29.49 -7.67
N ARG B 242 0.10 -28.37 -8.04
CA ARG B 242 0.79 -27.14 -8.38
C ARG B 242 0.67 -26.09 -7.28
N ILE B 243 0.44 -26.52 -6.05
CA ILE B 243 0.43 -25.56 -4.94
C ILE B 243 1.84 -25.05 -4.72
N SER B 244 2.02 -23.73 -4.75
CA SER B 244 3.36 -23.16 -4.71
C SER B 244 3.31 -21.79 -4.04
N LEU B 245 4.49 -21.30 -3.67
CA LEU B 245 4.67 -19.98 -3.07
C LEU B 245 5.96 -19.37 -3.57
N SER B 246 5.98 -18.03 -3.63
CA SER B 246 7.16 -17.38 -4.15
C SER B 246 8.27 -17.24 -3.11
N GLN B 247 7.94 -17.18 -1.82
CA GLN B 247 8.96 -16.97 -0.80
C GLN B 247 9.25 -18.21 0.07
N PHE B 248 8.54 -19.32 -0.11
CA PHE B 248 8.60 -20.41 0.88
C PHE B 248 8.60 -21.78 0.21
N LEU B 249 8.85 -22.83 0.98
CA LEU B 249 8.67 -24.20 0.51
C LEU B 249 7.74 -24.95 1.46
N ILE B 250 6.79 -25.71 0.90
CA ILE B 250 5.70 -26.32 1.66
C ILE B 250 5.89 -27.83 1.74
N GLN B 251 5.67 -28.40 2.93
CA GLN B 251 5.81 -29.83 3.14
C GLN B 251 4.97 -30.29 4.32
N GLU B 252 4.68 -31.59 4.35
CA GLU B 252 4.16 -32.33 5.51
C GLU B 252 2.70 -32.09 5.86
N PHE B 253 1.78 -32.32 4.90
CA PHE B 253 0.35 -32.19 5.15
C PHE B 253 -0.19 -33.42 5.89
N HIS B 254 -0.84 -33.21 7.04
CA HIS B 254 -1.58 -34.31 7.67
C HIS B 254 -2.71 -33.76 8.56
N THR B 255 -3.59 -34.66 8.99
CA THR B 255 -4.79 -34.32 9.75
C THR B 255 -4.65 -34.79 11.21
N THR B 256 -5.29 -34.06 12.13
CA THR B 256 -5.44 -34.47 13.54
C THR B 256 -6.83 -34.06 14.03
N THR B 257 -7.22 -34.59 15.20
CA THR B 257 -8.45 -34.19 15.90
C THR B 257 -8.19 -33.92 17.38
N LYS B 258 -9.06 -33.10 18.02
CA LYS B 258 -8.95 -32.79 19.45
C LYS B 258 -10.27 -32.26 20.02
N LEU B 259 -10.59 -32.66 21.25
CA LEU B 259 -11.77 -32.15 21.97
C LEU B 259 -11.49 -30.80 22.64
N ALA B 260 -12.44 -29.87 22.53
CA ALA B 260 -12.29 -28.51 23.05
C ALA B 260 -13.44 -28.13 23.98
N PHE B 261 -13.16 -27.17 24.88
CA PHE B 261 -14.09 -26.78 25.94
C PHE B 261 -14.23 -25.27 26.02
N TYR B 262 -15.48 -24.80 26.11
CA TYR B 262 -15.78 -23.41 26.41
C TYR B 262 -16.50 -23.34 27.75
N SER B 263 -16.16 -22.34 28.56
CA SER B 263 -16.62 -22.36 29.95
C SER B 263 -18.10 -22.05 30.06
N SER B 264 -18.63 -21.20 29.18
CA SER B 264 -20.03 -20.83 29.22
C SER B 264 -20.91 -21.69 28.30
N THR B 265 -20.32 -22.66 27.58
CA THR B 265 -21.11 -23.39 26.57
C THR B 265 -20.93 -24.92 26.45
N GLY B 266 -19.73 -25.52 26.66
CA GLY B 266 -19.63 -26.98 26.68
C GLY B 266 -18.43 -27.54 25.91
N TRP B 267 -18.51 -28.85 25.58
CA TRP B 267 -17.43 -29.60 24.92
C TRP B 267 -17.75 -29.82 23.44
N TYR B 268 -16.80 -29.47 22.56
CA TYR B 268 -17.00 -29.57 21.11
C TYR B 268 -15.86 -30.34 20.44
N ASN B 269 -16.19 -31.02 19.33
CA ASN B 269 -15.22 -31.77 18.54
C ASN B 269 -14.57 -30.84 17.51
N ARG B 270 -13.26 -31.01 17.31
CA ARG B 270 -12.51 -30.13 16.44
C ARG B 270 -11.55 -30.93 15.54
N LEU B 271 -11.48 -30.54 14.27
CA LEU B 271 -10.58 -31.15 13.29
C LEU B 271 -9.50 -30.16 12.85
N TYR B 272 -8.33 -30.68 12.48
CA TYR B 272 -7.16 -29.85 12.16
C TYR B 272 -6.49 -30.29 10.86
N ILE B 273 -5.97 -29.32 10.10
CA ILE B 273 -5.15 -29.53 8.89
C ILE B 273 -3.82 -28.82 9.08
N ASN B 274 -2.73 -29.60 9.20
CA ASN B 274 -1.43 -29.07 9.59
C ASN B 274 -0.44 -29.12 8.43
N PHE B 275 0.56 -28.22 8.45
CA PHE B 275 1.64 -28.24 7.46
C PHE B 275 2.83 -27.39 7.94
N THR B 276 3.95 -27.53 7.20
CA THR B 276 5.24 -26.93 7.58
C THR B 276 5.77 -26.02 6.45
N LEU B 277 6.64 -25.05 6.81
CA LEU B 277 7.15 -24.01 5.90
C LEU B 277 8.66 -23.76 6.14
N ARG B 278 9.36 -23.30 5.08
CA ARG B 278 10.81 -23.00 5.15
C ARG B 278 11.22 -22.08 3.99
N ARG B 279 12.39 -21.44 4.13
CA ARG B 279 12.90 -20.44 3.18
C ARG B 279 14.08 -20.97 2.36
N HIS B 280 14.50 -20.17 1.37
CA HIS B 280 15.64 -20.48 0.49
C HIS B 280 16.91 -19.92 1.12
N ILE B 281 17.65 -20.79 1.82
CA ILE B 281 18.70 -20.33 2.72
C ILE B 281 19.85 -19.71 1.94
N PHE B 282 20.23 -20.38 0.86
CA PHE B 282 21.46 -20.08 0.15
C PHE B 282 21.36 -18.79 -0.65
N PHE B 283 20.15 -18.24 -0.78
CA PHE B 283 19.99 -16.91 -1.32
C PHE B 283 20.30 -15.87 -0.27
N PHE B 284 19.85 -16.10 0.97
CA PHE B 284 20.12 -15.15 2.04
C PHE B 284 21.59 -15.14 2.42
N LEU B 285 22.29 -16.27 2.27
CA LEU B 285 23.72 -16.25 2.53
C LEU B 285 24.42 -15.21 1.64
N LEU B 286 24.03 -15.13 0.35
CA LEU B 286 24.65 -14.24 -0.62
C LEU B 286 24.10 -12.82 -0.57
N GLN B 287 22.85 -12.66 -0.18
CA GLN B 287 22.28 -11.34 -0.08
C GLN B 287 22.75 -10.58 1.14
N THR B 288 23.04 -11.28 2.25
CA THR B 288 23.35 -10.59 3.50
C THR B 288 24.70 -11.00 4.09
N TYR B 289 24.98 -12.30 4.23
CA TYR B 289 26.19 -12.73 4.91
C TYR B 289 27.42 -12.65 4.01
N PHE B 290 27.29 -12.16 2.78
CA PHE B 290 28.48 -12.10 1.92
C PHE B 290 29.11 -10.71 1.84
N PRO B 291 28.35 -9.65 1.53
CA PRO B 291 28.97 -8.31 1.46
C PRO B 291 29.65 -7.89 2.76
N ALA B 292 29.02 -8.15 3.92
CA ALA B 292 29.62 -7.76 5.20
C ALA B 292 30.96 -8.46 5.40
N THR B 293 31.04 -9.71 4.99
CA THR B 293 32.26 -10.47 5.26
C THR B 293 33.38 -9.91 4.41
N LEU B 294 33.07 -9.59 3.15
CA LEU B 294 34.07 -8.96 2.29
C LEU B 294 34.51 -7.62 2.86
N MET B 295 33.58 -6.84 3.44
CA MET B 295 33.95 -5.56 4.02
C MET B 295 34.94 -5.73 5.17
N VAL B 296 34.69 -6.71 6.05
CA VAL B 296 35.60 -6.93 7.18
C VAL B 296 36.96 -7.34 6.65
N MET B 297 36.98 -8.11 5.56
CA MET B 297 38.24 -8.53 4.98
C MET B 297 38.98 -7.34 4.36
N LEU B 298 38.23 -6.36 3.87
CA LEU B 298 38.82 -5.15 3.30
C LEU B 298 39.44 -4.26 4.36
N SER B 299 38.88 -4.26 5.58
CA SER B 299 39.47 -3.44 6.64
C SER B 299 40.83 -3.96 7.12
N TRP B 300 41.20 -5.21 6.81
CA TRP B 300 42.46 -5.78 7.27
C TRP B 300 43.64 -5.42 6.37
N VAL B 301 43.37 -4.96 5.15
CA VAL B 301 44.39 -4.51 4.21
C VAL B 301 45.21 -3.37 4.80
N SER B 302 44.63 -2.61 5.73
CA SER B 302 45.30 -1.43 6.25
C SER B 302 46.58 -1.76 7.02
N PHE B 303 46.62 -2.93 7.66
CA PHE B 303 47.78 -3.33 8.46
C PHE B 303 49.04 -3.52 7.65
N TRP B 304 48.94 -3.56 6.32
CA TRP B 304 50.08 -3.86 5.46
C TRP B 304 50.58 -2.64 4.71
N ILE B 305 49.92 -1.49 4.88
CA ILE B 305 50.32 -0.23 4.27
C ILE B 305 51.28 0.49 5.22
N ASP B 306 52.19 1.26 4.64
CA ASP B 306 53.26 1.92 5.38
C ASP B 306 52.68 2.99 6.30
N ARG B 307 52.97 2.87 7.60
CA ARG B 307 52.49 3.79 8.61
C ARG B 307 52.89 5.23 8.33
N ARG B 308 53.92 5.44 7.50
CA ARG B 308 54.32 6.78 7.12
C ARG B 308 53.31 7.47 6.21
N ALA B 309 52.46 6.71 5.52
CA ALA B 309 51.50 7.27 4.56
C ALA B 309 50.18 7.57 5.28
N VAL B 310 50.17 8.67 6.03
CA VAL B 310 48.99 9.09 6.77
C VAL B 310 47.82 9.43 5.85
N PRO B 311 48.00 10.27 4.79
CA PRO B 311 46.86 10.61 3.91
C PRO B 311 46.31 9.40 3.14
N ALA B 312 46.94 8.24 3.29
CA ALA B 312 46.48 7.02 2.64
C ALA B 312 45.86 6.03 3.60
N ARG B 313 46.28 6.00 4.85
CA ARG B 313 45.68 5.11 5.82
C ARG B 313 44.48 5.74 6.55
N VAL B 314 44.43 7.06 6.68
CA VAL B 314 43.29 7.68 7.35
C VAL B 314 42.00 7.62 6.52
N PRO B 315 41.96 7.99 5.24
CA PRO B 315 40.65 7.97 4.55
C PRO B 315 40.12 6.56 4.31
N LEU B 316 40.99 5.56 4.28
CA LEU B 316 40.58 4.19 3.96
C LEU B 316 39.60 3.68 5.01
N GLY B 317 39.94 3.85 6.28
CA GLY B 317 39.10 3.33 7.34
C GLY B 317 37.74 4.00 7.41
N ILE B 318 37.71 5.33 7.27
CA ILE B 318 36.43 6.01 7.47
C ILE B 318 35.53 5.78 6.26
N THR B 319 36.11 5.66 5.06
CA THR B 319 35.30 5.25 3.92
C THR B 319 34.75 3.83 4.10
N THR B 320 35.53 2.95 4.74
CA THR B 320 35.03 1.59 4.97
C THR B 320 33.88 1.61 5.96
N VAL B 321 33.97 2.45 6.99
CA VAL B 321 32.83 2.62 7.90
C VAL B 321 31.59 3.06 7.13
N LEU B 322 31.76 3.99 6.19
CA LEU B 322 30.62 4.53 5.43
C LEU B 322 29.96 3.43 4.62
N THR B 323 30.78 2.63 3.93
CA THR B 323 30.26 1.52 3.14
C THR B 323 29.46 0.56 4.00
N MET B 324 30.01 0.17 5.16
CA MET B 324 29.29 -0.79 6.00
C MET B 324 27.96 -0.22 6.51
N SER B 325 27.93 1.08 6.85
CA SER B 325 26.67 1.67 7.30
C SER B 325 25.62 1.66 6.19
N THR B 326 26.02 2.03 4.97
CA THR B 326 25.14 1.94 3.82
C THR B 326 24.56 0.54 3.67
N ILE B 327 25.40 -0.49 3.85
CA ILE B 327 24.93 -1.86 3.63
C ILE B 327 23.89 -2.23 4.66
N ILE B 328 24.16 -1.85 5.91
CA ILE B 328 23.24 -2.20 6.97
C ILE B 328 21.88 -1.53 6.77
N THR B 329 21.84 -0.38 6.07
CA THR B 329 20.52 0.20 5.78
C THR B 329 19.82 -0.42 4.56
N GLY B 330 20.56 -0.91 3.57
CA GLY B 330 19.90 -1.55 2.45
C GLY B 330 19.24 -2.86 2.84
N VAL B 331 19.90 -3.63 3.70
CA VAL B 331 19.31 -4.91 4.08
C VAL B 331 18.01 -4.66 4.83
N ASN B 332 17.97 -3.61 5.64
CA ASN B 332 16.79 -3.31 6.44
C ASN B 332 15.65 -2.85 5.58
N ALA B 333 15.97 -2.20 4.46
CA ALA B 333 14.90 -1.79 3.58
C ALA B 333 14.32 -2.95 2.79
N SER B 334 15.09 -4.04 2.60
CA SER B 334 14.54 -5.17 1.84
C SER B 334 13.92 -6.29 2.69
N MET B 335 13.98 -6.24 4.04
CA MET B 335 13.41 -7.26 4.94
C MET B 335 11.97 -6.92 5.38
N PRO B 336 11.19 -7.92 5.87
CA PRO B 336 9.75 -7.68 6.16
C PRO B 336 9.31 -6.66 7.20
N ARG B 337 10.19 -6.19 8.10
CA ARG B 337 9.92 -5.21 9.16
C ARG B 337 9.36 -5.74 10.49
N VAL B 338 10.26 -6.26 11.36
CA VAL B 338 9.96 -6.84 12.67
C VAL B 338 10.80 -6.14 13.74
N SER B 339 10.22 -5.90 14.93
CA SER B 339 10.87 -5.01 15.90
C SER B 339 11.42 -5.72 17.13
N TYR B 340 11.85 -6.98 17.01
CA TYR B 340 12.73 -7.58 18.00
C TYR B 340 13.96 -8.20 17.35
N ILE B 341 14.92 -8.59 18.18
CA ILE B 341 16.26 -8.92 17.67
C ILE B 341 16.24 -10.25 16.93
N LYS B 342 16.85 -10.27 15.73
CA LYS B 342 16.92 -11.45 14.85
C LYS B 342 18.38 -11.86 14.61
N ALA B 343 18.54 -13.11 14.18
CA ALA B 343 19.87 -13.71 14.04
C ALA B 343 20.78 -12.85 13.16
N VAL B 344 20.21 -12.29 12.09
CA VAL B 344 21.00 -11.64 11.05
C VAL B 344 21.46 -10.28 11.54
N ASP B 345 20.65 -9.66 12.39
CA ASP B 345 21.05 -8.41 13.00
C ASP B 345 22.34 -8.56 13.80
N ILE B 346 22.47 -9.68 14.53
CA ILE B 346 23.63 -9.87 15.39
C ILE B 346 24.91 -9.91 14.56
N TYR B 347 24.88 -10.68 13.47
CA TYR B 347 26.05 -10.81 12.62
C TYR B 347 26.45 -9.45 12.05
N LEU B 348 25.46 -8.65 11.62
CA LEU B 348 25.82 -7.37 11.01
C LEU B 348 26.42 -6.40 12.03
N TRP B 349 25.88 -6.38 13.26
CA TRP B 349 26.38 -5.44 14.25
C TRP B 349 27.80 -5.79 14.69
N VAL B 350 28.09 -7.09 14.79
CA VAL B 350 29.44 -7.52 15.16
C VAL B 350 30.45 -7.15 14.08
N SER B 351 30.08 -7.34 12.80
CA SER B 351 30.98 -6.89 11.73
C SER B 351 31.25 -5.38 11.83
N PHE B 352 30.21 -4.62 12.19
CA PHE B 352 30.39 -3.17 12.34
C PHE B 352 31.44 -2.86 13.41
N VAL B 353 31.38 -3.56 14.55
CA VAL B 353 32.36 -3.30 15.61
C VAL B 353 33.78 -3.62 15.13
N PHE B 354 33.96 -4.70 14.35
CA PHE B 354 35.31 -5.00 13.86
C PHE B 354 35.86 -3.84 13.01
N VAL B 355 35.02 -3.28 12.15
CA VAL B 355 35.52 -2.18 11.31
C VAL B 355 35.82 -0.91 12.12
N PHE B 356 35.06 -0.63 13.17
CA PHE B 356 35.32 0.55 14.01
C PHE B 356 36.65 0.41 14.78
N LEU B 357 36.93 -0.81 15.22
CA LEU B 357 38.17 -1.04 15.95
C LEU B 357 39.39 -0.85 15.06
N SER B 358 39.26 -1.17 13.76
CA SER B 358 40.43 -1.00 12.92
C SER B 358 40.86 0.46 12.83
N VAL B 359 39.93 1.40 12.96
CA VAL B 359 40.25 2.82 12.84
C VAL B 359 40.98 3.28 14.10
N LEU B 360 40.45 2.84 15.25
CA LEU B 360 41.14 3.16 16.50
C LEU B 360 42.58 2.63 16.51
N GLU B 361 42.83 1.51 15.82
CA GLU B 361 44.16 0.90 15.82
C GLU B 361 45.22 1.85 15.26
N TYR B 362 44.96 2.37 14.05
CA TYR B 362 45.95 3.22 13.43
C TYR B 362 46.08 4.55 14.16
N ALA B 363 44.99 5.02 14.80
CA ALA B 363 45.15 6.24 15.59
C ALA B 363 46.19 6.06 16.71
N ALA B 364 46.14 4.90 17.41
CA ALA B 364 47.16 4.59 18.42
C ALA B 364 48.57 4.62 17.81
N VAL B 365 48.71 4.00 16.65
CA VAL B 365 50.03 3.80 16.02
C VAL B 365 50.63 5.15 15.65
N ASN B 366 49.82 5.98 14.99
CA ASN B 366 50.22 7.33 14.59
C ASN B 366 50.66 8.15 15.80
N TYR B 367 49.87 8.15 16.85
CA TYR B 367 50.20 8.90 18.06
C TYR B 367 51.53 8.47 18.66
N LEU B 368 51.77 7.16 18.74
CA LEU B 368 52.99 6.65 19.35
C LEU B 368 54.22 7.00 18.52
N THR B 369 54.12 6.86 17.20
CA THR B 369 55.22 7.28 16.33
C THR B 369 55.55 8.76 16.52
N THR B 370 54.50 9.58 16.65
CA THR B 370 54.70 11.03 16.69
C THR B 370 55.43 11.43 17.98
N VAL B 371 55.00 10.87 19.11
CA VAL B 371 55.66 11.18 20.38
C VAL B 371 57.09 10.64 20.36
N GLN B 372 57.34 9.52 19.65
CA GLN B 372 58.72 9.07 19.53
C GLN B 372 59.58 10.08 18.78
N GLU B 373 59.05 10.62 17.67
CA GLU B 373 59.80 11.65 16.95
C GLU B 373 60.15 12.81 17.86
N ARG B 374 59.16 13.28 18.62
CA ARG B 374 59.35 14.39 19.57
C ARG B 374 60.38 14.03 20.64
N LYS B 375 60.37 12.76 21.09
CA LYS B 375 61.29 12.35 22.13
C LYS B 375 62.72 12.34 21.63
N GLU B 376 62.96 11.83 20.41
CA GLU B 376 64.34 11.79 19.95
C GLU B 376 64.85 13.19 19.61
N GLN B 377 64.00 14.01 19.02
CA GLN B 377 64.37 15.39 18.73
C GLN B 377 64.35 16.23 20.01
N ASP B 451 60.79 0.24 9.51
CA ASP B 451 60.48 -0.82 10.46
C ASP B 451 58.99 -0.89 10.77
N THR B 452 58.44 -2.09 10.82
CA THR B 452 57.01 -2.23 11.11
C THR B 452 56.74 -2.05 12.60
N HIS B 453 55.65 -1.34 12.93
CA HIS B 453 55.32 -1.16 14.33
C HIS B 453 54.81 -2.45 14.97
N ALA B 454 55.03 -2.58 16.28
CA ALA B 454 54.66 -3.79 16.98
C ALA B 454 53.16 -4.03 16.91
N ILE B 455 52.37 -2.97 17.02
CA ILE B 455 50.91 -3.11 16.99
C ILE B 455 50.44 -3.51 15.60
N ASP B 456 51.18 -3.15 14.56
CA ASP B 456 50.80 -3.55 13.21
C ASP B 456 51.00 -5.05 13.01
N LYS B 457 52.19 -5.53 13.37
CA LYS B 457 52.53 -6.93 13.18
C LYS B 457 51.82 -7.84 14.16
N TYR B 458 51.26 -7.30 15.25
CA TYR B 458 50.39 -8.13 16.06
C TYR B 458 48.97 -8.14 15.53
N SER B 459 48.47 -6.99 15.04
CA SER B 459 47.12 -6.94 14.50
C SER B 459 46.96 -7.90 13.33
N ARG B 460 47.97 -7.96 12.46
CA ARG B 460 47.94 -8.85 11.30
C ARG B 460 47.62 -10.31 11.67
N ILE B 461 47.97 -10.72 12.90
CA ILE B 461 47.56 -12.04 13.37
C ILE B 461 46.25 -11.98 14.15
N ILE B 462 46.09 -11.00 15.04
CA ILE B 462 45.02 -11.12 16.01
C ILE B 462 43.65 -10.92 15.37
N PHE B 463 43.50 -9.94 14.48
CA PHE B 463 42.14 -9.66 14.00
C PHE B 463 41.50 -10.85 13.30
N PRO B 464 42.13 -11.49 12.30
CA PRO B 464 41.46 -12.59 11.61
C PRO B 464 41.12 -13.75 12.53
N ALA B 465 41.98 -14.03 13.52
CA ALA B 465 41.75 -15.17 14.40
C ALA B 465 40.51 -14.96 15.26
N ALA B 466 40.31 -13.73 15.73
CA ALA B 466 39.10 -13.42 16.48
C ALA B 466 37.86 -13.56 15.61
N TYR B 467 37.96 -13.15 14.34
CA TYR B 467 36.79 -13.25 13.48
C TYR B 467 36.45 -14.72 13.24
N ILE B 468 37.48 -15.54 13.10
CA ILE B 468 37.29 -16.97 12.92
C ILE B 468 36.63 -17.59 14.15
N LEU B 469 37.06 -17.17 15.35
CA LEU B 469 36.42 -17.64 16.58
C LEU B 469 34.96 -17.23 16.63
N PHE B 470 34.67 -15.97 16.28
CA PHE B 470 33.28 -15.52 16.22
C PHE B 470 32.45 -16.41 15.33
N ASN B 471 32.94 -16.70 14.13
CA ASN B 471 32.12 -17.48 13.20
C ASN B 471 31.89 -18.89 13.73
N LEU B 472 32.90 -19.50 14.34
CA LEU B 472 32.72 -20.84 14.90
C LEU B 472 31.61 -20.85 15.94
N ILE B 473 31.65 -19.93 16.89
CA ILE B 473 30.63 -19.92 17.94
C ILE B 473 29.24 -19.64 17.35
N TYR B 474 29.16 -18.61 16.50
CA TYR B 474 27.88 -18.21 15.92
C TYR B 474 27.22 -19.38 15.20
N TRP B 475 27.98 -20.06 14.33
CA TRP B 475 27.35 -21.18 13.63
C TRP B 475 27.25 -22.42 14.49
N SER B 476 27.86 -22.44 15.69
CA SER B 476 27.53 -23.53 16.59
C SER B 476 26.19 -23.31 17.29
N ILE B 477 25.76 -22.06 17.41
CA ILE B 477 24.54 -21.72 18.11
C ILE B 477 23.33 -21.80 17.18
N PHE B 478 23.46 -21.31 15.95
CA PHE B 478 22.34 -21.31 15.02
C PHE B 478 22.40 -22.45 14.00
N SER B 479 23.54 -23.13 13.89
CA SER B 479 23.65 -24.38 13.12
C SER B 479 23.22 -24.24 11.66
N ASP C 85 -51.19 5.49 1.81
CA ASP C 85 -50.00 5.27 0.98
C ASP C 85 -48.83 6.07 1.50
N PHE C 86 -47.91 5.43 2.23
CA PHE C 86 -46.81 6.19 2.79
C PHE C 86 -45.73 6.46 1.75
N SER C 87 -46.15 6.76 0.51
CA SER C 87 -45.25 7.22 -0.54
C SER C 87 -45.43 8.70 -0.84
N MET C 88 -46.54 9.27 -0.38
CA MET C 88 -46.81 10.70 -0.46
C MET C 88 -46.37 11.40 0.82
N ARG C 89 -45.71 12.54 0.68
CA ARG C 89 -45.20 13.24 1.85
C ARG C 89 -46.33 13.82 2.67
N PRO C 90 -46.11 14.11 3.97
CA PRO C 90 -47.16 14.77 4.78
C PRO C 90 -47.44 16.21 4.36
N GLY C 91 -48.65 16.48 3.90
CA GLY C 91 -48.98 17.79 3.39
C GLY C 91 -48.90 17.88 1.88
N PHE C 92 -48.93 16.73 1.21
CA PHE C 92 -48.87 16.64 -0.25
C PHE C 92 -49.78 17.63 -0.95
N GLY C 93 -49.22 18.25 -1.98
CA GLY C 93 -49.96 19.18 -2.80
C GLY C 93 -50.13 20.57 -2.21
N GLY C 94 -50.20 20.68 -0.88
CA GLY C 94 -50.29 21.96 -0.20
C GLY C 94 -48.91 22.55 0.05
N PRO C 95 -48.64 23.00 1.29
CA PRO C 95 -47.35 23.64 1.59
C PRO C 95 -46.29 22.64 2.03
N ALA C 96 -45.05 23.07 1.86
CA ALA C 96 -43.86 22.27 2.11
C ALA C 96 -43.78 21.82 3.55
N ILE C 97 -43.16 20.67 3.79
CA ILE C 97 -43.09 20.08 5.12
C ILE C 97 -41.79 20.53 5.79
N PRO C 98 -41.86 21.16 6.97
CA PRO C 98 -40.65 21.60 7.69
C PRO C 98 -39.94 20.44 8.38
N VAL C 99 -38.69 20.18 7.98
CA VAL C 99 -37.87 19.13 8.56
C VAL C 99 -36.63 19.76 9.17
N GLY C 100 -36.33 19.38 10.41
CA GLY C 100 -35.25 20.01 11.17
C GLY C 100 -34.15 19.04 11.55
N VAL C 101 -32.92 19.51 11.49
CA VAL C 101 -31.74 18.65 11.57
C VAL C 101 -30.90 18.99 12.80
N ASP C 102 -30.33 17.95 13.41
CA ASP C 102 -29.43 18.06 14.55
C ASP C 102 -28.27 17.09 14.36
N VAL C 103 -27.04 17.50 14.73
CA VAL C 103 -25.84 16.72 14.44
C VAL C 103 -24.88 16.70 15.64
N GLN C 104 -24.22 15.56 15.85
CA GLN C 104 -23.14 15.42 16.84
C GLN C 104 -21.99 14.65 16.21
N VAL C 105 -20.77 15.18 16.32
CA VAL C 105 -19.61 14.63 15.63
C VAL C 105 -18.83 13.70 16.55
N GLU C 106 -18.48 12.49 16.07
CA GLU C 106 -17.83 11.50 16.93
C GLU C 106 -16.31 11.57 16.77
N SER C 107 -15.81 11.35 15.57
CA SER C 107 -14.38 11.21 15.33
C SER C 107 -14.04 11.62 13.90
N LEU C 108 -12.76 11.88 13.68
CA LEU C 108 -12.15 12.14 12.38
C LEU C 108 -11.12 11.05 12.07
N ASP C 109 -11.49 10.12 11.19
CA ASP C 109 -10.82 8.83 11.15
C ASP C 109 -9.53 8.86 10.34
N SER C 110 -9.48 9.67 9.28
CA SER C 110 -8.29 9.73 8.43
C SER C 110 -8.37 10.91 7.47
N ILE C 111 -7.22 11.22 6.88
CA ILE C 111 -7.04 12.30 5.90
C ILE C 111 -6.04 11.83 4.84
N SER C 112 -6.37 12.01 3.56
CA SER C 112 -5.46 11.68 2.46
C SER C 112 -5.10 12.93 1.67
N GLU C 113 -3.82 13.24 1.61
CA GLU C 113 -3.30 14.43 0.97
C GLU C 113 -3.23 14.27 -0.55
N VAL C 114 -2.90 13.07 -1.01
CA VAL C 114 -2.74 12.82 -2.44
C VAL C 114 -4.09 12.77 -3.12
N ASP C 115 -5.08 12.14 -2.49
CA ASP C 115 -6.39 12.04 -3.12
C ASP C 115 -7.33 13.20 -2.81
N MET C 116 -6.94 14.01 -1.82
CA MET C 116 -7.64 15.21 -1.37
C MET C 116 -9.03 14.90 -0.79
N ASP C 117 -9.07 14.14 0.31
CA ASP C 117 -10.32 13.81 0.99
C ASP C 117 -10.08 13.54 2.48
N PHE C 118 -11.18 13.50 3.25
CA PHE C 118 -11.18 13.18 4.69
C PHE C 118 -12.36 12.28 5.05
N THR C 119 -12.23 11.52 6.15
CA THR C 119 -13.26 10.57 6.60
C THR C 119 -13.71 10.86 8.03
N MET C 120 -15.05 10.84 8.27
CA MET C 120 -15.69 11.29 9.51
C MET C 120 -16.82 10.36 9.95
N THR C 121 -16.96 10.14 11.26
CA THR C 121 -18.08 9.38 11.83
C THR C 121 -18.96 10.29 12.69
N LEU C 122 -20.28 10.28 12.46
CA LEU C 122 -21.16 11.21 13.16
C LEU C 122 -22.53 10.58 13.46
N TYR C 123 -23.31 11.26 14.30
CA TYR C 123 -24.74 10.97 14.51
C TYR C 123 -25.57 12.05 13.84
N LEU C 124 -26.66 11.64 13.19
CA LEU C 124 -27.53 12.54 12.41
C LEU C 124 -28.97 12.34 12.85
N ARG C 125 -29.67 13.44 13.18
CA ARG C 125 -31.00 13.38 13.76
C ARG C 125 -31.98 14.21 12.93
N HIS C 126 -33.23 13.75 12.80
CA HIS C 126 -34.28 14.47 12.10
C HIS C 126 -35.54 14.64 12.95
N TYR C 127 -36.38 15.60 12.58
CA TYR C 127 -37.62 15.90 13.29
C TYR C 127 -38.68 16.42 12.33
N TRP C 128 -39.93 16.08 12.64
CA TRP C 128 -41.10 16.54 11.90
C TRP C 128 -42.37 16.06 12.60
N LYS C 129 -43.52 16.51 12.07
CA LYS C 129 -44.84 16.16 12.57
C LYS C 129 -45.66 15.53 11.46
N ASP C 130 -46.14 14.31 11.71
CA ASP C 130 -46.95 13.55 10.76
C ASP C 130 -48.13 12.96 11.51
N GLU C 131 -49.33 13.17 10.99
CA GLU C 131 -50.56 12.76 11.66
C GLU C 131 -50.97 11.33 11.34
N ARG C 132 -50.62 10.79 10.17
CA ARG C 132 -50.86 9.37 9.89
C ARG C 132 -50.14 8.47 10.88
N LEU C 133 -49.30 9.04 11.75
CA LEU C 133 -48.50 8.29 12.71
C LEU C 133 -48.98 8.47 14.15
N SER C 134 -50.18 9.03 14.34
CA SER C 134 -50.73 9.29 15.66
C SER C 134 -51.40 8.05 16.23
N PHE C 135 -51.38 7.94 17.56
CA PHE C 135 -52.02 6.82 18.22
C PHE C 135 -52.71 7.23 19.50
N PRO C 136 -53.79 6.54 19.90
CA PRO C 136 -54.56 6.95 21.09
C PRO C 136 -53.96 6.49 22.42
N SER C 137 -53.14 7.31 23.06
CA SER C 137 -52.64 6.98 24.40
C SER C 137 -52.57 8.24 25.25
N THR C 138 -52.74 8.06 26.55
CA THR C 138 -52.83 9.19 27.46
C THR C 138 -51.48 9.64 28.01
N ASN C 139 -50.41 8.91 27.68
CA ASN C 139 -49.18 9.01 28.45
C ASN C 139 -48.47 10.34 28.23
N ASN C 140 -48.72 10.99 27.10
CA ASN C 140 -48.02 12.19 26.67
C ASN C 140 -46.50 12.00 26.63
N LEU C 141 -46.07 10.82 26.19
CA LEU C 141 -44.66 10.41 26.18
C LEU C 141 -44.32 9.56 24.97
N SER C 142 -43.07 9.65 24.50
CA SER C 142 -42.67 8.97 23.28
C SER C 142 -42.47 7.46 23.47
N MET C 143 -42.60 6.71 22.37
CA MET C 143 -42.56 5.25 22.33
C MET C 143 -41.70 4.80 21.14
N THR C 144 -40.98 3.69 21.31
CA THR C 144 -39.81 3.38 20.48
C THR C 144 -40.06 2.24 19.51
N PHE C 145 -39.69 2.45 18.23
CA PHE C 145 -39.60 1.45 17.17
C PHE C 145 -38.17 1.43 16.59
N ASP C 146 -37.92 0.55 15.63
CA ASP C 146 -36.59 0.45 15.03
C ASP C 146 -36.64 0.29 13.51
N GLY C 147 -35.52 -0.16 12.93
CA GLY C 147 -35.35 -0.11 11.49
C GLY C 147 -36.38 -0.85 10.67
N ARG C 148 -37.06 -1.85 11.25
CA ARG C 148 -38.03 -2.60 10.46
C ARG C 148 -39.23 -1.74 10.13
N LEU C 149 -39.67 -0.93 11.10
CA LEU C 149 -40.72 0.06 10.83
C LEU C 149 -40.27 1.10 9.83
N VAL C 150 -38.96 1.37 9.72
CA VAL C 150 -38.49 2.42 8.83
C VAL C 150 -38.74 2.04 7.38
N LYS C 151 -38.78 0.74 7.08
CA LYS C 151 -39.04 0.28 5.72
C LYS C 151 -40.53 0.27 5.37
N LYS C 152 -41.41 0.54 6.33
CA LYS C 152 -42.84 0.59 6.07
C LYS C 152 -43.38 2.01 5.92
N ILE C 153 -42.88 2.94 6.72
CA ILE C 153 -43.39 4.31 6.78
C ILE C 153 -42.65 5.19 5.78
N TRP C 154 -43.03 6.46 5.70
CA TRP C 154 -42.31 7.45 4.91
C TRP C 154 -41.28 8.16 5.79
N VAL C 155 -40.16 8.55 5.19
CA VAL C 155 -38.97 9.04 5.87
C VAL C 155 -38.22 9.99 4.93
N PRO C 156 -37.55 11.04 5.44
CA PRO C 156 -36.72 11.89 4.55
C PRO C 156 -35.64 11.11 3.81
N ASP C 157 -35.00 11.80 2.86
CA ASP C 157 -33.99 11.22 1.96
C ASP C 157 -32.78 12.14 1.83
N MET C 158 -32.19 12.56 2.95
CA MET C 158 -31.00 13.40 2.87
C MET C 158 -29.81 12.63 2.32
N PHE C 159 -28.87 13.36 1.72
CA PHE C 159 -27.63 12.76 1.24
C PHE C 159 -26.50 13.77 1.37
N PHE C 160 -25.28 13.28 1.20
CA PHE C 160 -24.06 14.00 1.51
C PHE C 160 -23.45 14.53 0.22
N VAL C 161 -23.46 15.84 0.02
CA VAL C 161 -23.00 16.41 -1.25
C VAL C 161 -21.48 16.46 -1.25
N HIS C 162 -20.90 16.11 -2.40
CA HIS C 162 -19.45 16.05 -2.61
C HIS C 162 -18.79 15.00 -1.72
N SER C 163 -19.46 13.86 -1.55
CA SER C 163 -18.90 12.69 -0.91
C SER C 163 -18.39 11.68 -1.93
N LYS C 164 -17.34 10.95 -1.53
CA LYS C 164 -16.79 9.88 -2.34
C LYS C 164 -17.31 8.50 -1.95
N ARG C 165 -17.67 8.31 -0.67
CA ARG C 165 -18.14 7.03 -0.14
C ARG C 165 -18.67 7.24 1.28
N SER C 166 -19.70 6.47 1.64
CA SER C 166 -20.30 6.51 2.97
C SER C 166 -20.96 5.17 3.29
N PHE C 167 -21.40 5.01 4.54
CA PHE C 167 -22.18 3.82 4.93
C PHE C 167 -22.74 4.00 6.34
N ILE C 168 -23.75 3.17 6.64
CA ILE C 168 -24.41 3.12 7.94
C ILE C 168 -23.98 1.85 8.66
N HIS C 169 -23.68 1.97 9.95
CA HIS C 169 -23.16 0.85 10.73
C HIS C 169 -24.28 -0.13 11.05
N ASP C 170 -23.91 -1.44 11.13
CA ASP C 170 -24.91 -2.51 11.22
C ASP C 170 -24.51 -3.65 12.17
N THR C 171 -23.75 -3.37 13.22
CA THR C 171 -23.39 -4.42 14.18
C THR C 171 -23.58 -3.90 15.60
N THR C 172 -24.31 -4.66 16.42
CA THR C 172 -24.79 -6.00 16.06
C THR C 172 -26.09 -6.04 15.26
N THR C 173 -26.63 -4.85 15.01
CA THR C 173 -27.82 -4.67 14.21
C THR C 173 -27.79 -3.23 13.70
N ASP C 174 -28.73 -2.90 12.82
CA ASP C 174 -28.71 -1.57 12.21
C ASP C 174 -28.73 -0.47 13.29
N ASN C 175 -27.80 0.47 13.17
CA ASN C 175 -27.71 1.59 14.10
C ASN C 175 -28.77 2.64 13.75
N VAL C 176 -30.03 2.27 14.01
CA VAL C 176 -31.18 3.11 13.65
C VAL C 176 -32.12 3.18 14.84
N MET C 177 -32.72 4.36 15.05
CA MET C 177 -33.64 4.62 16.16
C MET C 177 -34.85 5.41 15.65
N LEU C 178 -36.04 5.08 16.16
CA LEU C 178 -37.29 5.73 15.78
C LEU C 178 -38.19 5.88 17.00
N ARG C 179 -38.52 7.12 17.38
CA ARG C 179 -39.34 7.41 18.56
C ARG C 179 -40.60 8.18 18.14
N VAL C 180 -41.77 7.76 18.60
CA VAL C 180 -43.04 8.32 18.12
C VAL C 180 -43.90 8.74 19.29
N GLN C 181 -44.35 10.01 19.29
CA GLN C 181 -45.08 10.72 20.35
C GLN C 181 -46.58 10.72 20.10
N PRO C 182 -47.39 10.87 21.16
CA PRO C 182 -48.85 10.75 20.98
C PRO C 182 -49.42 11.76 19.99
N ASP C 183 -48.84 12.96 19.89
CA ASP C 183 -49.36 13.97 18.98
C ASP C 183 -48.84 13.82 17.57
N GLY C 184 -47.86 12.95 17.35
CA GLY C 184 -47.34 12.68 16.02
C GLY C 184 -45.99 13.28 15.64
N LYS C 185 -45.16 13.69 16.61
CA LYS C 185 -43.86 14.27 16.33
C LYS C 185 -42.82 13.14 16.36
N VAL C 186 -42.24 12.84 15.19
CA VAL C 186 -41.30 11.74 14.99
C VAL C 186 -39.87 12.24 15.21
N LEU C 187 -39.04 11.36 15.77
CA LEU C 187 -37.59 11.55 15.84
C LEU C 187 -36.90 10.34 15.24
N TYR C 188 -35.88 10.59 14.42
CA TYR C 188 -35.24 9.56 13.59
C TYR C 188 -33.75 9.84 13.55
N SER C 189 -32.94 8.79 13.77
CA SER C 189 -31.53 8.95 14.12
C SER C 189 -30.68 7.81 13.53
N LEU C 190 -29.47 8.18 13.10
CA LEU C 190 -28.57 7.29 12.37
C LEU C 190 -27.13 7.51 12.83
N ARG C 191 -26.30 6.49 12.64
CA ARG C 191 -24.85 6.57 12.85
C ARG C 191 -24.18 6.24 11.51
N VAL C 192 -23.27 7.11 11.05
CA VAL C 192 -22.72 7.01 9.70
C VAL C 192 -21.27 7.48 9.67
N THR C 193 -20.54 7.01 8.65
CA THR C 193 -19.19 7.44 8.33
C THR C 193 -19.18 7.94 6.90
N VAL C 194 -18.56 9.10 6.65
CA VAL C 194 -18.52 9.69 5.31
C VAL C 194 -17.10 10.09 4.98
N THR C 195 -16.73 9.92 3.72
CA THR C 195 -15.51 10.49 3.13
C THR C 195 -15.92 11.60 2.18
N ALA C 196 -15.37 12.78 2.39
CA ALA C 196 -15.79 13.96 1.66
C ALA C 196 -14.59 14.62 1.02
N MET C 197 -14.77 15.06 -0.22
CA MET C 197 -13.71 15.70 -1.00
C MET C 197 -13.34 17.07 -0.45
N CYS C 198 -12.05 17.30 -0.22
CA CYS C 198 -11.62 18.65 0.19
C CYS C 198 -10.51 19.17 -0.72
N ASN C 199 -10.74 20.31 -1.38
CA ASN C 199 -9.73 20.92 -2.24
C ASN C 199 -8.69 21.67 -1.41
N MET C 200 -7.40 21.39 -1.66
CA MET C 200 -6.29 21.82 -0.83
C MET C 200 -5.20 22.43 -1.73
N ASP C 201 -4.51 23.47 -1.23
CA ASP C 201 -3.43 24.12 -1.94
C ASP C 201 -2.14 23.98 -1.15
N PHE C 202 -1.10 23.44 -1.78
CA PHE C 202 0.13 23.13 -1.09
C PHE C 202 1.25 24.10 -1.40
N SER C 203 0.95 25.25 -2.01
CA SER C 203 2.02 26.13 -2.46
C SER C 203 2.76 26.74 -1.29
N ARG C 204 2.14 26.81 -0.11
CA ARG C 204 2.82 27.44 1.01
C ARG C 204 3.41 26.42 1.98
N PHE C 205 3.37 25.10 1.65
CA PHE C 205 3.85 23.99 2.49
C PHE C 205 5.29 24.22 2.92
N PRO C 206 5.61 24.09 4.22
CA PRO C 206 4.63 23.62 5.20
C PRO C 206 3.95 24.68 6.05
N LEU C 207 3.82 25.92 5.55
CA LEU C 207 3.20 27.00 6.32
C LEU C 207 1.76 27.26 5.89
N ASP C 208 1.09 26.26 5.33
CA ASP C 208 -0.27 26.38 4.85
C ASP C 208 -1.32 26.18 5.93
N THR C 209 -2.55 26.55 5.56
CA THR C 209 -3.77 26.35 6.33
C THR C 209 -4.85 25.85 5.37
N GLN C 210 -5.57 24.80 5.72
CA GLN C 210 -6.57 24.23 4.81
C GLN C 210 -7.96 24.40 5.40
N THR C 211 -8.97 24.68 4.56
CA THR C 211 -10.34 24.81 5.05
C THR C 211 -11.21 23.75 4.36
N CYS C 212 -12.04 23.04 5.14
CA CYS C 212 -12.87 21.92 4.66
C CYS C 212 -14.29 22.03 5.19
N SER C 213 -15.22 21.31 4.56
CA SER C 213 -16.65 21.42 4.87
C SER C 213 -17.38 20.10 4.58
N LEU C 214 -18.49 19.90 5.29
CA LEU C 214 -19.44 18.81 5.05
C LEU C 214 -20.81 19.38 4.71
N GLU C 215 -21.40 18.89 3.61
CA GLU C 215 -22.61 19.47 3.04
C GLU C 215 -23.75 18.46 3.05
N ILE C 216 -24.94 18.92 3.43
CA ILE C 216 -26.12 18.08 3.56
C ILE C 216 -27.26 18.65 2.73
N GLU C 217 -27.93 17.78 1.97
CA GLU C 217 -28.96 18.17 1.01
C GLU C 217 -30.02 17.07 0.87
N SER C 218 -31.24 17.47 0.48
CA SER C 218 -32.27 16.50 0.12
C SER C 218 -32.13 16.12 -1.34
N TYR C 219 -32.31 14.83 -1.65
CA TYR C 219 -32.06 14.38 -3.02
C TYR C 219 -33.25 14.64 -3.94
N ALA C 220 -34.45 14.22 -3.52
CA ALA C 220 -35.57 14.22 -4.46
C ALA C 220 -36.43 15.50 -4.43
N TYR C 221 -36.51 16.22 -3.31
CA TYR C 221 -37.55 17.24 -3.09
C TYR C 221 -36.98 18.66 -3.10
N THR C 222 -37.64 19.57 -3.83
CA THR C 222 -37.25 20.98 -3.87
C THR C 222 -37.77 21.76 -2.65
N GLU C 223 -37.38 23.04 -2.59
CA GLU C 223 -37.71 23.90 -1.45
C GLU C 223 -39.18 24.23 -1.37
N ASP C 224 -39.97 23.94 -2.41
CA ASP C 224 -41.41 24.11 -2.36
C ASP C 224 -42.14 22.89 -1.81
N ASP C 225 -41.43 21.78 -1.62
CA ASP C 225 -42.01 20.56 -1.06
C ASP C 225 -41.44 20.21 0.30
N LEU C 226 -40.13 20.38 0.48
CA LEU C 226 -39.44 20.08 1.73
C LEU C 226 -38.58 21.27 2.14
N MET C 227 -38.73 21.71 3.40
CA MET C 227 -38.00 22.84 3.95
C MET C 227 -37.04 22.33 5.04
N LEU C 228 -35.76 22.67 4.90
CA LEU C 228 -34.68 22.10 5.70
C LEU C 228 -33.94 23.22 6.46
N TYR C 229 -33.71 23.01 7.77
CA TYR C 229 -33.08 24.02 8.61
C TYR C 229 -32.41 23.38 9.83
N TRP C 230 -31.52 24.14 10.48
CA TRP C 230 -30.90 23.69 11.74
C TRP C 230 -31.87 23.87 12.91
N LYS C 231 -32.05 22.80 13.71
CA LYS C 231 -33.12 22.79 14.70
C LYS C 231 -32.98 23.94 15.69
N LYS C 232 -31.78 24.20 16.19
CA LYS C 232 -31.56 25.19 17.25
C LYS C 232 -30.44 26.18 16.90
N GLY C 233 -30.40 26.65 15.66
CA GLY C 233 -29.33 27.54 15.20
C GLY C 233 -27.91 27.00 15.33
N ASN C 234 -27.01 27.87 15.77
CA ASN C 234 -25.61 27.53 15.94
C ASN C 234 -25.40 26.45 16.98
N ASP C 235 -26.39 26.19 17.83
CA ASP C 235 -26.33 25.20 18.89
C ASP C 235 -26.77 23.81 18.45
N SER C 236 -27.12 23.65 17.17
CA SER C 236 -27.48 22.34 16.63
C SER C 236 -26.27 21.52 16.22
N LEU C 237 -25.06 21.94 16.56
CA LEU C 237 -23.87 21.12 16.37
C LEU C 237 -23.16 20.87 17.70
N LYS C 238 -22.85 19.59 17.98
CA LYS C 238 -22.10 19.15 19.14
C LYS C 238 -20.85 18.40 18.69
N THR C 239 -19.74 18.50 19.44
CA THR C 239 -18.47 17.89 19.04
C THR C 239 -17.78 17.22 20.23
N ASP C 240 -17.12 16.10 19.96
CA ASP C 240 -16.52 15.22 20.98
C ASP C 240 -15.17 15.72 21.49
N GLU C 241 -14.90 15.45 22.78
CA GLU C 241 -13.81 16.16 23.43
C GLU C 241 -12.44 15.65 23.02
N ARG C 242 -12.37 14.40 22.59
CA ARG C 242 -11.11 13.72 22.28
C ARG C 242 -10.89 13.60 20.78
N ILE C 243 -11.51 14.45 19.98
CA ILE C 243 -11.25 14.42 18.55
C ILE C 243 -9.83 14.92 18.30
N SER C 244 -9.03 14.11 17.61
CA SER C 244 -7.61 14.41 17.47
C SER C 244 -7.11 13.87 16.15
N LEU C 245 -5.92 14.33 15.75
CA LEU C 245 -5.23 13.89 14.53
C LEU C 245 -3.74 13.82 14.81
N SER C 246 -3.06 12.91 14.09
CA SER C 246 -1.64 12.78 14.33
C SER C 246 -0.81 13.83 13.59
N GLN C 247 -1.29 14.33 12.46
CA GLN C 247 -0.50 15.27 11.68
C GLN C 247 -1.00 16.72 11.71
N PHE C 248 -2.13 17.02 12.39
CA PHE C 248 -2.77 18.33 12.21
C PHE C 248 -3.32 18.84 13.53
N LEU C 249 -3.76 20.12 13.53
CA LEU C 249 -4.50 20.66 14.67
C LEU C 249 -5.83 21.24 14.18
N ILE C 250 -6.91 20.96 14.91
CA ILE C 250 -8.28 21.25 14.47
C ILE C 250 -8.87 22.40 15.29
N GLN C 251 -9.54 23.32 14.61
CA GLN C 251 -10.16 24.47 15.28
C GLN C 251 -11.31 25.02 14.45
N GLU C 252 -12.21 25.74 15.12
CA GLU C 252 -13.20 26.63 14.52
C GLU C 252 -14.41 25.94 13.87
N PHE C 253 -15.13 25.11 14.63
CA PHE C 253 -16.33 24.45 14.13
C PHE C 253 -17.52 25.41 14.14
N HIS C 254 -18.18 25.60 12.99
CA HIS C 254 -19.46 26.32 12.98
C HIS C 254 -20.31 25.90 11.78
N THR C 255 -21.58 26.29 11.80
CA THR C 255 -22.57 25.91 10.80
C THR C 255 -22.94 27.10 9.92
N THR C 256 -23.29 26.82 8.65
CA THR C 256 -23.87 27.80 7.73
C THR C 256 -24.94 27.12 6.87
N THR C 257 -25.75 27.93 6.16
CA THR C 257 -26.73 27.46 5.18
C THR C 257 -26.63 28.24 3.87
N LYS C 258 -27.08 27.62 2.76
CA LYS C 258 -27.09 28.27 1.45
C LYS C 258 -28.06 27.59 0.47
N LEU C 259 -28.75 28.38 -0.35
CA LEU C 259 -29.63 27.86 -1.40
C LEU C 259 -28.86 27.48 -2.66
N ALA C 260 -29.19 26.33 -3.26
CA ALA C 260 -28.48 25.79 -4.43
C ALA C 260 -29.44 25.49 -5.57
N PHE C 261 -28.91 25.50 -6.80
CA PHE C 261 -29.69 25.39 -8.03
C PHE C 261 -29.08 24.35 -8.97
N TYR C 262 -29.93 23.48 -9.50
CA TYR C 262 -29.57 22.58 -10.58
C TYR C 262 -30.40 22.92 -11.82
N SER C 263 -29.76 22.89 -12.98
CA SER C 263 -30.40 23.44 -14.17
C SER C 263 -31.54 22.56 -14.67
N SER C 264 -31.41 21.25 -14.53
CA SER C 264 -32.43 20.33 -14.99
C SER C 264 -33.44 19.96 -13.90
N THR C 265 -33.29 20.48 -12.66
CA THR C 265 -34.14 20.01 -11.56
C THR C 265 -34.72 21.05 -10.57
N GLY C 266 -34.02 22.16 -10.22
CA GLY C 266 -34.65 23.18 -9.38
C GLY C 266 -33.76 23.72 -8.25
N TRP C 267 -34.40 24.36 -7.26
CA TRP C 267 -33.74 25.02 -6.13
C TRP C 267 -33.86 24.18 -4.86
N TYR C 268 -32.73 23.93 -4.19
CA TYR C 268 -32.69 23.08 -2.99
C TYR C 268 -31.97 23.78 -1.84
N ASN C 269 -32.39 23.44 -0.61
CA ASN C 269 -31.79 23.97 0.60
C ASN C 269 -30.60 23.11 1.02
N ARG C 270 -29.53 23.76 1.47
CA ARG C 270 -28.30 23.06 1.81
C ARG C 270 -27.72 23.55 3.14
N LEU C 271 -27.23 22.61 3.96
CA LEU C 271 -26.60 22.92 5.24
C LEU C 271 -25.12 22.56 5.20
N TYR C 272 -24.30 23.26 5.98
CA TYR C 272 -22.84 23.12 5.96
C TYR C 272 -22.25 23.01 7.36
N ILE C 273 -21.20 22.19 7.51
CA ILE C 273 -20.40 22.06 8.72
C ILE C 273 -18.94 22.36 8.38
N ASN C 274 -18.41 23.47 8.90
CA ASN C 274 -17.11 24.00 8.49
C ASN C 274 -16.08 23.86 9.62
N PHE C 275 -14.80 23.78 9.25
CA PHE C 275 -13.70 23.77 10.22
C PHE C 275 -12.36 24.06 9.55
N THR C 276 -11.34 24.30 10.39
CA THR C 276 -10.01 24.75 9.96
C THR C 276 -8.92 23.78 10.43
N LEU C 277 -7.76 23.76 9.73
CA LEU C 277 -6.66 22.81 9.96
C LEU C 277 -5.29 23.52 9.87
N ARG C 278 -4.27 22.98 10.57
CA ARG C 278 -2.91 23.53 10.57
C ARG C 278 -1.91 22.47 11.06
N ARG C 279 -0.61 22.70 10.76
CA ARG C 279 0.48 21.76 11.04
C ARG C 279 1.37 22.24 12.19
N HIS C 280 2.30 21.36 12.60
CA HIS C 280 3.26 21.64 13.66
C HIS C 280 4.52 22.24 13.04
N ILE C 281 4.61 23.57 13.09
CA ILE C 281 5.57 24.31 12.26
C ILE C 281 7.00 24.02 12.73
N PHE C 282 7.18 24.06 14.04
CA PHE C 282 8.51 24.06 14.63
C PHE C 282 9.19 22.71 14.54
N PHE C 283 8.45 21.68 14.14
CA PHE C 283 9.04 20.40 13.79
C PHE C 283 9.64 20.47 12.41
N PHE C 284 8.93 21.09 11.47
CA PHE C 284 9.44 21.18 10.10
C PHE C 284 10.63 22.12 10.02
N LEU C 285 10.70 23.13 10.89
CA LEU C 285 11.89 23.97 10.89
C LEU C 285 13.14 23.13 11.15
N LEU C 286 13.08 22.16 12.07
CA LEU C 286 14.22 21.32 12.45
C LEU C 286 14.43 20.15 11.52
N GLN C 287 13.37 19.64 10.93
CA GLN C 287 13.52 18.53 10.00
C GLN C 287 14.07 18.95 8.65
N THR C 288 13.78 20.17 8.19
CA THR C 288 14.17 20.57 6.84
C THR C 288 15.02 21.85 6.81
N TYR C 289 14.59 22.92 7.49
CA TYR C 289 15.30 24.18 7.37
C TYR C 289 16.55 24.24 8.25
N PHE C 290 16.90 23.16 8.94
CA PHE C 290 18.09 23.23 9.79
C PHE C 290 19.32 22.57 9.17
N PRO C 291 19.24 21.31 8.69
CA PRO C 291 20.44 20.70 8.09
C PRO C 291 21.00 21.48 6.91
N ALA C 292 20.14 21.99 6.02
CA ALA C 292 20.61 22.76 4.86
C ALA C 292 21.38 23.99 5.30
N THR C 293 20.91 24.64 6.36
CA THR C 293 21.53 25.89 6.76
C THR C 293 22.91 25.61 7.30
N LEU C 294 23.03 24.53 8.09
CA LEU C 294 24.34 24.11 8.59
C LEU C 294 25.27 23.77 7.44
N MET C 295 24.75 23.12 6.38
CA MET C 295 25.59 22.77 5.24
C MET C 295 26.15 24.02 4.56
N VAL C 296 25.29 25.05 4.37
CA VAL C 296 25.78 26.27 3.73
C VAL C 296 26.84 26.92 4.60
N MET C 297 26.66 26.83 5.92
CA MET C 297 27.64 27.41 6.83
C MET C 297 28.96 26.64 6.77
N LEU C 298 28.89 25.34 6.50
CA LEU C 298 30.08 24.51 6.36
C LEU C 298 30.86 24.82 5.09
N SER C 299 30.17 25.22 4.03
CA SER C 299 30.88 25.57 2.79
C SER C 299 31.71 26.85 2.91
N TRP C 300 31.47 27.69 3.93
CA TRP C 300 32.18 28.96 4.09
C TRP C 300 33.53 28.80 4.78
N VAL C 301 33.73 27.67 5.47
CA VAL C 301 35.00 27.35 6.14
C VAL C 301 36.15 27.33 5.14
N SER C 302 35.86 27.07 3.87
CA SER C 302 36.92 26.90 2.88
C SER C 302 37.70 28.18 2.65
N PHE C 303 37.07 29.35 2.81
CA PHE C 303 37.72 30.62 2.57
C PHE C 303 38.85 30.93 3.53
N TRP C 304 38.98 30.16 4.62
CA TRP C 304 39.95 30.44 5.66
C TRP C 304 41.11 29.45 5.65
N ILE C 305 41.07 28.46 4.77
CA ILE C 305 42.15 27.48 4.61
C ILE C 305 43.14 28.01 3.59
N ASP C 306 44.40 27.62 3.75
CA ASP C 306 45.51 28.14 2.95
C ASP C 306 45.37 27.65 1.51
N ARG C 307 45.33 28.61 0.58
CA ARG C 307 45.19 28.32 -0.85
C ARG C 307 46.29 27.41 -1.37
N ARG C 308 47.42 27.31 -0.65
CA ARG C 308 48.49 26.40 -1.05
C ARG C 308 48.12 24.93 -0.86
N ALA C 309 47.14 24.63 -0.01
CA ALA C 309 46.76 23.26 0.30
C ALA C 309 45.66 22.80 -0.66
N VAL C 310 46.06 22.49 -1.89
CA VAL C 310 45.12 22.04 -2.92
C VAL C 310 44.45 20.72 -2.54
N PRO C 311 45.20 19.65 -2.13
CA PRO C 311 44.55 18.38 -1.78
C PRO C 311 43.62 18.47 -0.58
N ALA C 312 43.57 19.63 0.07
CA ALA C 312 42.69 19.85 1.21
C ALA C 312 41.51 20.74 0.90
N ARG C 313 41.64 21.67 -0.04
CA ARG C 313 40.50 22.51 -0.42
C ARG C 313 39.67 21.92 -1.54
N VAL C 314 40.25 21.07 -2.40
CA VAL C 314 39.46 20.48 -3.48
C VAL C 314 38.47 19.43 -2.99
N PRO C 315 38.85 18.43 -2.16
CA PRO C 315 37.84 17.41 -1.79
C PRO C 315 36.73 17.95 -0.90
N LEU C 316 37.00 19.04 -0.16
CA LEU C 316 36.03 19.56 0.81
C LEU C 316 34.76 19.99 0.10
N GLY C 317 34.91 20.77 -0.97
CA GLY C 317 33.75 21.28 -1.67
C GLY C 317 32.91 20.21 -2.32
N ILE C 318 33.55 19.24 -2.97
CA ILE C 318 32.76 18.26 -3.71
C ILE C 318 32.09 17.29 -2.74
N THR C 319 32.74 16.98 -1.61
CA THR C 319 32.05 16.21 -0.59
C THR C 319 30.85 16.98 -0.02
N THR C 320 30.96 18.30 0.10
CA THR C 320 29.84 19.10 0.60
C THR C 320 28.68 19.07 -0.39
N VAL C 321 29.00 19.13 -1.69
CA VAL C 321 27.95 18.97 -2.71
C VAL C 321 27.24 17.63 -2.53
N LEU C 322 28.01 16.58 -2.26
CA LEU C 322 27.43 15.23 -2.13
C LEU C 322 26.47 15.17 -0.96
N THR C 323 26.90 15.72 0.18
CA THR C 323 26.05 15.75 1.36
C THR C 323 24.75 16.49 1.09
N MET C 324 24.83 17.66 0.45
CA MET C 324 23.59 18.41 0.21
C MET C 324 22.65 17.67 -0.73
N SER C 325 23.19 16.98 -1.74
CA SER C 325 22.33 16.22 -2.65
C SER C 325 21.61 15.08 -1.91
N THR C 326 22.35 14.35 -1.07
CA THR C 326 21.77 13.32 -0.22
C THR C 326 20.60 13.89 0.60
N ILE C 327 20.80 15.08 1.17
CA ILE C 327 19.77 15.64 2.04
C ILE C 327 18.50 15.96 1.26
N ILE C 328 18.70 16.53 0.07
CA ILE C 328 17.56 16.91 -0.73
C ILE C 328 16.76 15.67 -1.16
N THR C 329 17.41 14.50 -1.25
CA THR C 329 16.62 13.29 -1.56
C THR C 329 15.93 12.67 -0.33
N GLY C 330 16.50 12.81 0.87
CA GLY C 330 15.82 12.27 2.04
C GLY C 330 14.54 13.04 2.36
N VAL C 331 14.58 14.36 2.20
CA VAL C 331 13.39 15.13 2.52
C VAL C 331 12.26 14.75 1.58
N ASN C 332 12.60 14.48 0.31
CA ASN C 332 11.60 14.16 -0.68
C ASN C 332 11.00 12.79 -0.43
N ALA C 333 11.79 11.90 0.16
CA ALA C 333 11.23 10.60 0.47
C ALA C 333 10.30 10.65 1.67
N SER C 334 10.47 11.63 2.56
CA SER C 334 9.58 11.69 3.73
C SER C 334 8.36 12.61 3.59
N MET C 335 8.18 13.36 2.47
CA MET C 335 7.04 14.25 2.23
C MET C 335 5.91 13.56 1.46
N PRO C 336 4.66 14.11 1.51
CA PRO C 336 3.50 13.42 0.91
C PRO C 336 3.44 13.09 -0.59
N ARG C 337 4.26 13.72 -1.43
CA ARG C 337 4.32 13.54 -2.89
C ARG C 337 3.35 14.36 -3.76
N VAL C 338 3.71 15.63 -4.03
CA VAL C 338 2.94 16.61 -4.80
C VAL C 338 3.81 17.16 -5.93
N SER C 339 3.23 17.38 -7.12
CA SER C 339 4.05 17.65 -8.30
C SER C 339 3.95 19.09 -8.81
N TYR C 340 3.71 20.06 -7.93
CA TYR C 340 4.01 21.45 -8.26
C TYR C 340 4.88 22.10 -7.18
N ILE C 341 5.36 23.32 -7.49
CA ILE C 341 6.43 23.90 -6.68
C ILE C 341 5.90 24.37 -5.33
N LYS C 342 6.61 24.01 -4.25
CA LYS C 342 6.25 24.33 -2.86
C LYS C 342 7.34 25.20 -2.21
N ALA C 343 6.94 25.86 -1.12
CA ALA C 343 7.81 26.83 -0.46
C ALA C 343 9.16 26.22 -0.09
N VAL C 344 9.14 24.97 0.36
CA VAL C 344 10.32 24.35 0.97
C VAL C 344 11.29 23.95 -0.13
N ASP C 345 10.74 23.62 -1.30
CA ASP C 345 11.58 23.32 -2.44
C ASP C 345 12.48 24.51 -2.79
N ILE C 346 11.92 25.73 -2.73
CA ILE C 346 12.67 26.91 -3.13
C ILE C 346 13.89 27.10 -2.24
N TYR C 347 13.68 26.99 -0.93
CA TYR C 347 14.77 27.17 0.01
C TYR C 347 15.87 26.15 -0.23
N LEU C 348 15.49 24.89 -0.48
CA LEU C 348 16.53 23.87 -0.67
C LEU C 348 17.34 24.10 -1.95
N TRP C 349 16.67 24.50 -3.03
CA TRP C 349 17.38 24.69 -4.29
C TRP C 349 18.35 25.88 -4.22
N VAL C 350 17.94 26.94 -3.53
CA VAL C 350 18.82 28.10 -3.36
C VAL C 350 20.06 27.74 -2.54
N SER C 351 19.87 26.97 -1.45
CA SER C 351 21.05 26.51 -0.70
C SER C 351 22.00 25.71 -1.60
N PHE C 352 21.42 24.88 -2.48
CA PHE C 352 22.25 24.11 -3.40
C PHE C 352 23.12 25.01 -4.28
N VAL C 353 22.53 26.08 -4.81
CA VAL C 353 23.29 27.00 -5.65
C VAL C 353 24.44 27.64 -4.87
N PHE C 354 24.20 27.99 -3.59
CA PHE C 354 25.30 28.59 -2.81
C PHE C 354 26.48 27.63 -2.70
N VAL C 355 26.19 26.35 -2.46
CA VAL C 355 27.30 25.39 -2.32
C VAL C 355 28.04 25.16 -3.64
N PHE C 356 27.34 25.19 -4.78
CA PHE C 356 27.99 25.00 -6.09
C PHE C 356 28.92 26.18 -6.41
N LEU C 357 28.49 27.38 -6.04
CA LEU C 357 29.31 28.55 -6.31
C LEU C 357 30.60 28.54 -5.50
N SER C 358 30.56 27.96 -4.29
CA SER C 358 31.80 27.94 -3.51
C SER C 358 32.89 27.14 -4.20
N VAL C 359 32.53 26.13 -4.99
CA VAL C 359 33.52 25.28 -5.64
C VAL C 359 34.14 26.04 -6.80
N LEU C 360 33.27 26.72 -7.57
CA LEU C 360 33.80 27.55 -8.66
C LEU C 360 34.77 28.62 -8.15
N GLU C 361 34.56 29.10 -6.91
CA GLU C 361 35.40 30.16 -6.35
C GLU C 361 36.87 29.74 -6.27
N TYR C 362 37.11 28.60 -5.64
CA TYR C 362 38.49 28.16 -5.45
C TYR C 362 39.11 27.76 -6.78
N ALA C 363 38.30 27.27 -7.73
CA ALA C 363 38.90 26.99 -9.03
C ALA C 363 39.48 28.24 -9.67
N ALA C 364 38.76 29.37 -9.60
CA ALA C 364 39.31 30.66 -10.07
C ALA C 364 40.63 30.99 -9.38
N VAL C 365 40.66 30.83 -8.06
CA VAL C 365 41.80 31.25 -7.23
C VAL C 365 43.04 30.45 -7.60
N ASN C 366 42.86 29.13 -7.67
CA ASN C 366 43.93 28.21 -8.04
C ASN C 366 44.50 28.56 -9.42
N TYR C 367 43.63 28.76 -10.40
CA TYR C 367 44.08 29.10 -11.74
C TYR C 367 44.90 30.39 -11.78
N LEU C 368 44.45 31.40 -11.06
CA LEU C 368 45.13 32.70 -11.08
C LEU C 368 46.50 32.61 -10.41
N THR C 369 46.58 31.91 -9.28
CA THR C 369 47.88 31.69 -8.64
C THR C 369 48.84 30.97 -9.57
N THR C 370 48.33 29.98 -10.31
CA THR C 370 49.20 29.15 -11.14
C THR C 370 49.79 29.96 -12.29
N VAL C 371 48.95 30.75 -12.96
CA VAL C 371 49.44 31.60 -14.05
C VAL C 371 50.40 32.64 -13.51
N GLN C 372 50.20 33.10 -12.27
CA GLN C 372 51.18 34.03 -11.70
C GLN C 372 52.54 33.36 -11.52
N GLU C 373 52.54 32.12 -11.01
CA GLU C 373 53.82 31.40 -10.89
C GLU C 373 54.53 31.31 -12.24
N ARG C 374 53.78 30.94 -13.27
CA ARG C 374 54.31 30.84 -14.63
C ARG C 374 54.83 32.19 -15.13
N LYS C 375 54.12 33.27 -14.79
CA LYS C 375 54.52 34.59 -15.24
C LYS C 375 55.83 35.02 -14.61
N GLU C 376 55.99 34.79 -13.30
CA GLU C 376 57.24 35.24 -12.68
C GLU C 376 58.42 34.37 -13.13
N GLN C 377 58.19 33.07 -13.24
CA GLN C 377 59.24 32.17 -13.74
C GLN C 377 59.40 32.33 -15.26
N ASP C 451 50.39 35.29 1.73
CA ASP C 451 49.45 36.38 1.52
C ASP C 451 48.09 35.85 1.07
N THR C 452 47.02 36.40 1.64
CA THR C 452 45.68 35.96 1.25
C THR C 452 45.27 36.54 -0.10
N HIS C 453 44.63 35.71 -0.94
CA HIS C 453 44.20 36.22 -2.24
C HIS C 453 43.01 37.17 -2.09
N ALA C 454 42.91 38.10 -3.05
CA ALA C 454 41.87 39.13 -2.98
C ALA C 454 40.48 38.50 -3.02
N ILE C 455 40.31 37.47 -3.85
CA ILE C 455 39.00 36.83 -3.96
C ILE C 455 38.65 36.08 -2.68
N ASP C 456 39.64 35.61 -1.93
CA ASP C 456 39.36 34.93 -0.68
C ASP C 456 38.82 35.92 0.36
N LYS C 457 39.55 37.02 0.53
CA LYS C 457 39.19 38.02 1.54
C LYS C 457 37.96 38.82 1.15
N TYR C 458 37.57 38.79 -0.13
CA TYR C 458 36.27 39.37 -0.46
C TYR C 458 35.14 38.37 -0.24
N SER C 459 35.36 37.10 -0.58
CA SER C 459 34.33 36.08 -0.38
C SER C 459 33.93 35.99 1.09
N ARG C 460 34.92 36.05 1.98
CA ARG C 460 34.65 35.97 3.43
C ARG C 460 33.61 36.98 3.89
N ILE C 461 33.49 38.11 3.19
CA ILE C 461 32.41 39.06 3.50
C ILE C 461 31.19 38.80 2.63
N ILE C 462 31.36 38.57 1.33
CA ILE C 462 30.22 38.67 0.44
C ILE C 462 29.26 37.50 0.63
N PHE C 463 29.77 36.28 0.77
CA PHE C 463 28.83 35.15 0.78
C PHE C 463 27.83 35.23 1.92
N PRO C 464 28.23 35.41 3.20
CA PRO C 464 27.23 35.41 4.28
C PRO C 464 26.21 36.53 4.12
N ALA C 465 26.65 37.70 3.63
CA ALA C 465 25.74 38.84 3.52
C ALA C 465 24.63 38.57 2.51
N ALA C 466 24.98 37.91 1.40
CA ALA C 466 23.96 37.53 0.43
C ALA C 466 22.99 36.52 1.02
N TYR C 467 23.50 35.58 1.83
CA TYR C 467 22.60 34.59 2.39
C TYR C 467 21.63 35.26 3.36
N ILE C 468 22.14 36.24 4.11
CA ILE C 468 21.30 36.99 5.04
C ILE C 468 20.22 37.77 4.28
N LEU C 469 20.58 38.38 3.15
CA LEU C 469 19.59 39.07 2.32
C LEU C 469 18.53 38.09 1.81
N PHE C 470 18.96 36.92 1.34
CA PHE C 470 18.01 35.90 0.91
C PHE C 470 17.01 35.57 2.01
N ASN C 471 17.50 35.33 3.23
CA ASN C 471 16.59 34.93 4.29
C ASN C 471 15.61 36.04 4.62
N LEU C 472 16.07 37.30 4.64
CA LEU C 472 15.16 38.41 4.91
C LEU C 472 14.02 38.45 3.90
N ILE C 473 14.34 38.39 2.60
CA ILE C 473 13.28 38.47 1.59
C ILE C 473 12.34 37.27 1.70
N TYR C 474 12.93 36.06 1.80
CA TYR C 474 12.13 34.84 1.84
C TYR C 474 11.12 34.88 2.97
N TRP C 475 11.58 35.23 4.18
CA TRP C 475 10.63 35.26 5.28
C TRP C 475 9.79 36.52 5.27
N SER C 476 10.09 37.50 4.41
CA SER C 476 9.11 38.58 4.24
C SER C 476 7.96 38.16 3.35
N ILE C 477 8.18 37.18 2.48
CA ILE C 477 7.18 36.74 1.52
C ILE C 477 6.26 35.69 2.12
N PHE C 478 6.83 34.73 2.87
CA PHE C 478 6.04 33.65 3.45
C PHE C 478 5.71 33.87 4.92
N SER C 479 6.37 34.82 5.58
CA SER C 479 6.00 35.27 6.92
C SER C 479 5.95 34.15 7.95
N ASP D 85 -47.85 -6.22 -18.04
CA ASP D 85 -46.54 -6.82 -17.78
C ASP D 85 -45.43 -5.83 -18.04
N PHE D 86 -44.88 -5.23 -16.99
CA PHE D 86 -43.84 -4.23 -17.22
C PHE D 86 -42.50 -4.87 -17.49
N SER D 87 -42.49 -5.96 -18.26
CA SER D 87 -41.28 -6.58 -18.76
C SER D 87 -41.10 -6.36 -20.26
N MET D 88 -42.17 -5.95 -20.94
CA MET D 88 -42.14 -5.54 -22.34
C MET D 88 -41.95 -4.03 -22.46
N ARG D 89 -41.07 -3.62 -23.38
CA ARG D 89 -40.77 -2.20 -23.51
C ARG D 89 -41.97 -1.47 -24.10
N PRO D 90 -42.06 -0.12 -23.90
CA PRO D 90 -43.15 0.64 -24.52
C PRO D 90 -43.04 0.72 -26.05
N GLY D 91 -44.01 0.17 -26.76
CA GLY D 91 -43.95 0.13 -28.20
C GLY D 91 -43.44 -1.19 -28.73
N PHE D 92 -43.49 -2.23 -27.90
CA PHE D 92 -43.06 -3.58 -28.24
C PHE D 92 -43.55 -4.05 -29.60
N GLY D 93 -42.63 -4.64 -30.35
CA GLY D 93 -42.93 -5.19 -31.64
C GLY D 93 -42.99 -4.18 -32.77
N GLY D 94 -43.40 -2.94 -32.48
CA GLY D 94 -43.44 -1.88 -33.46
C GLY D 94 -42.10 -1.16 -33.56
N PRO D 95 -42.10 0.18 -33.51
CA PRO D 95 -40.85 0.93 -33.67
C PRO D 95 -40.15 1.18 -32.33
N ALA D 96 -38.84 1.41 -32.45
CA ALA D 96 -37.93 1.58 -31.32
C ALA D 96 -38.34 2.76 -30.45
N ILE D 97 -38.03 2.67 -29.15
CA ILE D 97 -38.44 3.68 -28.20
C ILE D 97 -37.31 4.71 -28.06
N PRO D 98 -37.57 5.99 -28.27
CA PRO D 98 -36.54 7.04 -28.13
C PRO D 98 -36.28 7.39 -26.68
N VAL D 99 -35.04 7.17 -26.23
CA VAL D 99 -34.62 7.47 -24.87
C VAL D 99 -33.51 8.50 -24.92
N GLY D 100 -33.62 9.54 -24.12
CA GLY D 100 -32.69 10.67 -24.17
C GLY D 100 -31.95 10.88 -22.86
N VAL D 101 -30.67 11.25 -22.99
CA VAL D 101 -29.73 11.22 -21.87
C VAL D 101 -29.22 12.63 -21.57
N ASP D 102 -29.03 12.92 -20.28
CA ASP D 102 -28.47 14.17 -19.80
C ASP D 102 -27.50 13.87 -18.66
N VAL D 103 -26.37 14.58 -18.59
CA VAL D 103 -25.30 14.27 -17.64
C VAL D 103 -24.73 15.53 -17.01
N GLN D 104 -24.36 15.45 -15.73
CA GLN D 104 -23.65 16.50 -15.01
C GLN D 104 -22.53 15.87 -14.19
N VAL D 105 -21.31 16.40 -14.33
CA VAL D 105 -20.12 15.80 -13.73
C VAL D 105 -19.81 16.44 -12.37
N GLU D 106 -19.57 15.63 -11.33
CA GLU D 106 -19.36 16.18 -9.98
C GLU D 106 -17.87 16.36 -9.70
N SER D 107 -17.11 15.27 -9.73
CA SER D 107 -15.72 15.27 -9.30
C SER D 107 -14.95 14.19 -10.02
N LEU D 108 -13.63 14.34 -9.99
CA LEU D 108 -12.65 13.36 -10.48
C LEU D 108 -11.78 12.88 -9.29
N ASP D 109 -12.07 11.67 -8.82
CA ASP D 109 -11.66 11.30 -7.47
C ASP D 109 -10.21 10.82 -7.40
N SER D 110 -9.73 10.15 -8.45
CA SER D 110 -8.37 9.63 -8.46
C SER D 110 -7.97 9.16 -9.85
N ILE D 111 -6.66 8.97 -10.02
CA ILE D 111 -6.03 8.50 -11.25
C ILE D 111 -4.87 7.56 -10.89
N SER D 112 -4.80 6.39 -11.54
CA SER D 112 -3.70 5.44 -11.33
C SER D 112 -2.93 5.25 -12.63
N GLU D 113 -1.64 5.56 -12.58
CA GLU D 113 -0.75 5.50 -13.73
C GLU D 113 -0.30 4.08 -14.03
N VAL D 114 -0.09 3.29 -12.99
CA VAL D 114 0.41 1.92 -13.16
C VAL D 114 -0.69 1.02 -13.68
N ASP D 115 -1.91 1.18 -13.19
CA ASP D 115 -2.99 0.31 -13.63
C ASP D 115 -3.75 0.84 -14.84
N MET D 116 -3.50 2.10 -15.17
CA MET D 116 -4.08 2.83 -16.32
C MET D 116 -5.60 2.96 -16.23
N ASP D 117 -6.07 3.69 -15.20
CA ASP D 117 -7.51 3.95 -15.02
C ASP D 117 -7.73 5.26 -14.26
N PHE D 118 -8.99 5.73 -14.27
CA PHE D 118 -9.43 6.93 -13.54
C PHE D 118 -10.81 6.70 -12.92
N THR D 119 -11.13 7.45 -11.85
CA THR D 119 -12.40 7.31 -11.12
C THR D 119 -13.17 8.64 -11.07
N MET D 120 -14.50 8.58 -11.32
CA MET D 120 -15.36 9.75 -11.53
C MET D 120 -16.72 9.59 -10.84
N THR D 121 -17.25 10.68 -10.26
CA THR D 121 -18.60 10.71 -9.69
C THR D 121 -19.50 11.66 -10.49
N LEU D 122 -20.68 11.19 -10.90
CA LEU D 122 -21.55 11.99 -11.77
C LEU D 122 -23.02 11.78 -11.46
N TYR D 123 -23.88 12.64 -12.04
CA TYR D 123 -25.33 12.44 -12.08
C TYR D 123 -25.74 12.06 -13.51
N LEU D 124 -26.67 11.11 -13.63
CA LEU D 124 -27.10 10.57 -14.91
C LEU D 124 -28.63 10.62 -14.98
N ARG D 125 -29.16 11.19 -16.07
CA ARG D 125 -30.60 11.43 -16.18
C ARG D 125 -31.15 10.79 -17.47
N HIS D 126 -32.38 10.27 -17.41
CA HIS D 126 -33.05 9.69 -18.58
C HIS D 126 -34.44 10.28 -18.79
N TYR D 127 -34.96 10.14 -20.01
CA TYR D 127 -36.27 10.65 -20.39
C TYR D 127 -36.90 9.76 -21.44
N TRP D 128 -38.24 9.68 -21.38
CA TRP D 128 -39.05 8.94 -22.32
C TRP D 128 -40.54 9.16 -22.02
N LYS D 129 -41.39 8.63 -22.90
CA LYS D 129 -42.85 8.70 -22.78
C LYS D 129 -43.42 7.30 -22.76
N ASP D 130 -44.16 6.98 -21.70
CA ASP D 130 -44.82 5.69 -21.52
C ASP D 130 -46.24 5.94 -21.05
N GLU D 131 -47.20 5.31 -21.74
CA GLU D 131 -48.61 5.52 -21.47
C GLU D 131 -49.18 4.64 -20.38
N ARG D 132 -48.62 3.44 -20.14
CA ARG D 132 -49.04 2.63 -19.01
C ARG D 132 -48.78 3.34 -17.67
N LEU D 133 -48.13 4.50 -17.70
CA LEU D 133 -47.78 5.25 -16.52
C LEU D 133 -48.58 6.54 -16.37
N SER D 134 -49.67 6.67 -17.14
CA SER D 134 -50.50 7.88 -17.11
C SER D 134 -51.52 7.81 -15.98
N PHE D 135 -51.88 8.99 -15.47
CA PHE D 135 -52.87 9.06 -14.40
C PHE D 135 -53.80 10.24 -14.57
N PRO D 136 -55.06 10.14 -14.10
CA PRO D 136 -56.03 11.23 -14.31
C PRO D 136 -55.92 12.39 -13.33
N SER D 137 -55.15 13.44 -13.66
CA SER D 137 -55.10 14.62 -12.81
C SER D 137 -55.04 15.88 -13.69
N THR D 138 -55.59 16.96 -13.17
CA THR D 138 -55.72 18.18 -13.94
C THR D 138 -54.53 19.10 -13.80
N ASN D 139 -53.56 18.75 -12.97
CA ASN D 139 -52.57 19.72 -12.49
C ASN D 139 -51.60 20.14 -13.59
N ASN D 140 -51.41 19.30 -14.59
CA ASN D 140 -50.41 19.48 -15.64
C ASN D 140 -49.01 19.67 -15.07
N LEU D 141 -48.69 18.93 -14.01
CA LEU D 141 -47.43 19.04 -13.26
C LEU D 141 -46.94 17.68 -12.77
N SER D 142 -45.62 17.54 -12.67
CA SER D 142 -45.03 16.24 -12.32
C SER D 142 -45.16 15.92 -10.84
N MET D 143 -45.12 14.61 -10.52
CA MET D 143 -45.35 14.05 -9.18
C MET D 143 -44.29 12.98 -8.91
N THR D 144 -43.86 12.86 -7.66
CA THR D 144 -42.58 12.23 -7.32
C THR D 144 -42.77 10.87 -6.65
N PHE D 145 -42.04 9.86 -7.13
CA PHE D 145 -41.84 8.54 -6.53
C PHE D 145 -40.34 8.28 -6.31
N ASP D 146 -39.99 7.13 -5.74
CA ASP D 146 -38.59 6.80 -5.47
C ASP D 146 -38.26 5.35 -5.81
N GLY D 147 -37.12 4.87 -5.28
CA GLY D 147 -36.54 3.61 -5.73
C GLY D 147 -37.43 2.39 -5.58
N ARG D 148 -38.41 2.43 -4.67
CA ARG D 148 -39.25 1.25 -4.48
C ARG D 148 -40.15 1.03 -5.70
N LEU D 149 -40.68 2.12 -6.26
CA LEU D 149 -41.41 2.05 -7.52
C LEU D 149 -40.52 1.59 -8.66
N VAL D 150 -39.22 1.85 -8.59
CA VAL D 150 -38.33 1.51 -9.70
C VAL D 150 -38.24 -0.01 -9.86
N LYS D 151 -38.44 -0.75 -8.78
CA LYS D 151 -38.39 -2.22 -8.85
C LYS D 151 -39.70 -2.82 -9.34
N LYS D 152 -40.75 -2.02 -9.53
CA LYS D 152 -42.01 -2.52 -10.03
C LYS D 152 -42.23 -2.24 -11.51
N ILE D 153 -41.79 -1.07 -11.99
CA ILE D 153 -42.05 -0.62 -13.35
C ILE D 153 -40.92 -1.07 -14.27
N TRP D 154 -41.03 -0.75 -15.55
CA TRP D 154 -39.95 -0.97 -16.51
C TRP D 154 -39.09 0.29 -16.62
N VAL D 155 -37.80 0.09 -16.86
CA VAL D 155 -36.77 1.13 -16.78
C VAL D 155 -35.62 0.77 -17.74
N PRO D 156 -34.93 1.74 -18.35
CA PRO D 156 -33.77 1.41 -19.19
C PRO D 156 -32.68 0.65 -18.42
N ASP D 157 -31.69 0.16 -19.18
CA ASP D 157 -30.61 -0.67 -18.66
C ASP D 157 -29.25 -0.22 -19.22
N MET D 158 -28.92 1.06 -19.09
CA MET D 158 -27.62 1.53 -19.58
C MET D 158 -26.48 0.98 -18.71
N PHE D 159 -25.31 0.86 -19.32
CA PHE D 159 -24.12 0.45 -18.60
C PHE D 159 -22.90 1.16 -19.18
N PHE D 160 -21.79 1.06 -18.46
CA PHE D 160 -20.58 1.84 -18.69
C PHE D 160 -19.55 0.98 -19.41
N VAL D 161 -19.27 1.27 -20.67
CA VAL D 161 -18.40 0.41 -21.45
C VAL D 161 -16.95 0.72 -21.11
N HIS D 162 -16.15 -0.34 -20.98
CA HIS D 162 -14.72 -0.28 -20.61
C HIS D 162 -14.55 0.28 -19.20
N SER D 163 -15.44 -0.12 -18.29
CA SER D 163 -15.29 0.15 -16.87
C SER D 163 -14.71 -1.04 -16.13
N LYS D 164 -13.97 -0.74 -15.06
CA LYS D 164 -13.42 -1.77 -14.19
C LYS D 164 -14.28 -2.01 -12.95
N ARG D 165 -15.00 -0.99 -12.47
CA ARG D 165 -15.82 -1.06 -11.26
C ARG D 165 -16.67 0.20 -11.15
N SER D 166 -17.88 0.05 -10.61
CA SER D 166 -18.81 1.17 -10.40
C SER D 166 -19.76 0.84 -9.26
N PHE D 167 -20.55 1.83 -8.85
CA PHE D 167 -21.60 1.62 -7.84
C PHE D 167 -22.49 2.85 -7.72
N ILE D 168 -23.67 2.62 -7.13
CA ILE D 168 -24.67 3.66 -6.87
C ILE D 168 -24.68 3.94 -5.37
N HIS D 169 -24.73 5.23 -5.00
CA HIS D 169 -24.66 5.62 -3.60
C HIS D 169 -25.99 5.34 -2.89
N ASP D 170 -25.90 5.02 -1.59
CA ASP D 170 -27.05 4.51 -0.84
C ASP D 170 -27.16 5.03 0.59
N THR D 171 -26.66 6.24 0.88
CA THR D 171 -26.78 6.80 2.22
C THR D 171 -27.25 8.24 2.13
N THR D 172 -28.31 8.58 2.89
CA THR D 172 -28.91 7.67 3.88
C THR D 172 -29.92 6.67 3.32
N THR D 173 -30.13 6.77 2.01
CA THR D 173 -31.02 5.88 1.27
C THR D 173 -30.59 5.95 -0.17
N ASP D 174 -31.17 5.08 -1.01
CA ASP D 174 -30.75 5.02 -2.41
C ASP D 174 -30.86 6.39 -3.08
N ASN D 175 -29.78 6.80 -3.73
CA ASN D 175 -29.73 8.08 -4.44
C ASN D 175 -30.45 7.94 -5.79
N VAL D 176 -31.78 7.81 -5.71
CA VAL D 176 -32.62 7.56 -6.88
C VAL D 176 -33.82 8.48 -6.84
N MET D 177 -34.22 8.99 -8.01
CA MET D 177 -35.35 9.92 -8.16
C MET D 177 -36.21 9.51 -9.34
N LEU D 178 -37.54 9.63 -9.21
CA LEU D 178 -38.49 9.27 -10.26
C LEU D 178 -39.65 10.26 -10.26
N ARG D 179 -39.84 11.01 -11.35
CA ARG D 179 -40.89 12.03 -11.48
C ARG D 179 -41.80 11.69 -12.64
N VAL D 180 -43.12 11.72 -12.43
CA VAL D 180 -44.08 11.24 -13.42
C VAL D 180 -45.14 12.30 -13.66
N GLN D 181 -45.34 12.67 -14.96
CA GLN D 181 -46.19 13.75 -15.46
C GLN D 181 -47.53 13.25 -15.95
N PRO D 182 -48.57 14.10 -15.97
CA PRO D 182 -49.91 13.60 -16.30
C PRO D 182 -49.99 12.97 -17.69
N ASP D 183 -49.21 13.43 -18.65
CA ASP D 183 -49.26 12.87 -19.99
C ASP D 183 -48.41 11.62 -20.16
N GLY D 184 -47.58 11.30 -19.17
CA GLY D 184 -46.78 10.09 -19.20
C GLY D 184 -45.29 10.22 -19.50
N LYS D 185 -44.70 11.41 -19.35
CA LYS D 185 -43.29 11.63 -19.62
C LYS D 185 -42.51 11.44 -18.31
N VAL D 186 -41.71 10.37 -18.25
CA VAL D 186 -40.97 9.98 -17.05
C VAL D 186 -39.59 10.63 -17.06
N LEU D 187 -39.11 10.98 -15.86
CA LEU D 187 -37.73 11.40 -15.63
C LEU D 187 -37.13 10.54 -14.52
N TYR D 188 -35.90 10.08 -14.73
CA TYR D 188 -35.26 9.08 -13.88
C TYR D 188 -33.78 9.42 -13.75
N SER D 189 -33.26 9.39 -12.51
CA SER D 189 -32.00 10.04 -12.16
C SER D 189 -31.26 9.26 -11.10
N LEU D 190 -29.93 9.24 -11.23
CA LEU D 190 -29.03 8.42 -10.41
C LEU D 190 -27.77 9.20 -10.09
N ARG D 191 -27.11 8.82 -8.99
CA ARG D 191 -25.79 9.31 -8.61
C ARG D 191 -24.85 8.10 -8.56
N VAL D 192 -23.71 8.17 -9.25
CA VAL D 192 -22.83 7.01 -9.41
C VAL D 192 -21.37 7.43 -9.47
N THR D 193 -20.49 6.47 -9.17
CA THR D 193 -19.05 6.60 -9.31
C THR D 193 -18.55 5.48 -10.19
N VAL D 194 -17.69 5.79 -11.16
CA VAL D 194 -17.18 4.80 -12.11
C VAL D 194 -15.67 4.92 -12.20
N THR D 195 -15.01 3.77 -12.33
CA THR D 195 -13.60 3.69 -12.70
C THR D 195 -13.51 3.15 -14.12
N ALA D 196 -12.84 3.88 -14.99
CA ALA D 196 -12.82 3.56 -16.41
C ALA D 196 -11.40 3.45 -16.89
N MET D 197 -11.14 2.44 -17.72
CA MET D 197 -9.82 2.17 -18.27
C MET D 197 -9.37 3.25 -19.26
N CYS D 198 -8.16 3.79 -19.06
CA CYS D 198 -7.62 4.74 -20.04
C CYS D 198 -6.24 4.31 -20.49
N ASN D 199 -6.07 4.08 -21.80
CA ASN D 199 -4.77 3.71 -22.37
C ASN D 199 -3.87 4.93 -22.51
N MET D 200 -2.64 4.85 -21.99
CA MET D 200 -1.72 5.98 -21.83
C MET D 200 -0.35 5.60 -22.36
N ASP D 201 0.35 6.56 -22.98
CA ASP D 201 1.69 6.36 -23.52
C ASP D 201 2.66 7.29 -22.80
N PHE D 202 3.72 6.71 -22.22
CA PHE D 202 4.64 7.46 -21.39
C PHE D 202 5.97 7.76 -22.08
N SER D 203 6.05 7.55 -23.41
CA SER D 203 7.35 7.68 -24.06
C SER D 203 7.83 9.11 -24.06
N ARG D 204 6.94 10.08 -23.93
CA ARG D 204 7.39 11.47 -23.96
C ARG D 204 7.50 12.10 -22.59
N PHE D 205 7.31 11.30 -21.49
CA PHE D 205 7.33 11.76 -20.09
C PHE D 205 8.61 12.51 -19.78
N PRO D 206 8.55 13.71 -19.19
CA PRO D 206 7.26 14.24 -18.70
C PRO D 206 6.58 15.27 -19.60
N LEU D 207 6.82 15.25 -20.91
CA LEU D 207 6.24 16.21 -21.82
C LEU D 207 5.03 15.65 -22.58
N ASP D 208 4.36 14.64 -22.02
CA ASP D 208 3.23 13.97 -22.64
C ASP D 208 1.90 14.69 -22.40
N THR D 209 0.92 14.24 -23.18
CA THR D 209 -0.47 14.65 -23.08
C THR D 209 -1.33 13.38 -23.22
N GLN D 210 -2.30 13.18 -22.33
CA GLN D 210 -3.09 11.95 -22.36
C GLN D 210 -4.55 12.28 -22.71
N THR D 211 -5.21 11.42 -23.48
CA THR D 211 -6.62 11.65 -23.82
C THR D 211 -7.45 10.47 -23.29
N CYS D 212 -8.57 10.76 -22.62
CA CYS D 212 -9.43 9.75 -21.98
C CYS D 212 -10.89 10.01 -22.29
N SER D 213 -11.74 9.00 -22.07
CA SER D 213 -13.15 9.04 -22.45
C SER D 213 -13.99 8.15 -21.54
N LEU D 214 -15.28 8.50 -21.43
CA LEU D 214 -16.30 7.70 -20.76
C LEU D 214 -17.41 7.34 -21.75
N GLU D 215 -17.75 6.06 -21.81
CA GLU D 215 -18.63 5.50 -22.83
C GLU D 215 -19.90 4.92 -22.21
N ILE D 216 -21.04 5.22 -22.82
CA ILE D 216 -22.35 4.80 -22.33
C ILE D 216 -23.09 4.02 -23.42
N GLU D 217 -23.67 2.89 -23.02
CA GLU D 217 -24.31 1.96 -23.95
C GLU D 217 -25.47 1.24 -23.28
N SER D 218 -26.45 0.79 -24.08
CA SER D 218 -27.50 -0.10 -23.59
C SER D 218 -27.05 -1.55 -23.66
N TYR D 219 -27.36 -2.33 -22.62
CA TYR D 219 -26.83 -3.69 -22.57
C TYR D 219 -27.67 -4.66 -23.40
N ALA D 220 -28.99 -4.67 -23.21
CA ALA D 220 -29.79 -5.73 -23.81
C ALA D 220 -30.37 -5.41 -25.19
N TYR D 221 -30.63 -4.14 -25.52
CA TYR D 221 -31.49 -3.76 -26.67
C TYR D 221 -30.68 -3.16 -27.81
N THR D 222 -30.94 -3.61 -29.04
CA THR D 222 -30.30 -3.06 -30.24
C THR D 222 -30.98 -1.77 -30.70
N GLU D 223 -30.39 -1.17 -31.76
CA GLU D 223 -30.85 0.12 -32.28
C GLU D 223 -32.22 0.03 -32.94
N ASP D 224 -32.73 -1.17 -33.21
CA ASP D 224 -34.08 -1.35 -33.74
C ASP D 224 -35.12 -1.42 -32.65
N ASP D 225 -34.72 -1.52 -31.39
CA ASP D 225 -35.64 -1.57 -30.26
C ASP D 225 -35.53 -0.35 -29.36
N LEU D 226 -34.31 0.13 -29.10
CA LEU D 226 -34.07 1.30 -28.27
C LEU D 226 -33.15 2.27 -29.00
N MET D 227 -33.55 3.54 -29.05
CA MET D 227 -32.81 4.60 -29.71
C MET D 227 -32.29 5.59 -28.66
N LEU D 228 -30.98 5.83 -28.67
CA LEU D 228 -30.28 6.57 -27.63
C LEU D 228 -29.59 7.80 -28.20
N TYR D 229 -29.77 8.96 -27.55
CA TYR D 229 -29.21 10.22 -28.04
C TYR D 229 -29.04 11.23 -26.91
N TRP D 230 -28.23 12.27 -27.17
CA TRP D 230 -28.07 13.38 -26.21
C TRP D 230 -29.28 14.31 -26.26
N LYS D 231 -29.86 14.62 -25.09
CA LYS D 231 -31.14 15.32 -25.05
C LYS D 231 -31.08 16.67 -25.76
N LYS D 232 -30.01 17.45 -25.53
CA LYS D 232 -29.92 18.81 -26.05
C LYS D 232 -28.59 19.07 -26.74
N GLY D 233 -28.13 18.11 -27.55
CA GLY D 233 -26.83 18.24 -28.22
C GLY D 233 -25.63 18.43 -27.30
N ASN D 234 -24.74 19.32 -27.74
CA ASN D 234 -23.52 19.62 -27.00
C ASN D 234 -23.79 20.22 -25.63
N ASP D 235 -25.02 20.70 -25.40
CA ASP D 235 -25.43 21.32 -24.14
C ASP D 235 -25.97 20.33 -23.14
N SER D 236 -26.00 19.04 -23.48
CA SER D 236 -26.42 18.00 -22.55
C SER D 236 -25.31 17.56 -21.60
N LEU D 237 -24.18 18.25 -21.56
CA LEU D 237 -23.16 18.01 -20.55
C LEU D 237 -22.90 19.27 -19.72
N LYS D 238 -22.91 19.11 -18.39
CA LYS D 238 -22.61 20.17 -17.43
C LYS D 238 -21.44 19.72 -16.55
N THR D 239 -20.58 20.66 -16.11
CA THR D 239 -19.38 20.30 -15.34
C THR D 239 -19.17 21.28 -14.19
N ASP D 240 -18.68 20.75 -13.06
CA ASP D 240 -18.56 21.47 -11.78
C ASP D 240 -17.34 22.38 -11.73
N GLU D 241 -17.48 23.51 -11.01
CA GLU D 241 -16.49 24.58 -11.17
C GLU D 241 -15.18 24.29 -10.46
N ARG D 242 -15.22 23.45 -9.42
CA ARG D 242 -14.08 23.16 -8.57
C ARG D 242 -13.49 21.79 -8.86
N ILE D 243 -13.70 21.26 -10.06
CA ILE D 243 -13.07 19.99 -10.40
C ILE D 243 -11.56 20.22 -10.56
N SER D 244 -10.76 19.44 -9.82
CA SER D 244 -9.33 19.70 -9.76
C SER D 244 -8.59 18.39 -9.54
N LEU D 245 -7.28 18.42 -9.77
CA LEU D 245 -6.38 17.29 -9.56
C LEU D 245 -5.05 17.81 -9.02
N SER D 246 -4.39 16.97 -8.22
CA SER D 246 -3.13 17.41 -7.65
C SER D 246 -1.96 17.27 -8.61
N GLN D 247 -2.01 16.33 -9.55
CA GLN D 247 -0.87 16.12 -10.44
C GLN D 247 -1.10 16.58 -11.88
N PHE D 248 -2.28 17.08 -12.26
CA PHE D 248 -2.61 17.26 -13.68
C PHE D 248 -3.40 18.56 -13.89
N LEU D 249 -3.59 18.94 -15.17
CA LEU D 249 -4.49 20.03 -15.51
C LEU D 249 -5.50 19.54 -16.54
N ILE D 250 -6.78 19.89 -16.35
CA ILE D 250 -7.89 19.33 -17.11
C ILE D 250 -8.46 20.38 -18.06
N GLN D 251 -8.75 19.97 -19.29
CA GLN D 251 -9.31 20.88 -20.29
C GLN D 251 -10.06 20.10 -21.36
N GLU D 252 -10.96 20.81 -22.05
CA GLU D 252 -11.58 20.38 -23.32
C GLU D 252 -12.66 19.31 -23.21
N PHE D 253 -13.71 19.56 -22.41
CA PHE D 253 -14.83 18.63 -22.28
C PHE D 253 -15.78 18.76 -23.46
N HIS D 254 -16.05 17.65 -24.17
CA HIS D 254 -17.12 17.67 -25.17
C HIS D 254 -17.68 16.26 -25.38
N THR D 255 -18.82 16.18 -26.07
CA THR D 255 -19.54 14.93 -26.30
C THR D 255 -19.43 14.49 -27.76
N THR D 256 -19.47 13.17 -27.99
CA THR D 256 -19.59 12.58 -29.32
C THR D 256 -20.49 11.33 -29.25
N THR D 257 -20.90 10.84 -30.42
CA THR D 257 -21.65 9.58 -30.55
C THR D 257 -21.05 8.68 -31.65
N LYS D 258 -21.30 7.36 -31.54
CA LYS D 258 -20.82 6.40 -32.55
C LYS D 258 -21.60 5.07 -32.48
N LEU D 259 -21.88 4.48 -33.64
CA LEU D 259 -22.52 3.17 -33.73
C LEU D 259 -21.51 2.03 -33.57
N ALA D 260 -21.88 1.00 -32.79
CA ALA D 260 -20.99 -0.12 -32.47
C ALA D 260 -21.64 -1.46 -32.80
N PHE D 261 -20.79 -2.46 -33.05
CA PHE D 261 -21.22 -3.78 -33.53
C PHE D 261 -20.58 -4.90 -32.72
N TYR D 262 -21.40 -5.86 -32.31
CA TYR D 262 -20.92 -7.12 -31.73
C TYR D 262 -21.29 -8.27 -32.64
N SER D 263 -20.39 -9.22 -32.80
CA SER D 263 -20.57 -10.22 -33.84
C SER D 263 -21.67 -11.22 -33.50
N SER D 264 -21.83 -11.54 -32.22
CA SER D 264 -22.84 -12.49 -31.79
C SER D 264 -24.15 -11.83 -31.39
N THR D 265 -24.26 -10.49 -31.44
CA THR D 265 -25.45 -9.82 -30.90
C THR D 265 -26.07 -8.65 -31.69
N GLY D 266 -25.31 -7.78 -32.42
CA GLY D 266 -25.94 -6.78 -33.26
C GLY D 266 -25.31 -5.39 -33.17
N TRP D 267 -26.07 -4.36 -33.62
CA TRP D 267 -25.63 -2.97 -33.68
C TRP D 267 -26.24 -2.14 -32.56
N TYR D 268 -25.41 -1.40 -31.82
CA TYR D 268 -25.84 -0.61 -30.67
C TYR D 268 -25.36 0.83 -30.76
N ASN D 269 -26.15 1.74 -30.19
CA ASN D 269 -25.82 3.16 -30.13
C ASN D 269 -24.97 3.45 -28.91
N ARG D 270 -23.96 4.31 -29.07
CA ARG D 270 -23.02 4.60 -27.99
C ARG D 270 -22.74 6.10 -27.89
N LEU D 271 -22.68 6.60 -26.65
CA LEU D 271 -22.38 8.00 -26.36
C LEU D 271 -21.03 8.11 -25.64
N TYR D 272 -20.34 9.25 -25.83
CA TYR D 272 -18.98 9.45 -25.32
C TYR D 272 -18.84 10.81 -24.63
N ILE D 273 -18.03 10.84 -23.56
CA ILE D 273 -17.62 12.06 -22.85
C ILE D 273 -16.10 12.13 -22.85
N ASN D 274 -15.54 13.11 -23.56
CA ASN D 274 -14.10 13.18 -23.81
C ASN D 274 -13.47 14.36 -23.08
N PHE D 275 -12.17 14.24 -22.77
CA PHE D 275 -11.40 15.34 -22.17
C PHE D 275 -9.89 15.09 -22.28
N THR D 276 -9.11 16.13 -21.96
CA THR D 276 -7.66 16.16 -22.16
C THR D 276 -6.94 16.45 -20.83
N LEU D 277 -5.66 16.04 -20.73
CA LEU D 277 -4.85 16.10 -19.50
C LEU D 277 -3.39 16.54 -19.81
N ARG D 278 -2.73 17.18 -18.83
CA ARG D 278 -1.34 17.64 -18.96
C ARG D 278 -0.72 17.90 -17.58
N ARG D 279 0.62 17.96 -17.55
CA ARG D 279 1.41 18.08 -16.31
C ARG D 279 2.02 19.48 -16.15
N HIS D 280 2.62 19.71 -14.97
CA HIS D 280 3.30 20.97 -14.63
C HIS D 280 4.77 20.86 -15.05
N ILE D 281 5.08 21.40 -16.23
CA ILE D 281 6.35 21.10 -16.90
C ILE D 281 7.52 21.71 -16.11
N PHE D 282 7.33 22.94 -15.69
CA PHE D 282 8.42 23.75 -15.15
C PHE D 282 8.85 23.29 -13.77
N PHE D 283 8.07 22.42 -13.15
CA PHE D 283 8.50 21.75 -11.94
C PHE D 283 9.45 20.62 -12.26
N PHE D 284 9.16 19.86 -13.31
CA PHE D 284 10.01 18.75 -13.69
C PHE D 284 11.34 19.25 -14.24
N LEU D 285 11.35 20.41 -14.89
CA LEU D 285 12.63 20.95 -15.34
C LEU D 285 13.60 21.12 -14.16
N LEU D 286 13.09 21.61 -13.00
CA LEU D 286 13.92 21.86 -11.82
C LEU D 286 14.16 20.62 -10.97
N GLN D 287 13.22 19.69 -10.97
CA GLN D 287 13.41 18.47 -10.21
C GLN D 287 14.39 17.50 -10.87
N THR D 288 14.45 17.48 -12.20
CA THR D 288 15.26 16.46 -12.88
C THR D 288 16.31 17.07 -13.83
N TYR D 289 15.92 17.99 -14.71
CA TYR D 289 16.86 18.48 -15.71
C TYR D 289 17.80 19.54 -15.17
N PHE D 290 17.74 19.85 -13.87
CA PHE D 290 18.65 20.88 -13.34
C PHE D 290 19.86 20.30 -12.62
N PRO D 291 19.69 19.40 -11.64
CA PRO D 291 20.87 18.86 -10.95
C PRO D 291 21.86 18.17 -11.88
N ALA D 292 21.38 17.38 -12.84
CA ALA D 292 22.29 16.70 -13.77
C ALA D 292 23.12 17.69 -14.56
N THR D 293 22.50 18.81 -14.94
CA THR D 293 23.21 19.75 -15.81
C THR D 293 24.31 20.41 -15.00
N LEU D 294 24.01 20.75 -13.75
CA LEU D 294 25.04 21.31 -12.87
C LEU D 294 26.17 20.31 -12.66
N MET D 295 25.84 19.01 -12.53
CA MET D 295 26.90 18.02 -12.34
C MET D 295 27.83 17.96 -13.55
N VAL D 296 27.27 17.99 -14.76
CA VAL D 296 28.12 17.94 -15.95
C VAL D 296 29.00 19.18 -16.00
N MET D 297 28.46 20.31 -15.55
CA MET D 297 29.24 21.54 -15.53
C MET D 297 30.37 21.46 -14.51
N LEU D 298 30.13 20.72 -13.42
CA LEU D 298 31.14 20.54 -12.39
C LEU D 298 32.28 19.64 -12.86
N SER D 299 32.00 18.68 -13.74
CA SER D 299 33.07 17.83 -14.26
C SER D 299 34.06 18.56 -15.17
N TRP D 300 33.70 19.74 -15.68
CA TRP D 300 34.56 20.48 -16.60
C TRP D 300 35.61 21.32 -15.87
N VAL D 301 35.42 21.57 -14.58
CA VAL D 301 36.37 22.31 -13.75
C VAL D 301 37.72 21.62 -13.72
N SER D 302 37.75 20.31 -13.95
CA SER D 302 39.00 19.55 -13.83
C SER D 302 40.04 19.96 -14.86
N PHE D 303 39.60 20.41 -16.04
CA PHE D 303 40.51 20.77 -17.12
C PHE D 303 41.38 21.98 -16.79
N TRP D 304 41.05 22.72 -15.72
CA TRP D 304 41.74 23.96 -15.40
C TRP D 304 42.66 23.81 -14.19
N ILE D 305 42.69 22.63 -13.56
CA ILE D 305 43.57 22.34 -12.43
C ILE D 305 44.89 21.79 -12.97
N ASP D 306 45.95 22.05 -12.22
CA ASP D 306 47.31 21.71 -12.65
C ASP D 306 47.49 20.20 -12.69
N ARG D 307 47.89 19.69 -13.87
CA ARG D 307 48.08 18.27 -14.08
C ARG D 307 49.10 17.66 -13.11
N ARG D 308 49.95 18.50 -12.50
CA ARG D 308 50.90 18.02 -11.51
C ARG D 308 50.23 17.58 -10.22
N ALA D 309 49.02 18.06 -9.93
CA ALA D 309 48.32 17.77 -8.68
C ALA D 309 47.47 16.52 -8.85
N VAL D 310 48.12 15.35 -8.84
CA VAL D 310 47.43 14.08 -9.01
C VAL D 310 46.45 13.80 -7.85
N PRO D 311 46.86 13.93 -6.56
CA PRO D 311 45.91 13.66 -5.46
C PRO D 311 44.73 14.62 -5.41
N ALA D 312 44.71 15.61 -6.30
CA ALA D 312 43.62 16.58 -6.37
C ALA D 312 42.74 16.39 -7.59
N ARG D 313 43.29 15.90 -8.71
CA ARG D 313 42.48 15.64 -9.88
C ARG D 313 41.88 14.23 -9.91
N VAL D 314 42.51 13.25 -9.26
CA VAL D 314 41.95 11.90 -9.26
C VAL D 314 40.69 11.78 -8.40
N PRO D 315 40.64 12.24 -7.14
CA PRO D 315 39.41 12.01 -6.36
C PRO D 315 38.21 12.81 -6.87
N LEU D 316 38.46 13.93 -7.57
CA LEU D 316 37.38 14.81 -8.00
C LEU D 316 36.45 14.08 -8.96
N GLY D 317 37.02 13.41 -9.96
CA GLY D 317 36.22 12.74 -10.96
C GLY D 317 35.40 11.60 -10.39
N ILE D 318 36.01 10.78 -9.53
CA ILE D 318 35.29 9.60 -9.09
C ILE D 318 34.21 9.99 -8.08
N THR D 319 34.46 11.04 -7.27
CA THR D 319 33.38 11.56 -6.43
C THR D 319 32.24 12.13 -7.28
N THR D 320 32.56 12.73 -8.42
CA THR D 320 31.51 13.26 -9.29
C THR D 320 30.68 12.12 -9.88
N VAL D 321 31.34 11.02 -10.26
CA VAL D 321 30.59 9.84 -10.70
C VAL D 321 29.63 9.38 -9.61
N LEU D 322 30.09 9.38 -8.36
CA LEU D 322 29.27 8.90 -7.24
C LEU D 322 28.03 9.75 -7.09
N THR D 323 28.22 11.08 -7.12
CA THR D 323 27.10 12.00 -7.01
C THR D 323 26.08 11.78 -8.12
N MET D 324 26.55 11.64 -9.37
CA MET D 324 25.59 11.45 -10.45
C MET D 324 24.81 10.13 -10.31
N SER D 325 25.47 9.07 -9.85
CA SER D 325 24.76 7.80 -9.67
C SER D 325 23.68 7.93 -8.59
N THR D 326 24.02 8.56 -7.47
CA THR D 326 23.04 8.85 -6.43
C THR D 326 21.82 9.58 -6.99
N ILE D 327 22.07 10.57 -7.85
CA ILE D 327 20.96 11.38 -8.37
C ILE D 327 20.04 10.53 -9.23
N ILE D 328 20.66 9.69 -10.07
CA ILE D 328 19.87 8.88 -10.96
C ILE D 328 19.00 7.89 -10.18
N THR D 329 19.42 7.50 -8.98
CA THR D 329 18.54 6.62 -8.18
C THR D 329 17.44 7.39 -7.42
N GLY D 330 17.69 8.64 -7.01
CA GLY D 330 16.62 9.38 -6.35
C GLY D 330 15.47 9.70 -7.29
N VAL D 331 15.79 10.04 -8.53
CA VAL D 331 14.72 10.40 -9.46
C VAL D 331 13.84 9.17 -9.69
N ASN D 332 14.45 8.00 -9.75
CA ASN D 332 13.72 6.77 -10.03
C ASN D 332 12.85 6.40 -8.86
N ALA D 333 13.26 6.76 -7.65
CA ALA D 333 12.40 6.45 -6.52
C ALA D 333 11.22 7.40 -6.44
N SER D 334 11.30 8.59 -7.03
CA SER D 334 10.16 9.50 -6.95
C SER D 334 9.21 9.48 -8.15
N MET D 335 9.48 8.70 -9.23
CA MET D 335 8.64 8.58 -10.42
C MET D 335 7.65 7.42 -10.34
N PRO D 336 6.57 7.42 -11.15
CA PRO D 336 5.49 6.39 -11.01
C PRO D 336 5.79 4.89 -11.20
N ARG D 337 6.92 4.52 -11.82
CA ARG D 337 7.34 3.13 -12.08
C ARG D 337 6.80 2.45 -13.36
N VAL D 338 7.45 2.75 -14.51
CA VAL D 338 7.11 2.25 -15.84
C VAL D 338 8.35 1.59 -16.46
N SER D 339 8.16 0.47 -17.19
CA SER D 339 9.31 -0.35 -17.58
C SER D 339 9.62 -0.30 -19.07
N TYR D 340 9.34 0.81 -19.75
CA TYR D 340 9.95 1.07 -21.05
C TYR D 340 10.60 2.45 -21.08
N ILE D 341 11.36 2.71 -22.16
CA ILE D 341 12.26 3.86 -22.15
C ILE D 341 11.47 5.17 -22.30
N LYS D 342 11.78 6.16 -21.46
CA LYS D 342 11.13 7.46 -21.41
C LYS D 342 12.13 8.58 -21.71
N ALA D 343 11.58 9.75 -22.08
CA ALA D 343 12.40 10.87 -22.54
C ALA D 343 13.46 11.24 -21.51
N VAL D 344 13.09 11.19 -20.24
CA VAL D 344 13.92 11.74 -19.17
C VAL D 344 15.06 10.79 -18.88
N ASP D 345 14.81 9.51 -19.08
CA ASP D 345 15.87 8.51 -18.94
C ASP D 345 17.02 8.80 -19.90
N ILE D 346 16.70 9.19 -21.14
CA ILE D 346 17.73 9.40 -22.15
C ILE D 346 18.67 10.51 -21.73
N TYR D 347 18.09 11.63 -21.27
CA TYR D 347 18.90 12.76 -20.86
C TYR D 347 19.82 12.38 -19.71
N LEU D 348 19.30 11.61 -18.72
CA LEU D 348 20.15 11.28 -17.58
C LEU D 348 21.30 10.36 -17.98
N TRP D 349 21.04 9.38 -18.86
CA TRP D 349 22.10 8.44 -19.22
C TRP D 349 23.20 9.12 -20.03
N VAL D 350 22.82 10.07 -20.89
CA VAL D 350 23.82 10.81 -21.66
C VAL D 350 24.70 11.66 -20.75
N SER D 351 24.09 12.34 -19.77
CA SER D 351 24.90 13.08 -18.80
C SER D 351 25.90 12.15 -18.09
N PHE D 352 25.45 10.94 -17.76
CA PHE D 352 26.34 9.98 -17.12
C PHE D 352 27.56 9.67 -17.99
N VAL D 353 27.35 9.47 -19.29
CA VAL D 353 28.47 9.18 -20.17
C VAL D 353 29.46 10.35 -20.22
N PHE D 354 28.95 11.60 -20.21
CA PHE D 354 29.88 12.74 -20.23
C PHE D 354 30.79 12.71 -19.00
N VAL D 355 30.21 12.42 -17.83
CA VAL D 355 31.05 12.41 -16.62
C VAL D 355 32.07 11.25 -16.62
N PHE D 356 31.72 10.10 -17.19
CA PHE D 356 32.66 8.97 -17.24
C PHE D 356 33.84 9.28 -18.17
N LEU D 357 33.55 9.97 -19.27
CA LEU D 357 34.61 10.31 -20.20
C LEU D 357 35.61 11.29 -19.59
N SER D 358 35.13 12.17 -18.70
CA SER D 358 36.09 13.12 -18.12
C SER D 358 37.17 12.42 -17.31
N VAL D 359 36.85 11.25 -16.72
CA VAL D 359 37.81 10.54 -15.88
C VAL D 359 38.85 9.88 -16.77
N LEU D 360 38.37 9.25 -17.86
CA LEU D 360 39.32 8.67 -18.81
C LEU D 360 40.28 9.72 -19.38
N GLU D 361 39.84 10.98 -19.49
CA GLU D 361 40.67 12.03 -20.07
C GLU D 361 41.96 12.24 -19.27
N TYR D 362 41.80 12.44 -17.96
CA TYR D 362 42.98 12.72 -17.14
C TYR D 362 43.85 11.49 -17.01
N ALA D 363 43.26 10.28 -17.08
CA ALA D 363 44.12 9.10 -17.06
C ALA D 363 45.09 9.10 -18.26
N ALA D 364 44.59 9.44 -19.45
CA ALA D 364 45.47 9.58 -20.62
C ALA D 364 46.59 10.59 -20.36
N VAL D 365 46.22 11.74 -19.80
CA VAL D 365 47.15 12.86 -19.63
C VAL D 365 48.27 12.48 -18.68
N ASN D 366 47.89 11.90 -17.54
CA ASN D 366 48.84 11.42 -16.54
C ASN D 366 49.81 10.41 -17.12
N TYR D 367 49.30 9.43 -17.84
CA TYR D 367 50.15 8.41 -18.44
C TYR D 367 51.16 9.00 -19.43
N LEU D 368 50.73 9.95 -20.25
CA LEU D 368 51.62 10.53 -21.25
C LEU D 368 52.71 11.37 -20.60
N THR D 369 52.34 12.17 -19.59
CA THR D 369 53.36 12.91 -18.85
C THR D 369 54.40 11.99 -18.22
N THR D 370 53.93 10.86 -17.68
CA THR D 370 54.82 9.97 -16.95
C THR D 370 55.85 9.33 -17.89
N VAL D 371 55.38 8.84 -19.04
CA VAL D 371 56.29 8.25 -20.02
C VAL D 371 57.25 9.31 -20.54
N GLN D 372 56.80 10.57 -20.64
CA GLN D 372 57.74 11.63 -21.05
C GLN D 372 58.85 11.80 -20.02
N GLU D 373 58.49 11.81 -18.73
CA GLU D 373 59.53 11.91 -17.70
C GLU D 373 60.55 10.78 -17.84
N ARG D 374 60.06 9.55 -18.03
CA ARG D 374 60.92 8.38 -18.21
C ARG D 374 61.79 8.51 -19.46
N LYS D 375 61.23 9.09 -20.52
CA LYS D 375 61.97 9.23 -21.77
C LYS D 375 63.11 10.22 -21.61
N GLU D 376 62.87 11.36 -20.96
CA GLU D 376 63.96 12.32 -20.84
C GLU D 376 65.03 11.84 -19.88
N GLN D 377 64.61 11.21 -18.79
CA GLN D 377 65.57 10.64 -17.85
C GLN D 377 66.17 9.35 -18.41
N ASP D 451 53.56 24.16 -18.26
CA ASP D 451 52.92 24.18 -19.57
C ASP D 451 51.67 23.32 -19.59
N THR D 452 50.60 23.83 -20.21
CA THR D 452 49.36 23.06 -20.27
C THR D 452 49.45 21.96 -21.33
N HIS D 453 48.93 20.77 -21.00
CA HIS D 453 48.96 19.69 -21.98
C HIS D 453 47.98 19.94 -23.12
N ALA D 454 48.31 19.39 -24.29
CA ALA D 454 47.50 19.62 -25.48
C ALA D 454 46.08 19.09 -25.30
N ILE D 455 45.96 17.93 -24.65
CA ILE D 455 44.64 17.34 -24.45
C ILE D 455 43.82 18.15 -23.47
N ASP D 456 44.47 18.86 -22.55
CA ASP D 456 43.73 19.70 -21.62
C ASP D 456 43.13 20.91 -22.33
N LYS D 457 43.96 21.62 -23.10
CA LYS D 457 43.53 22.82 -23.79
C LYS D 457 42.62 22.52 -24.97
N TYR D 458 42.59 21.26 -25.44
CA TYR D 458 41.56 20.94 -26.42
C TYR D 458 40.26 20.54 -25.74
N SER D 459 40.33 19.81 -24.62
CA SER D 459 39.11 19.43 -23.92
C SER D 459 38.31 20.65 -23.48
N ARG D 460 39.01 21.68 -22.99
CA ARG D 460 38.36 22.92 -22.55
C ARG D 460 37.44 23.51 -23.60
N ILE D 461 37.71 23.26 -24.89
CA ILE D 461 36.78 23.66 -25.94
C ILE D 461 35.82 22.55 -26.30
N ILE D 462 36.31 21.32 -26.44
CA ILE D 462 35.48 20.32 -27.11
C ILE D 462 34.31 19.88 -26.24
N PHE D 463 34.53 19.66 -24.95
CA PHE D 463 33.44 19.09 -24.16
C PHE D 463 32.18 19.96 -24.15
N PRO D 464 32.25 21.25 -23.81
CA PRO D 464 31.02 22.06 -23.75
C PRO D 464 30.31 22.14 -25.08
N ALA D 465 31.06 22.19 -26.18
CA ALA D 465 30.43 22.32 -27.50
C ALA D 465 29.62 21.09 -27.86
N ALA D 466 30.12 19.91 -27.52
CA ALA D 466 29.36 18.69 -27.74
C ALA D 466 28.10 18.67 -26.89
N TYR D 467 28.20 19.17 -25.66
CA TYR D 467 27.00 19.15 -24.81
C TYR D 467 25.94 20.09 -25.38
N ILE D 468 26.40 21.22 -25.91
CA ILE D 468 25.50 22.18 -26.52
C ILE D 468 24.83 21.57 -27.76
N LEU D 469 25.59 20.82 -28.57
CA LEU D 469 25.00 20.13 -29.72
C LEU D 469 23.96 19.11 -29.27
N PHE D 470 24.28 18.34 -28.23
CA PHE D 470 23.31 17.39 -27.68
C PHE D 470 22.01 18.08 -27.31
N ASN D 471 22.11 19.19 -26.59
CA ASN D 471 20.87 19.84 -26.13
C ASN D 471 20.06 20.35 -27.31
N LEU D 472 20.72 20.92 -28.32
CA LEU D 472 19.99 21.40 -29.49
C LEU D 472 19.20 20.28 -30.16
N ILE D 473 19.84 19.13 -30.41
CA ILE D 473 19.14 18.04 -31.07
C ILE D 473 17.99 17.51 -30.19
N TYR D 474 18.30 17.27 -28.92
CA TYR D 474 17.31 16.71 -28.00
C TYR D 474 16.06 17.57 -27.95
N TRP D 475 16.24 18.88 -27.76
CA TRP D 475 15.03 19.70 -27.71
C TRP D 475 14.47 20.01 -29.10
N SER D 476 15.17 19.63 -30.17
CA SER D 476 14.49 19.69 -31.47
C SER D 476 13.56 18.50 -31.66
N ILE D 477 13.83 17.39 -30.99
CA ILE D 477 13.07 16.16 -31.15
C ILE D 477 11.85 16.15 -30.23
N PHE D 478 12.01 16.59 -28.99
CA PHE D 478 10.91 16.57 -28.03
C PHE D 478 10.24 17.93 -27.86
N SER D 479 10.85 19.01 -28.36
CA SER D 479 10.21 20.32 -28.44
C SER D 479 9.68 20.84 -27.11
N ASP E 85 -41.39 -27.93 -12.63
CA ASP E 85 -40.34 -27.66 -11.65
C ASP E 85 -39.04 -27.33 -12.34
N PHE E 86 -38.69 -26.04 -12.41
CA PHE E 86 -37.47 -25.69 -13.13
C PHE E 86 -36.25 -25.92 -12.27
N SER E 87 -36.23 -27.01 -11.50
CA SER E 87 -35.05 -27.46 -10.77
C SER E 87 -34.45 -28.71 -11.39
N MET E 88 -35.18 -29.38 -12.26
CA MET E 88 -34.71 -30.51 -13.05
C MET E 88 -34.21 -30.03 -14.42
N ARG E 89 -33.06 -30.54 -14.84
CA ARG E 89 -32.49 -30.10 -16.10
C ARG E 89 -33.32 -30.59 -17.27
N PRO E 90 -33.21 -29.95 -18.46
CA PRO E 90 -33.94 -30.44 -19.65
C PRO E 90 -33.39 -31.76 -20.16
N GLY E 91 -34.21 -32.81 -20.13
CA GLY E 91 -33.77 -34.13 -20.53
C GLY E 91 -33.40 -34.99 -19.35
N PHE E 92 -33.86 -34.63 -18.16
CA PHE E 92 -33.60 -35.35 -16.91
C PHE E 92 -33.77 -36.84 -17.04
N GLY E 93 -32.81 -37.56 -16.48
CA GLY E 93 -32.85 -39.01 -16.47
C GLY E 93 -32.42 -39.68 -17.75
N GLY E 94 -32.65 -39.04 -18.91
CA GLY E 94 -32.22 -39.55 -20.19
C GLY E 94 -30.80 -39.12 -20.51
N PRO E 95 -30.56 -38.58 -21.72
CA PRO E 95 -29.20 -38.22 -22.12
C PRO E 95 -28.87 -36.77 -21.75
N ALA E 96 -27.56 -36.55 -21.66
CA ALA E 96 -26.98 -35.28 -21.21
C ALA E 96 -27.38 -34.14 -22.13
N ILE E 97 -27.46 -32.93 -21.56
CA ILE E 97 -27.92 -31.76 -22.30
C ILE E 97 -26.71 -31.04 -22.88
N PRO E 98 -26.67 -30.82 -24.20
CA PRO E 98 -25.54 -30.12 -24.84
C PRO E 98 -25.62 -28.61 -24.64
N VAL E 99 -24.61 -28.05 -23.98
CA VAL E 99 -24.53 -26.61 -23.71
C VAL E 99 -23.27 -26.07 -24.38
N GLY E 100 -23.41 -24.98 -25.12
CA GLY E 100 -22.32 -24.44 -25.91
C GLY E 100 -21.93 -23.04 -25.50
N VAL E 101 -20.63 -22.77 -25.53
CA VAL E 101 -20.04 -21.58 -24.91
C VAL E 101 -19.39 -20.70 -25.97
N ASP E 102 -19.51 -19.38 -25.78
CA ASP E 102 -18.89 -18.37 -26.63
C ASP E 102 -18.34 -17.25 -25.74
N VAL E 103 -17.16 -16.71 -26.08
CA VAL E 103 -16.46 -15.77 -25.21
C VAL E 103 -15.86 -14.61 -26.02
N GLN E 104 -15.89 -13.40 -25.44
CA GLN E 104 -15.21 -12.23 -26.00
C GLN E 104 -14.49 -11.49 -24.87
N VAL E 105 -13.20 -11.19 -25.07
CA VAL E 105 -12.36 -10.63 -24.02
C VAL E 105 -12.31 -9.11 -24.10
N GLU E 106 -12.52 -8.41 -22.98
CA GLU E 106 -12.59 -6.94 -23.02
C GLU E 106 -11.24 -6.33 -22.69
N SER E 107 -10.70 -6.61 -21.51
CA SER E 107 -9.52 -5.95 -21.01
C SER E 107 -8.77 -6.85 -20.03
N LEU E 108 -7.51 -6.51 -19.80
CA LEU E 108 -6.63 -7.12 -18.80
C LEU E 108 -6.23 -6.05 -17.78
N ASP E 109 -6.85 -6.11 -16.58
CA ASP E 109 -6.90 -4.94 -15.72
C ASP E 109 -5.64 -4.78 -14.89
N SER E 110 -5.01 -5.89 -14.47
CA SER E 110 -3.82 -5.81 -13.64
C SER E 110 -3.15 -7.18 -13.53
N ILE E 111 -1.90 -7.14 -13.05
CA ILE E 111 -1.05 -8.32 -12.84
C ILE E 111 -0.24 -8.11 -11.56
N SER E 112 -0.20 -9.12 -10.68
CA SER E 112 0.60 -9.06 -9.46
C SER E 112 1.65 -10.17 -9.47
N GLU E 113 2.92 -9.76 -9.41
CA GLU E 113 4.05 -10.66 -9.47
C GLU E 113 4.31 -11.37 -8.14
N VAL E 114 4.08 -10.66 -7.04
CA VAL E 114 4.35 -11.21 -5.71
C VAL E 114 3.28 -12.24 -5.34
N ASP E 115 2.01 -11.96 -5.66
CA ASP E 115 0.97 -12.89 -5.29
C ASP E 115 0.67 -13.94 -6.35
N MET E 116 1.23 -13.74 -7.55
CA MET E 116 1.14 -14.63 -8.70
C MET E 116 -0.30 -14.79 -9.21
N ASP E 117 -0.90 -13.69 -9.68
CA ASP E 117 -2.25 -13.71 -10.24
C ASP E 117 -2.44 -12.57 -11.26
N PHE E 118 -3.53 -12.65 -12.04
CA PHE E 118 -3.94 -11.63 -13.02
C PHE E 118 -5.46 -11.41 -12.98
N THR E 119 -5.91 -10.24 -13.43
CA THR E 119 -7.33 -9.86 -13.41
C THR E 119 -7.82 -9.48 -14.81
N MET E 120 -9.02 -9.99 -15.19
CA MET E 120 -9.57 -9.92 -16.56
C MET E 120 -11.07 -9.61 -16.56
N THR E 121 -11.52 -8.79 -17.52
CA THR E 121 -12.95 -8.52 -17.73
C THR E 121 -13.41 -9.07 -19.08
N LEU E 122 -14.49 -9.85 -19.09
CA LEU E 122 -14.93 -10.51 -20.32
C LEU E 122 -16.46 -10.60 -20.42
N TYR E 123 -16.94 -10.97 -21.61
CA TYR E 123 -18.34 -11.37 -21.84
C TYR E 123 -18.40 -12.88 -22.03
N LEU E 124 -19.42 -13.51 -21.46
CA LEU E 124 -19.59 -14.97 -21.47
C LEU E 124 -20.99 -15.30 -21.94
N ARG E 125 -21.11 -16.18 -22.94
CA ARG E 125 -22.38 -16.49 -23.58
C ARG E 125 -22.67 -17.99 -23.55
N HIS E 126 -23.94 -18.36 -23.38
CA HIS E 126 -24.36 -19.77 -23.38
C HIS E 126 -25.50 -20.02 -24.36
N TYR E 127 -25.68 -21.28 -24.73
CA TYR E 127 -26.72 -21.69 -25.67
C TYR E 127 -27.21 -23.10 -25.35
N TRP E 128 -28.49 -23.33 -25.63
CA TRP E 128 -29.14 -24.63 -25.45
C TRP E 128 -30.59 -24.54 -25.96
N LYS E 129 -31.26 -25.70 -25.97
CA LYS E 129 -32.65 -25.84 -26.38
C LYS E 129 -33.46 -26.46 -25.25
N ASP E 130 -34.50 -25.75 -24.83
CA ASP E 130 -35.40 -26.17 -23.77
C ASP E 130 -36.83 -25.94 -24.23
N GLU E 131 -37.66 -26.97 -24.11
CA GLU E 131 -39.03 -26.93 -24.61
C GLU E 131 -40.02 -26.37 -23.61
N ARG E 132 -39.78 -26.49 -22.30
CA ARG E 132 -40.63 -25.82 -21.32
C ARG E 132 -40.62 -24.30 -21.48
N LEU E 133 -39.79 -23.78 -22.39
CA LEU E 133 -39.64 -22.35 -22.60
C LEU E 133 -40.22 -21.91 -23.95
N SER E 134 -41.00 -22.76 -24.61
CA SER E 134 -41.57 -22.47 -25.91
C SER E 134 -42.86 -21.66 -25.78
N PHE E 135 -43.13 -20.83 -26.79
CA PHE E 135 -44.34 -20.03 -26.79
C PHE E 135 -44.95 -19.92 -28.16
N PRO E 136 -46.28 -19.78 -28.27
CA PRO E 136 -46.94 -19.76 -29.58
C PRO E 136 -46.90 -18.41 -30.31
N SER E 137 -45.90 -18.18 -31.16
CA SER E 137 -45.86 -16.98 -31.98
C SER E 137 -45.33 -17.30 -33.36
N THR E 138 -45.81 -16.54 -34.34
CA THR E 138 -45.49 -16.82 -35.73
C THR E 138 -44.22 -16.13 -36.21
N ASN E 139 -43.61 -15.31 -35.37
CA ASN E 139 -42.64 -14.34 -35.85
C ASN E 139 -41.33 -14.99 -36.32
N ASN E 140 -41.04 -16.18 -35.82
CA ASN E 140 -39.77 -16.89 -36.03
C ASN E 140 -38.56 -16.02 -35.65
N LEU E 141 -38.69 -15.26 -34.56
CA LEU E 141 -37.69 -14.29 -34.10
C LEU E 141 -37.61 -14.25 -32.58
N SER E 142 -36.41 -13.96 -32.06
CA SER E 142 -36.18 -14.00 -30.62
C SER E 142 -36.77 -12.79 -29.90
N MET E 143 -37.06 -12.96 -28.59
CA MET E 143 -37.74 -12.01 -27.73
C MET E 143 -37.02 -11.94 -26.38
N THR E 144 -36.97 -10.76 -25.78
CA THR E 144 -35.98 -10.44 -24.75
C THR E 144 -36.58 -10.35 -23.35
N PHE E 145 -35.94 -11.02 -22.39
CA PHE E 145 -36.16 -10.91 -20.94
C PHE E 145 -34.85 -10.51 -20.24
N ASP E 146 -34.89 -10.36 -18.92
CA ASP E 146 -33.70 -9.95 -18.17
C ASP E 146 -33.56 -10.73 -16.86
N GLY E 147 -32.72 -10.20 -15.95
CA GLY E 147 -32.28 -10.96 -14.79
C GLY E 147 -33.38 -11.44 -13.87
N ARG E 148 -34.56 -10.78 -13.88
CA ARG E 148 -35.61 -11.21 -12.97
C ARG E 148 -36.17 -12.56 -13.38
N LEU E 149 -36.32 -12.77 -14.68
CA LEU E 149 -36.67 -14.09 -15.20
C LEU E 149 -35.61 -15.13 -14.91
N VAL E 150 -34.34 -14.72 -14.78
CA VAL E 150 -33.27 -15.68 -14.57
C VAL E 150 -33.41 -16.36 -13.21
N LYS E 151 -34.04 -15.69 -12.25
CA LYS E 151 -34.24 -16.28 -10.93
C LYS E 151 -35.46 -17.20 -10.87
N LYS E 152 -36.24 -17.28 -11.94
CA LYS E 152 -37.40 -18.17 -11.97
C LYS E 152 -37.14 -19.45 -12.74
N ILE E 153 -36.39 -19.38 -13.84
CA ILE E 153 -36.17 -20.51 -14.74
C ILE E 153 -34.94 -21.29 -14.31
N TRP E 154 -34.63 -22.37 -15.03
CA TRP E 154 -33.39 -23.11 -14.85
C TRP E 154 -32.32 -22.58 -15.80
N VAL E 155 -31.06 -22.62 -15.35
CA VAL E 155 -29.93 -21.97 -16.00
C VAL E 155 -28.66 -22.76 -15.66
N PRO E 156 -27.66 -22.84 -16.55
CA PRO E 156 -26.38 -23.49 -16.19
C PRO E 156 -25.71 -22.86 -14.98
N ASP E 157 -24.66 -23.53 -14.51
CA ASP E 157 -23.92 -23.14 -13.29
C ASP E 157 -22.40 -23.24 -13.51
N MET E 158 -21.90 -22.60 -14.56
CA MET E 158 -20.46 -22.61 -14.79
C MET E 158 -19.72 -21.81 -13.72
N PHE E 159 -18.45 -22.18 -13.49
CA PHE E 159 -17.60 -21.44 -12.58
C PHE E 159 -16.17 -21.47 -13.08
N PHE E 160 -15.34 -20.63 -12.47
CA PHE E 160 -13.99 -20.33 -12.93
C PHE E 160 -12.98 -21.11 -12.10
N VAL E 161 -12.32 -22.10 -12.69
CA VAL E 161 -11.43 -22.96 -11.90
C VAL E 161 -10.10 -22.24 -11.69
N HIS E 162 -9.57 -22.37 -10.47
CA HIS E 162 -8.33 -21.72 -10.03
C HIS E 162 -8.44 -20.20 -10.06
N SER E 163 -9.59 -19.69 -9.65
CA SER E 163 -9.80 -18.27 -9.42
C SER E 163 -9.67 -17.92 -7.95
N LYS E 164 -9.20 -16.70 -7.69
CA LYS E 164 -9.12 -16.16 -6.34
C LYS E 164 -10.30 -15.28 -5.97
N ARG E 165 -10.93 -14.62 -6.94
CA ARG E 165 -12.06 -13.71 -6.72
C ARG E 165 -12.65 -13.31 -8.07
N SER E 166 -13.97 -13.11 -8.08
CA SER E 166 -14.70 -12.69 -9.28
C SER E 166 -15.97 -11.95 -8.88
N PHE E 167 -16.65 -11.36 -9.88
CA PHE E 167 -17.96 -10.73 -9.64
C PHE E 167 -18.60 -10.34 -10.96
N ILE E 168 -19.92 -10.11 -10.90
CA ILE E 168 -20.74 -9.69 -12.03
C ILE E 168 -21.11 -8.22 -11.82
N HIS E 169 -21.03 -7.43 -12.89
CA HIS E 169 -21.27 -5.99 -12.81
C HIS E 169 -22.76 -5.71 -12.69
N ASP E 170 -23.10 -4.62 -11.96
CA ASP E 170 -24.48 -4.34 -11.57
C ASP E 170 -24.88 -2.87 -11.63
N THR E 171 -24.26 -2.08 -12.52
CA THR E 171 -24.65 -0.67 -12.64
C THR E 171 -24.80 -0.31 -14.12
N THR E 172 -25.94 0.29 -14.47
CA THR E 172 -26.95 0.75 -13.49
C THR E 172 -27.93 -0.32 -13.03
N THR E 173 -27.77 -1.51 -13.58
CA THR E 173 -28.56 -2.68 -13.23
C THR E 173 -27.74 -3.91 -13.62
N ASP E 174 -28.23 -5.08 -13.25
CA ASP E 174 -27.45 -6.29 -13.51
C ASP E 174 -27.13 -6.44 -15.00
N ASN E 175 -25.85 -6.67 -15.29
CA ASN E 175 -25.38 -6.84 -16.67
C ASN E 175 -25.71 -8.26 -17.14
N VAL E 176 -27.02 -8.50 -17.35
CA VAL E 176 -27.53 -9.82 -17.70
C VAL E 176 -28.51 -9.66 -18.86
N MET E 177 -28.48 -10.63 -19.80
CA MET E 177 -29.33 -10.64 -20.98
C MET E 177 -29.90 -12.03 -21.21
N LEU E 178 -31.17 -12.12 -21.62
CA LEU E 178 -31.85 -13.39 -21.88
C LEU E 178 -32.76 -13.25 -23.09
N ARG E 179 -32.51 -14.02 -24.15
CA ARG E 179 -33.27 -13.96 -25.41
C ARG E 179 -33.89 -15.33 -25.70
N VAL E 180 -35.19 -15.37 -26.01
CA VAL E 180 -35.90 -16.63 -26.15
C VAL E 180 -36.64 -16.68 -27.46
N GLN E 181 -36.41 -17.75 -28.26
CA GLN E 181 -36.87 -17.98 -29.63
C GLN E 181 -38.11 -18.88 -29.67
N PRO E 182 -38.92 -18.78 -30.74
CA PRO E 182 -40.19 -19.53 -30.74
C PRO E 182 -40.00 -21.03 -30.61
N ASP E 183 -38.91 -21.59 -31.12
CA ASP E 183 -38.71 -23.03 -31.04
C ASP E 183 -38.08 -23.47 -29.72
N GLY E 184 -37.62 -22.53 -28.90
CA GLY E 184 -37.09 -22.84 -27.59
C GLY E 184 -35.57 -22.78 -27.41
N LYS E 185 -34.84 -22.10 -28.29
CA LYS E 185 -33.39 -21.99 -28.20
C LYS E 185 -33.05 -20.72 -27.42
N VAL E 186 -32.50 -20.89 -26.20
CA VAL E 186 -32.20 -19.81 -25.28
C VAL E 186 -30.78 -19.31 -25.50
N LEU E 187 -30.59 -18.00 -25.33
CA LEU E 187 -29.27 -17.36 -25.28
C LEU E 187 -29.16 -16.55 -24.00
N TYR E 188 -28.03 -16.67 -23.31
CA TYR E 188 -27.84 -16.15 -21.96
C TYR E 188 -26.43 -15.61 -21.84
N SER E 189 -26.27 -14.39 -21.29
CA SER E 189 -25.06 -13.60 -21.45
C SER E 189 -24.79 -12.77 -20.20
N LEU E 190 -23.50 -12.64 -19.86
CA LEU E 190 -23.04 -12.03 -18.62
C LEU E 190 -21.78 -11.20 -18.90
N ARG E 191 -21.54 -10.21 -18.04
CA ARG E 191 -20.30 -9.43 -18.02
C ARG E 191 -19.64 -9.63 -16.65
N VAL E 192 -18.36 -10.03 -16.63
CA VAL E 192 -17.70 -10.43 -15.38
C VAL E 192 -16.23 -10.04 -15.40
N THR E 193 -15.66 -9.95 -14.20
CA THR E 193 -14.24 -9.75 -13.98
C THR E 193 -13.73 -10.87 -13.09
N VAL E 194 -12.60 -11.48 -13.45
CA VAL E 194 -12.03 -12.60 -12.69
C VAL E 194 -10.56 -12.35 -12.43
N THR E 195 -10.11 -12.76 -11.25
CA THR E 195 -8.69 -12.86 -10.92
C THR E 195 -8.33 -14.34 -10.83
N ALA E 196 -7.32 -14.73 -11.59
CA ALA E 196 -6.96 -16.13 -11.74
C ALA E 196 -5.51 -16.33 -11.40
N MET E 197 -5.23 -17.41 -10.67
CA MET E 197 -3.88 -17.76 -10.24
C MET E 197 -2.98 -18.18 -11.40
N CYS E 198 -1.81 -17.56 -11.52
CA CYS E 198 -0.86 -18.01 -12.54
C CYS E 198 0.51 -18.31 -11.93
N ASN E 199 0.98 -19.55 -12.08
CA ASN E 199 2.29 -19.95 -11.57
C ASN E 199 3.41 -19.46 -12.50
N MET E 200 4.41 -18.78 -11.92
CA MET E 200 5.43 -18.05 -12.66
C MET E 200 6.81 -18.41 -12.11
N ASP E 201 7.81 -18.48 -13.00
CA ASP E 201 9.20 -18.79 -12.63
C ASP E 201 10.09 -17.61 -12.99
N PHE E 202 10.82 -17.09 -12.01
CA PHE E 202 11.60 -15.88 -12.19
C PHE E 202 13.09 -16.15 -12.32
N SER E 203 13.49 -17.41 -12.51
CA SER E 203 14.93 -17.71 -12.49
C SER E 203 15.64 -17.09 -13.66
N ARG E 204 14.94 -16.79 -14.76
CA ARG E 204 15.63 -16.24 -15.91
C ARG E 204 15.47 -14.73 -16.03
N PHE E 205 14.85 -14.06 -15.02
CA PHE E 205 14.57 -12.61 -15.00
C PHE E 205 15.84 -11.81 -15.25
N PRO E 206 15.82 -10.84 -16.18
CA PRO E 206 14.58 -10.45 -16.85
C PRO E 206 14.37 -11.02 -18.25
N LEU E 207 14.95 -12.18 -18.57
CA LEU E 207 14.82 -12.79 -19.89
C LEU E 207 13.78 -13.90 -19.92
N ASP E 208 12.82 -13.89 -19.01
CA ASP E 208 11.79 -14.92 -18.90
C ASP E 208 10.62 -14.70 -19.83
N THR E 209 9.81 -15.75 -19.92
CA THR E 209 8.54 -15.79 -20.63
C THR E 209 7.54 -16.54 -19.75
N GLN E 210 6.35 -16.00 -19.54
CA GLN E 210 5.37 -16.62 -18.64
C GLN E 210 4.16 -17.10 -19.43
N THR E 211 3.59 -18.24 -19.07
CA THR E 211 2.39 -18.73 -19.76
C THR E 211 1.25 -18.84 -18.74
N CYS E 212 0.06 -18.35 -19.09
CA CYS E 212 -1.11 -18.29 -18.20
C CYS E 212 -2.37 -18.76 -18.93
N SER E 213 -3.40 -19.10 -18.16
CA SER E 213 -4.62 -19.70 -18.69
C SER E 213 -5.84 -19.36 -17.83
N LEU E 214 -7.02 -19.37 -18.45
CA LEU E 214 -8.32 -19.25 -17.79
C LEU E 214 -9.15 -20.51 -18.06
N GLU E 215 -9.70 -21.09 -16.99
CA GLU E 215 -10.35 -22.39 -17.05
C GLU E 215 -11.82 -22.29 -16.66
N ILE E 216 -12.67 -22.96 -17.42
CA ILE E 216 -14.12 -22.91 -17.23
C ILE E 216 -14.67 -24.33 -17.06
N GLU E 217 -15.54 -24.50 -16.06
CA GLU E 217 -16.06 -25.81 -15.67
C GLU E 217 -17.47 -25.68 -15.09
N SER E 218 -18.25 -26.76 -15.20
CA SER E 218 -19.54 -26.83 -14.52
C SER E 218 -19.35 -27.34 -13.09
N TYR E 219 -20.08 -26.74 -12.14
CA TYR E 219 -19.85 -27.08 -10.74
C TYR E 219 -20.59 -28.36 -10.34
N ALA E 220 -21.88 -28.45 -10.63
CA ALA E 220 -22.67 -29.52 -10.05
C ALA E 220 -22.79 -30.79 -10.92
N TYR E 221 -22.70 -30.67 -12.26
CA TYR E 221 -23.13 -31.74 -13.18
C TYR E 221 -21.95 -32.41 -13.88
N THR E 222 -21.94 -33.75 -13.91
CA THR E 222 -20.90 -34.51 -14.62
C THR E 222 -21.19 -34.60 -16.12
N GLU E 223 -20.24 -35.22 -16.83
CA GLU E 223 -20.30 -35.31 -18.29
C GLU E 223 -21.41 -36.22 -18.78
N ASP E 224 -22.04 -37.00 -17.89
CA ASP E 224 -23.20 -37.80 -18.25
C ASP E 224 -24.51 -37.05 -18.13
N ASP E 225 -24.49 -35.85 -17.55
CA ASP E 225 -25.68 -35.01 -17.41
C ASP E 225 -25.59 -33.74 -18.21
N LEU E 226 -24.43 -33.10 -18.24
CA LEU E 226 -24.21 -31.86 -18.99
C LEU E 226 -22.96 -31.99 -19.85
N MET E 227 -23.10 -31.65 -21.13
CA MET E 227 -22.02 -31.72 -22.11
C MET E 227 -21.64 -30.31 -22.54
N LEU E 228 -20.35 -29.98 -22.42
CA LEU E 228 -19.84 -28.62 -22.59
C LEU E 228 -18.80 -28.56 -23.71
N TYR E 229 -18.94 -27.59 -24.62
CA TYR E 229 -18.05 -27.46 -25.77
C TYR E 229 -18.01 -26.02 -26.29
N TRP E 230 -16.99 -25.72 -27.11
CA TRP E 230 -16.90 -24.42 -27.78
C TRP E 230 -17.85 -24.36 -28.97
N LYS E 231 -18.67 -23.30 -29.04
CA LYS E 231 -19.76 -23.25 -30.01
C LYS E 231 -19.26 -23.40 -31.45
N LYS E 232 -18.18 -22.69 -31.81
CA LYS E 232 -17.70 -22.65 -33.19
C LYS E 232 -16.20 -22.94 -33.29
N GLY E 233 -15.72 -23.92 -32.54
CA GLY E 233 -14.29 -24.25 -32.51
C GLY E 233 -13.37 -23.11 -32.08
N ASN E 234 -12.25 -23.00 -32.79
CA ASN E 234 -11.24 -22.00 -32.52
C ASN E 234 -11.77 -20.58 -32.70
N ASP E 235 -12.90 -20.43 -33.40
CA ASP E 235 -13.51 -19.14 -33.70
C ASP E 235 -14.48 -18.69 -32.62
N SER E 236 -14.65 -19.46 -31.56
CA SER E 236 -15.49 -19.08 -30.42
C SER E 236 -14.79 -18.17 -29.44
N LEU E 237 -13.60 -17.65 -29.77
CA LEU E 237 -12.96 -16.63 -28.95
C LEU E 237 -12.71 -15.36 -29.78
N LYS E 238 -13.13 -14.21 -29.24
CA LYS E 238 -12.90 -12.90 -29.81
C LYS E 238 -12.11 -12.03 -28.82
N THR E 239 -11.24 -11.12 -29.32
CA THR E 239 -10.39 -10.32 -28.44
C THR E 239 -10.35 -8.87 -28.92
N ASP E 240 -10.27 -7.94 -27.96
CA ASP E 240 -10.37 -6.50 -28.18
C ASP E 240 -9.07 -5.87 -28.67
N GLU E 241 -9.19 -4.84 -29.52
CA GLU E 241 -8.02 -4.40 -30.29
C GLU E 241 -7.03 -3.62 -29.45
N ARG E 242 -7.50 -2.99 -28.37
CA ARG E 242 -6.71 -2.09 -27.55
C ARG E 242 -6.32 -2.74 -26.23
N ILE E 243 -6.30 -4.06 -26.16
CA ILE E 243 -5.83 -4.72 -24.95
C ILE E 243 -4.33 -4.48 -24.79
N SER E 244 -3.92 -3.94 -23.66
CA SER E 244 -2.54 -3.52 -23.49
C SER E 244 -2.14 -3.65 -22.02
N LEU E 245 -0.83 -3.60 -21.78
CA LEU E 245 -0.25 -3.64 -20.44
C LEU E 245 0.96 -2.70 -20.39
N SER E 246 1.21 -2.17 -19.20
CA SER E 246 2.32 -1.23 -19.09
C SER E 246 3.67 -1.94 -18.95
N GLN E 247 3.71 -3.15 -18.40
CA GLN E 247 4.99 -3.82 -18.17
C GLN E 247 5.25 -5.00 -19.10
N PHE E 248 4.33 -5.39 -19.99
CA PHE E 248 4.43 -6.67 -20.69
C PHE E 248 3.98 -6.56 -22.14
N LEU E 249 4.23 -7.61 -22.93
CA LEU E 249 3.66 -7.70 -24.28
C LEU E 249 2.89 -9.02 -24.41
N ILE E 250 1.70 -8.96 -25.01
CA ILE E 250 0.76 -10.08 -25.04
C ILE E 250 0.67 -10.67 -26.45
N GLN E 251 0.67 -12.00 -26.53
CA GLN E 251 0.58 -12.68 -27.81
C GLN E 251 0.01 -14.08 -27.63
N GLU E 252 -0.52 -14.63 -28.73
CA GLU E 252 -0.83 -16.05 -28.89
C GLU E 252 -2.08 -16.55 -28.17
N PHE E 253 -3.24 -15.94 -28.44
CA PHE E 253 -4.50 -16.37 -27.84
C PHE E 253 -5.05 -17.59 -28.59
N HIS E 254 -5.32 -18.69 -27.86
CA HIS E 254 -6.06 -19.80 -28.47
C HIS E 254 -6.78 -20.61 -27.39
N THR E 255 -7.68 -21.50 -27.83
CA THR E 255 -8.54 -22.28 -26.96
C THR E 255 -8.11 -23.76 -26.98
N THR E 256 -8.33 -24.45 -25.85
CA THR E 256 -8.18 -25.92 -25.75
C THR E 256 -9.28 -26.47 -24.85
N THR E 257 -9.45 -27.81 -24.86
CA THR E 257 -10.35 -28.53 -23.94
C THR E 257 -9.64 -29.74 -23.31
N LYS E 258 -10.14 -30.17 -22.14
CA LYS E 258 -9.59 -31.34 -21.44
C LYS E 258 -10.60 -31.91 -20.42
N LEU E 259 -10.65 -33.25 -20.31
CA LEU E 259 -11.47 -33.93 -19.30
C LEU E 259 -10.77 -34.00 -17.95
N ALA E 260 -11.51 -33.74 -16.86
CA ALA E 260 -10.97 -33.68 -15.51
C ALA E 260 -11.73 -34.60 -14.56
N PHE E 261 -11.06 -35.02 -13.49
CA PHE E 261 -11.56 -36.02 -12.55
C PHE E 261 -11.40 -35.56 -11.11
N TYR E 262 -12.46 -35.70 -10.32
CA TYR E 262 -12.38 -35.53 -8.88
C TYR E 262 -12.71 -36.86 -8.20
N SER E 263 -11.97 -37.18 -7.14
CA SER E 263 -12.04 -38.53 -6.60
C SER E 263 -13.35 -38.79 -5.87
N SER E 264 -13.91 -37.77 -5.22
CA SER E 264 -15.16 -37.94 -4.49
C SER E 264 -16.39 -37.57 -5.33
N THR E 265 -16.23 -37.15 -6.59
CA THR E 265 -17.37 -36.65 -7.35
C THR E 265 -17.53 -37.05 -8.83
N GLY E 266 -16.46 -37.26 -9.64
CA GLY E 266 -16.65 -37.78 -10.98
C GLY E 266 -15.83 -37.07 -12.06
N TRP E 267 -16.23 -37.25 -13.34
CA TRP E 267 -15.54 -36.72 -14.52
C TRP E 267 -16.27 -35.51 -15.08
N TYR E 268 -15.56 -34.41 -15.31
CA TYR E 268 -16.14 -33.15 -15.79
C TYR E 268 -15.39 -32.63 -17.01
N ASN E 269 -16.12 -31.91 -17.87
CA ASN E 269 -15.57 -31.29 -19.06
C ASN E 269 -15.04 -29.89 -18.73
N ARG E 270 -13.89 -29.54 -19.29
CA ARG E 270 -13.24 -28.27 -18.97
C ARG E 270 -12.74 -27.57 -20.23
N LEU E 271 -12.93 -26.25 -20.30
CA LEU E 271 -12.46 -25.42 -21.40
C LEU E 271 -11.37 -24.46 -20.92
N TYR E 272 -10.46 -24.10 -21.83
CA TYR E 272 -9.27 -23.29 -21.51
C TYR E 272 -9.08 -22.13 -22.49
N ILE E 273 -8.60 -20.99 -21.97
CA ILE E 273 -8.20 -19.83 -22.76
C ILE E 273 -6.74 -19.50 -22.42
N ASN E 274 -5.83 -19.69 -23.39
CA ASN E 274 -4.39 -19.61 -23.14
C ASN E 274 -3.78 -18.39 -23.83
N PHE E 275 -2.66 -17.90 -23.27
CA PHE E 275 -1.90 -16.81 -23.88
C PHE E 275 -0.50 -16.72 -23.29
N THR E 276 0.35 -15.90 -23.94
CA THR E 276 1.78 -15.78 -23.64
C THR E 276 2.16 -14.33 -23.31
N LEU E 277 3.26 -14.14 -22.55
CA LEU E 277 3.70 -12.84 -22.03
C LEU E 277 5.23 -12.69 -22.13
N ARG E 278 5.71 -11.42 -22.23
CA ARG E 278 7.16 -11.12 -22.33
C ARG E 278 7.41 -9.64 -21.97
N ARG E 279 8.67 -9.32 -21.66
CA ARG E 279 9.10 -8.00 -21.18
C ARG E 279 9.89 -7.23 -22.24
N HIS E 280 10.18 -5.95 -21.93
CA HIS E 280 10.96 -5.06 -22.80
C HIS E 280 12.43 -5.20 -22.43
N ILE E 281 13.15 -6.01 -23.21
CA ILE E 281 14.48 -6.48 -22.80
C ILE E 281 15.47 -5.32 -22.80
N PHE E 282 15.42 -4.52 -23.85
CA PHE E 282 16.45 -3.54 -24.13
C PHE E 282 16.39 -2.35 -23.18
N PHE E 283 15.32 -2.26 -22.39
CA PHE E 283 15.27 -1.32 -21.28
C PHE E 283 16.05 -1.85 -20.11
N PHE E 284 15.92 -3.14 -19.80
CA PHE E 284 16.64 -3.72 -18.68
C PHE E 284 18.12 -3.78 -18.95
N LEU E 285 18.53 -3.94 -20.22
CA LEU E 285 19.96 -3.91 -20.52
C LEU E 285 20.57 -2.59 -20.04
N LEU E 286 19.88 -1.45 -20.26
CA LEU E 286 20.37 -0.12 -19.92
C LEU E 286 20.15 0.24 -18.45
N GLN E 287 19.10 -0.27 -17.85
CA GLN E 287 18.84 0.01 -16.46
C GLN E 287 19.76 -0.75 -15.52
N THR E 288 20.19 -1.96 -15.89
CA THR E 288 20.95 -2.80 -14.96
C THR E 288 22.31 -3.25 -15.52
N TYR E 289 22.35 -3.79 -16.74
CA TYR E 289 23.60 -4.34 -17.24
C TYR E 289 24.54 -3.27 -17.80
N PHE E 290 24.18 -1.99 -17.69
CA PHE E 290 25.08 -0.96 -18.22
C PHE E 290 25.93 -0.27 -17.15
N PRO E 291 25.33 0.26 -16.07
CA PRO E 291 26.16 0.92 -15.05
C PRO E 291 27.23 0.02 -14.45
N ALA E 292 26.89 -1.25 -14.15
CA ALA E 292 27.87 -2.16 -13.57
C ALA E 292 29.05 -2.36 -14.50
N THR E 293 28.78 -2.43 -15.81
CA THR E 293 29.86 -2.73 -16.74
C THR E 293 30.80 -1.55 -16.80
N LEU E 294 30.24 -0.34 -16.81
CA LEU E 294 31.07 0.87 -16.77
C LEU E 294 31.90 0.91 -15.49
N MET E 295 31.32 0.49 -14.36
CA MET E 295 32.07 0.50 -13.11
C MET E 295 33.28 -0.45 -13.18
N VAL E 296 33.08 -1.64 -13.74
CA VAL E 296 34.20 -2.58 -13.83
C VAL E 296 35.27 -2.00 -14.74
N MET E 297 34.85 -1.28 -15.78
CA MET E 297 35.81 -0.67 -16.69
C MET E 297 36.58 0.45 -16.00
N LEU E 298 35.92 1.13 -15.05
CA LEU E 298 36.56 2.20 -14.29
C LEU E 298 37.60 1.66 -13.32
N SER E 299 37.40 0.45 -12.79
CA SER E 299 38.39 -0.11 -11.87
C SER E 299 39.70 -0.50 -12.57
N TRP E 300 39.73 -0.59 -13.90
CA TRP E 300 40.93 -0.99 -14.63
C TRP E 300 41.88 0.17 -14.90
N VAL E 301 41.38 1.40 -14.78
CA VAL E 301 42.19 2.61 -14.94
C VAL E 301 43.33 2.65 -13.94
N SER E 302 43.19 1.96 -12.81
CA SER E 302 44.18 2.04 -11.74
C SER E 302 45.52 1.45 -12.18
N PHE E 303 45.52 0.45 -13.05
CA PHE E 303 46.75 -0.22 -13.48
C PHE E 303 47.69 0.69 -14.26
N TRP E 304 47.23 1.86 -14.67
CA TRP E 304 48.02 2.74 -15.52
C TRP E 304 48.53 3.98 -14.78
N ILE E 305 48.17 4.12 -13.50
CA ILE E 305 48.63 5.20 -12.65
C ILE E 305 49.92 4.77 -11.97
N ASP E 306 50.78 5.76 -11.68
CA ASP E 306 52.12 5.50 -11.15
C ASP E 306 52.02 4.96 -9.74
N ARG E 307 52.62 3.77 -9.53
CA ARG E 307 52.61 3.10 -8.23
C ARG E 307 53.19 3.95 -7.13
N ARG E 308 53.98 4.98 -7.47
CA ARG E 308 54.52 5.89 -6.47
C ARG E 308 53.46 6.78 -5.84
N ALA E 309 52.32 6.98 -6.52
CA ALA E 309 51.27 7.88 -6.05
C ALA E 309 50.27 7.10 -5.19
N VAL E 310 50.68 6.82 -3.96
CA VAL E 310 49.84 6.07 -3.02
C VAL E 310 48.55 6.83 -2.67
N PRO E 311 48.60 8.14 -2.29
CA PRO E 311 47.36 8.85 -1.94
C PRO E 311 46.40 9.01 -3.12
N ALA E 312 46.81 8.57 -4.31
CA ALA E 312 45.97 8.63 -5.50
C ALA E 312 45.44 7.28 -5.93
N ARG E 313 46.18 6.20 -5.69
CA ARG E 313 45.68 4.88 -6.04
C ARG E 313 44.88 4.22 -4.92
N VAL E 314 45.11 4.58 -3.65
CA VAL E 314 44.34 3.98 -2.56
C VAL E 314 42.89 4.48 -2.52
N PRO E 315 42.58 5.78 -2.58
CA PRO E 315 41.16 6.17 -2.45
C PRO E 315 40.32 5.78 -3.66
N LEU E 316 40.94 5.59 -4.82
CA LEU E 316 40.20 5.32 -6.06
C LEU E 316 39.46 3.99 -5.93
N GLY E 317 40.15 2.96 -5.47
CA GLY E 317 39.54 1.64 -5.39
C GLY E 317 38.40 1.58 -4.39
N ILE E 318 38.59 2.18 -3.21
CA ILE E 318 37.57 2.02 -2.18
C ILE E 318 36.35 2.88 -2.52
N THR E 319 36.56 4.03 -3.15
CA THR E 319 35.41 4.78 -3.67
C THR E 319 34.66 4.00 -4.74
N THR E 320 35.38 3.24 -5.57
CA THR E 320 34.73 2.44 -6.60
C THR E 320 33.89 1.33 -5.96
N VAL E 321 34.43 0.71 -4.89
CA VAL E 321 33.63 -0.27 -4.15
C VAL E 321 32.33 0.37 -3.65
N LEU E 322 32.42 1.60 -3.13
CA LEU E 322 31.25 2.28 -2.57
C LEU E 322 30.20 2.50 -3.65
N THR E 323 30.63 2.99 -4.81
CA THR E 323 29.72 3.21 -5.92
C THR E 323 29.01 1.92 -6.32
N MET E 324 29.77 0.82 -6.46
CA MET E 324 29.12 -0.42 -6.88
C MET E 324 28.11 -0.92 -5.84
N SER E 325 28.42 -0.76 -4.55
CA SER E 325 27.47 -1.19 -3.52
C SER E 325 26.17 -0.38 -3.59
N THR E 326 26.30 0.94 -3.74
CA THR E 326 25.14 1.80 -3.94
C THR E 326 24.29 1.32 -5.11
N ILE E 327 24.93 0.94 -6.21
CA ILE E 327 24.17 0.56 -7.40
C ILE E 327 23.38 -0.71 -7.13
N ILE E 328 24.04 -1.66 -6.47
CA ILE E 328 23.40 -2.93 -6.21
C ILE E 328 22.18 -2.75 -5.29
N THR E 329 22.18 -1.70 -4.45
CA THR E 329 20.97 -1.47 -3.64
C THR E 329 19.86 -0.71 -4.40
N GLY E 330 20.20 0.16 -5.35
CA GLY E 330 19.16 0.84 -6.11
C GLY E 330 18.38 -0.12 -7.00
N VAL E 331 19.09 -1.07 -7.61
CA VAL E 331 18.38 -1.99 -8.49
C VAL E 331 17.40 -2.83 -7.70
N ASN E 332 17.79 -3.19 -6.46
CA ASN E 332 16.95 -4.03 -5.63
C ASN E 332 15.73 -3.28 -5.16
N ALA E 333 15.86 -1.96 -5.00
CA ALA E 333 14.69 -1.21 -4.60
C ALA E 333 13.71 -1.02 -5.75
N SER E 334 14.18 -1.10 -7.01
CA SER E 334 13.24 -0.91 -8.13
C SER E 334 12.67 -2.20 -8.72
N MET E 335 13.08 -3.42 -8.28
CA MET E 335 12.58 -4.71 -8.76
C MET E 335 11.41 -5.24 -7.93
N PRO E 336 10.61 -6.21 -8.47
CA PRO E 336 9.38 -6.64 -7.78
C PRO E 336 9.43 -7.31 -6.39
N ARG E 337 10.59 -7.80 -5.94
CA ARG E 337 10.81 -8.46 -4.64
C ARG E 337 10.53 -9.97 -4.57
N VAL E 338 11.51 -10.78 -5.00
CA VAL E 338 11.47 -12.25 -5.05
C VAL E 338 12.68 -12.82 -4.32
N SER E 339 12.50 -13.92 -3.57
CA SER E 339 13.53 -14.36 -2.64
C SER E 339 14.25 -15.64 -3.06
N TYR E 340 14.37 -15.91 -4.36
CA TYR E 340 15.36 -16.87 -4.83
C TYR E 340 16.23 -16.28 -5.93
N ILE E 341 17.28 -17.02 -6.30
CA ILE E 341 18.35 -16.41 -7.12
C ILE E 341 17.88 -16.23 -8.56
N LYS E 342 18.12 -15.03 -9.12
CA LYS E 342 17.73 -14.64 -10.48
C LYS E 342 18.96 -14.32 -11.32
N ALA E 343 18.76 -14.34 -12.64
CA ALA E 343 19.86 -14.19 -13.59
C ALA E 343 20.65 -12.91 -13.33
N VAL E 344 19.94 -11.83 -12.99
CA VAL E 344 20.54 -10.50 -12.95
C VAL E 344 21.36 -10.37 -11.68
N ASP E 345 20.94 -11.08 -10.63
CA ASP E 345 21.72 -11.10 -9.40
C ASP E 345 23.12 -11.64 -9.65
N ILE E 346 23.23 -12.70 -10.48
CA ILE E 346 24.52 -13.34 -10.71
C ILE E 346 25.50 -12.36 -11.35
N TYR E 347 25.03 -11.65 -12.38
CA TYR E 347 25.89 -10.71 -13.08
C TYR E 347 26.37 -9.62 -12.12
N LEU E 348 25.48 -9.11 -11.26
CA LEU E 348 25.90 -8.03 -10.37
C LEU E 348 26.93 -8.50 -9.34
N TRP E 349 26.75 -9.70 -8.79
CA TRP E 349 27.67 -10.18 -7.77
C TRP E 349 29.06 -10.45 -8.34
N VAL E 350 29.11 -10.96 -9.57
CA VAL E 350 30.40 -11.21 -10.23
C VAL E 350 31.13 -9.91 -10.49
N SER E 351 30.42 -8.88 -10.97
CA SER E 351 31.06 -7.56 -11.12
C SER E 351 31.64 -7.06 -9.80
N PHE E 352 30.89 -7.30 -8.71
CA PHE E 352 31.39 -6.89 -7.40
C PHE E 352 32.72 -7.55 -7.06
N VAL E 353 32.83 -8.86 -7.34
CA VAL E 353 34.09 -9.55 -7.04
C VAL E 353 35.25 -8.98 -7.87
N PHE E 354 34.99 -8.62 -9.13
CA PHE E 354 36.07 -8.03 -9.93
C PHE E 354 36.60 -6.73 -9.29
N VAL E 355 35.69 -5.90 -8.81
CA VAL E 355 36.13 -4.64 -8.21
C VAL E 355 36.90 -4.86 -6.88
N PHE E 356 36.51 -5.86 -6.09
CA PHE E 356 37.20 -6.14 -4.83
C PHE E 356 38.63 -6.65 -5.09
N LEU E 357 38.78 -7.45 -6.14
CA LEU E 357 40.10 -7.98 -6.46
C LEU E 357 41.06 -6.87 -6.90
N SER E 358 40.52 -5.83 -7.55
CA SER E 358 41.44 -4.77 -7.98
C SER E 358 42.11 -4.08 -6.80
N VAL E 359 41.44 -4.04 -5.65
CA VAL E 359 41.99 -3.34 -4.47
C VAL E 359 43.10 -4.20 -3.87
N LEU E 360 42.82 -5.50 -3.76
CA LEU E 360 43.86 -6.40 -3.27
C LEU E 360 45.13 -6.35 -4.14
N GLU E 361 44.96 -6.08 -5.44
CA GLU E 361 46.11 -6.06 -6.37
C GLU E 361 47.13 -5.01 -5.96
N TYR E 362 46.67 -3.77 -5.79
CA TYR E 362 47.60 -2.70 -5.48
C TYR E 362 48.18 -2.86 -4.08
N ALA E 363 47.41 -3.47 -3.16
CA ALA E 363 48.00 -3.72 -1.85
C ALA E 363 49.24 -4.62 -1.95
N ALA E 364 49.17 -5.69 -2.76
CA ALA E 364 50.34 -6.53 -3.02
C ALA E 364 51.50 -5.72 -3.56
N VAL E 365 51.21 -4.85 -4.54
CA VAL E 365 52.25 -4.11 -5.27
C VAL E 365 52.98 -3.18 -4.32
N ASN E 366 52.21 -2.41 -3.54
CA ASN E 366 52.74 -1.49 -2.55
C ASN E 366 53.64 -2.21 -1.55
N TYR E 367 53.16 -3.32 -1.00
CA TYR E 367 53.95 -4.07 -0.04
C TYR E 367 55.29 -4.55 -0.61
N LEU E 368 55.28 -5.04 -1.84
CA LEU E 368 56.50 -5.58 -2.44
C LEU E 368 57.50 -4.47 -2.73
N THR E 369 57.02 -3.32 -3.23
CA THR E 369 57.92 -2.18 -3.42
C THR E 369 58.55 -1.75 -2.11
N THR E 370 57.76 -1.76 -1.03
CA THR E 370 58.24 -1.25 0.25
C THR E 370 59.34 -2.14 0.82
N VAL E 371 59.14 -3.45 0.78
CA VAL E 371 60.16 -4.38 1.26
C VAL E 371 61.40 -4.29 0.37
N GLN E 372 61.23 -4.00 -0.92
CA GLN E 372 62.42 -3.81 -1.75
C GLN E 372 63.21 -2.60 -1.29
N GLU E 373 62.53 -1.48 -1.01
CA GLU E 373 63.25 -0.32 -0.50
C GLU E 373 64.05 -0.66 0.76
N ARG E 374 63.41 -1.37 1.68
CA ARG E 374 64.04 -1.80 2.93
C ARG E 374 65.23 -2.71 2.65
N LYS E 375 65.11 -3.59 1.64
CA LYS E 375 66.17 -4.53 1.33
C LYS E 375 67.39 -3.80 0.77
N GLU E 376 67.19 -2.83 -0.12
CA GLU E 376 68.37 -2.17 -0.68
C GLU E 376 69.01 -1.27 0.35
N GLN E 377 68.22 -0.57 1.15
CA GLN E 377 68.76 0.26 2.22
C GLN E 377 69.24 -0.61 3.38
N ASP E 451 60.00 2.50 -13.46
CA ASP E 451 59.76 1.19 -14.04
C ASP E 451 58.42 0.61 -13.61
N THR E 452 57.67 0.02 -14.53
CA THR E 452 56.38 -0.55 -14.19
C THR E 452 56.56 -1.90 -13.48
N HIS E 453 55.76 -2.14 -12.44
CA HIS E 453 55.85 -3.42 -11.75
C HIS E 453 55.28 -4.56 -12.59
N ALA E 454 55.81 -5.75 -12.36
CA ALA E 454 55.42 -6.91 -13.15
C ALA E 454 53.94 -7.21 -12.99
N ILE E 455 53.42 -7.07 -11.76
CA ILE E 455 52.02 -7.35 -11.51
C ILE E 455 51.12 -6.32 -12.17
N ASP E 456 51.62 -5.10 -12.36
CA ASP E 456 50.82 -4.08 -13.04
C ASP E 456 50.66 -4.41 -14.52
N LYS E 457 51.80 -4.70 -15.18
CA LYS E 457 51.79 -4.96 -16.60
C LYS E 457 51.20 -6.33 -16.94
N TYR E 458 51.07 -7.22 -15.95
CA TYR E 458 50.31 -8.43 -16.22
C TYR E 458 48.81 -8.21 -16.00
N SER E 459 48.45 -7.44 -14.97
CA SER E 459 47.03 -7.16 -14.73
C SER E 459 46.39 -6.49 -15.92
N ARG E 460 47.10 -5.52 -16.52
CA ARG E 460 46.58 -4.80 -17.68
C ARG E 460 46.10 -5.72 -18.80
N ILE E 461 46.67 -6.93 -18.89
CA ILE E 461 46.16 -7.92 -19.84
C ILE E 461 45.13 -8.84 -19.19
N ILE E 462 45.41 -9.32 -17.99
CA ILE E 462 44.64 -10.47 -17.50
C ILE E 462 43.22 -10.05 -17.14
N PHE E 463 43.03 -8.91 -16.48
CA PHE E 463 41.68 -8.62 -15.99
C PHE E 463 40.65 -8.52 -17.13
N PRO E 464 40.86 -7.73 -18.19
CA PRO E 464 39.82 -7.63 -19.22
C PRO E 464 39.52 -8.95 -19.90
N ALA E 465 40.55 -9.79 -20.09
CA ALA E 465 40.35 -11.06 -20.79
C ALA E 465 39.45 -11.99 -20.00
N ALA E 466 39.61 -12.02 -18.67
CA ALA E 466 38.73 -12.81 -17.83
C ALA E 466 37.31 -12.28 -17.88
N TYR E 467 37.14 -10.95 -17.92
CA TYR E 467 35.79 -10.42 -17.97
C TYR E 467 35.12 -10.80 -19.28
N ILE E 468 35.90 -10.78 -20.36
CA ILE E 468 35.38 -11.18 -21.66
C ILE E 468 34.97 -12.65 -21.68
N LEU E 469 35.79 -13.51 -21.04
CA LEU E 469 35.42 -14.92 -20.91
C LEU E 469 34.12 -15.09 -20.12
N PHE E 470 34.00 -14.36 -19.00
CA PHE E 470 32.77 -14.39 -18.23
C PHE E 470 31.56 -14.05 -19.09
N ASN E 471 31.65 -12.98 -19.86
CA ASN E 471 30.49 -12.56 -20.64
C ASN E 471 30.13 -13.59 -21.68
N LEU E 472 31.14 -14.19 -22.34
CA LEU E 472 30.86 -15.22 -23.33
C LEU E 472 30.08 -16.39 -22.73
N ILE E 473 30.55 -16.91 -21.59
CA ILE E 473 29.86 -18.05 -20.98
C ILE E 473 28.45 -17.66 -20.54
N TYR E 474 28.34 -16.52 -19.84
CA TYR E 474 27.06 -16.08 -19.31
C TYR E 474 26.03 -15.97 -20.41
N TRP E 475 26.37 -15.29 -21.50
CA TRP E 475 25.38 -15.17 -22.56
C TRP E 475 25.28 -16.44 -23.41
N SER E 476 26.17 -17.42 -23.22
CA SER E 476 25.89 -18.70 -23.85
C SER E 476 24.84 -19.50 -23.06
N ILE E 477 24.72 -19.23 -21.77
CA ILE E 477 23.81 -19.98 -20.90
C ILE E 477 22.41 -19.38 -20.94
N PHE E 478 22.29 -18.06 -20.91
CA PHE E 478 20.99 -17.40 -20.89
C PHE E 478 20.56 -16.88 -22.26
N SER E 479 21.47 -16.82 -23.22
CA SER E 479 21.14 -16.55 -24.62
C SER E 479 20.36 -15.24 -24.83
N ABU F . -26.66 5.54 23.04
CD ABU F . -27.08 5.86 21.64
CB ABU F . -27.18 7.35 21.41
CG ABU F . -27.64 7.64 19.99
C ABU F . -27.74 9.13 19.67
O ABU F . -27.03 9.92 20.32
OXT ABU F . -28.54 9.47 18.77
C1 NAG G . -34.75 -27.04 37.77
C2 NAG G . -33.39 -27.22 38.43
C3 NAG G . -33.50 -28.26 39.54
C4 NAG G . -34.70 -27.99 40.45
C5 NAG G . -35.96 -27.73 39.62
C6 NAG G . -37.19 -27.38 40.45
C7 NAG G . -31.21 -27.09 37.21
C8 NAG G . -30.47 -27.70 36.05
N2 NAG G . -32.44 -27.60 37.42
O3 NAG G . -32.30 -28.27 40.26
O4 NAG G . -34.86 -29.14 41.27
O5 NAG G . -35.70 -26.68 38.72
O6 NAG G . -38.01 -28.52 40.60
O7 NAG G . -30.71 -26.20 37.89
C1 NAG H . -12.75 -6.21 41.43
C2 NAG H . -12.65 -4.68 41.45
C3 NAG H . -12.19 -4.35 42.85
C4 NAG H . -13.31 -4.68 43.80
C5 NAG H . -13.57 -6.19 43.73
C6 NAG H . -14.80 -6.58 44.51
C7 NAG H . -11.15 -4.18 39.40
C8 NAG H . -10.15 -3.10 39.07
N2 NAG H . -11.68 -4.00 40.63
O3 NAG H . -11.83 -3.00 42.85
O4 NAG H . -12.89 -4.25 45.08
O5 NAG H . -13.72 -6.63 42.38
O6 NAG H . -15.85 -5.69 44.20
O7 NAG H . -11.41 -5.08 38.63
C1 OCT I . 42.75 8.56 20.39
C2 OCT I . 44.01 7.72 20.20
C3 OCT I . 44.87 7.81 21.45
C4 OCT I . 46.02 6.81 21.35
C5 OCT I . 46.77 6.75 22.68
C6 OCT I . 47.65 5.50 22.71
C7 OCT I . 48.30 5.37 24.08
C8 OCT I . 49.09 4.07 24.14
C1 HEX J . 21.20 4.53 29.57
C2 HEX J . 20.02 3.78 28.96
C3 HEX J . 18.98 3.54 30.04
C4 HEX J . 17.82 2.73 29.45
C5 HEX J . 16.80 2.42 30.55
C6 HEX J . 15.63 1.64 29.95
C1 HEX K . 38.59 11.69 28.30
C2 HEX K . 40.08 11.45 28.03
C3 HEX K . 40.86 12.75 28.25
C4 HEX K . 42.34 12.50 27.97
C5 HEX K . 43.13 13.76 28.32
C6 HEX K . 44.60 13.53 28.00
C1 OCT L . 42.11 28.14 24.66
C2 OCT L . 40.60 27.99 24.48
C3 OCT L . 40.28 26.56 24.03
C4 OCT L . 38.78 26.41 23.84
C5 OCT L . 38.46 25.00 23.36
C6 OCT L . 36.95 24.90 23.13
C7 OCT L . 36.63 23.49 22.68
C8 OCT L . 35.13 23.31 22.41
C1 HEX M . 36.43 27.06 17.98
C2 HEX M . 37.49 27.51 18.98
C3 HEX M . 37.84 28.98 18.73
C4 HEX M . 38.88 29.44 19.75
C5 HEX M . 39.10 30.94 19.62
C6 HEX M . 40.29 31.35 20.49
C9 A1IIV N . 17.17 15.01 9.00
C5 A1IIV N . 20.20 16.59 10.66
C6 A1IIV N . 19.55 17.47 11.49
C2 A1IIV N . 17.45 16.85 10.59
C1 A1IIV N . 18.19 17.61 11.47
C10 A1IIV N . 17.03 14.79 7.69
C12 A1IIV N . 15.76 12.91 6.72
C14 A1IIV N . 13.90 13.78 6.48
C3 A1IIV N . 18.07 15.94 9.73
C4 A1IIV N . 19.45 15.84 9.77
N11 A1IIV N . 15.83 14.20 7.13
N13 A1IIV N . 14.56 12.61 6.30
N15 A1IIV N . 14.61 14.78 6.98
CL16 A1IIV N . 16.07 14.12 10.02
CL7 A1IIV N . 20.48 18.36 12.68
CL8 A1IIV N . 20.29 14.77 8.69
C1 OCT O . 19.54 20.76 18.42
C2 OCT O . 18.05 20.41 18.38
C3 OCT O . 17.38 20.90 19.67
C4 OCT O . 15.89 20.61 19.60
C5 OCT O . 15.23 21.08 20.90
C6 OCT O . 13.74 20.77 20.85
C7 OCT O . 13.07 21.28 22.13
C8 OCT O . 11.57 20.97 22.09
C1 OCT P . 10.52 19.01 25.65
C2 OCT P . 11.60 18.39 26.55
C3 OCT P . 12.97 18.81 26.05
C4 OCT P . 14.05 18.12 26.89
C5 OCT P . 15.43 18.54 26.40
C6 OCT P . 16.51 17.81 27.20
C7 OCT P . 17.89 18.28 26.75
C8 OCT P . 18.94 17.58 27.60
CL CL Q . 48.33 14.06 -0.21
C9 A1IIV R . 21.51 0.37 11.67
C5 A1IIV R . 25.13 -0.02 12.78
C6 A1IIV R . 24.91 -0.58 14.02
C2 A1IIV R . 22.56 -0.36 13.76
C1 A1IIV R . 23.64 -0.76 14.53
C10 A1IIV R . 20.98 1.47 11.11
C12 A1IIV R . 19.17 1.43 9.45
C14 A1IIV R . 17.51 1.63 10.69
C3 A1IIV R . 22.73 0.21 12.50
C4 A1IIV R . 24.04 0.37 12.03
N11 A1IIV R . 19.59 1.54 10.73
N13 A1IIV R . 17.86 1.48 9.38
N15 A1IIV R . 18.51 1.66 11.54
CL16 A1IIV R . 20.58 -1.10 11.48
CL7 A1IIV R . 26.28 -1.16 14.94
CL8 A1IIV R . 24.32 1.13 10.50
C1 OCT S . 27.39 -5.72 19.15
C2 OCT S . 25.91 -6.08 19.23
C3 OCT S . 25.72 -7.19 20.26
C4 OCT S . 24.23 -7.51 20.39
C5 OCT S . 24.04 -8.65 21.40
C6 OCT S . 22.56 -8.99 21.51
C7 OCT S . 22.38 -10.10 22.55
C8 OCT S . 20.90 -10.44 22.67
C1 OCT T . 20.47 -14.60 22.27
C2 OCT T . 21.60 -15.45 21.68
C3 OCT T . 22.85 -14.59 21.53
C4 OCT T . 23.95 -15.42 20.87
C5 OCT T . 25.21 -14.56 20.73
C6 OCT T . 26.29 -15.36 20.00
C7 OCT T . 27.57 -14.53 19.90
C8 OCT T . 28.66 -15.37 19.23
N ABU U . -18.05 -23.79 19.46
CD ABU U . -18.74 -22.48 19.43
CB ABU U . -18.63 -21.74 20.74
CG ABU U . -19.38 -20.42 20.70
C ABU U . -19.28 -19.60 21.97
O ABU U . -18.28 -19.78 22.71
OXT ABU U . -20.20 -18.79 22.22
C1 NAG V . -28.10 -50.60 -3.44
C2 NAG V . -26.67 -51.03 -3.75
C3 NAG V . -26.69 -52.45 -4.33
C4 NAG V . -27.53 -53.40 -3.48
C5 NAG V . -28.89 -52.78 -3.16
C6 NAG V . -29.77 -53.62 -2.24
C7 NAG V . -24.90 -49.47 -4.60
C8 NAG V . -24.62 -48.51 -5.73
N2 NAG V . -26.11 -50.07 -4.68
O3 NAG V . -25.36 -52.90 -4.44
O4 NAG V . -27.68 -54.59 -4.22
O5 NAG V . -28.68 -51.52 -2.54
O6 NAG V . -30.72 -54.33 -3.00
O7 NAG V . -24.08 -49.68 -3.72
C1 NAG W . -2.32 -42.38 10.69
C2 NAG W . -1.93 -41.83 12.06
C3 NAG W . -1.06 -42.91 12.68
C4 NAG W . -1.94 -44.09 12.98
C5 NAG W . -2.49 -44.62 11.65
C6 NAG W . -3.53 -45.70 11.87
C7 NAG W . -0.96 -39.51 11.48
C8 NAG W . 0.11 -38.63 12.08
N2 NAG W . -1.10 -40.65 12.17
O3 NAG W . -0.46 -42.35 13.81
O4 NAG W . -1.13 -45.03 13.64
O5 NAG W . -3.07 -43.59 10.87
O6 NAG W . -4.43 -45.29 12.87
O7 NAG W . -1.58 -39.17 10.48
C1 OCT X . 47.45 -7.80 2.50
C2 OCT X . 48.43 -7.71 1.33
C3 OCT X . 49.60 -8.65 1.57
C4 OCT X . 50.46 -8.73 0.32
C5 OCT X . 51.50 -9.82 0.48
C6 OCT X . 52.10 -10.15 -0.90
C7 OCT X . 53.05 -11.34 -0.76
C8 OCT X . 53.57 -11.73 -2.15
C1 HEX Y . 28.72 -21.52 7.55
C2 HEX Y . 27.30 -21.46 7.00
C3 HEX Y . 26.54 -22.72 7.40
C4 HEX Y . 25.14 -22.69 6.80
C5 HEX Y . 24.41 -23.98 7.13
C6 HEX Y . 22.99 -23.94 6.55
C1 HEX Z . 46.20 -14.63 8.94
C2 HEX Z . 47.49 -14.21 8.24
C3 HEX Z . 48.54 -13.78 9.27
C4 HEX Z . 49.81 -13.35 8.55
C5 HEX Z . 50.89 -13.07 9.60
C6 HEX Z . 52.17 -12.60 8.89
C1 OCT AA . 51.74 -4.65 21.83
C2 OCT AA . 50.23 -4.82 22.05
C3 OCT AA . 49.55 -4.99 20.69
C4 OCT AA . 48.04 -5.13 20.91
C5 OCT AA . 47.34 -5.27 19.56
C6 OCT AA . 45.84 -5.37 19.82
C7 OCT AA . 45.14 -5.54 18.47
C8 OCT AA . 43.62 -5.62 18.64
C1 HEX BA . 44.40 0.03 20.32
C2 HEX BA . 45.76 -0.52 20.75
C3 HEX BA . 46.31 0.30 21.91
C4 HEX BA . 47.64 -0.27 22.37
C5 HEX BA . 48.10 0.43 23.65
C6 HEX BA . 49.53 0.00 23.97
N ABU CA . -30.47 17.81 -5.10
CD ABU CA . -30.41 16.57 -5.92
CB ABU CA . -30.19 16.87 -7.39
CG ABU CA . -30.17 15.60 -8.23
C ABU CA . -29.92 15.83 -9.70
O ABU CA . -29.28 16.84 -10.04
OXT ABU CA . -30.35 14.97 -10.50
C1 NAG DA . -48.14 17.78 27.03
C2 NAG DA . -47.06 18.58 27.75
C3 NAG DA . -47.67 19.19 29.02
C4 NAG DA . -49.00 19.89 28.74
C5 NAG DA . -49.92 18.98 27.90
C6 NAG DA . -51.24 19.62 27.51
C7 NAG DA . -44.65 17.95 27.84
C8 NAG DA . -43.73 16.82 28.24
N2 NAG DA . -45.95 17.71 28.05
O3 NAG DA . -46.74 20.08 29.57
O4 NAG DA . -49.59 20.19 29.99
O5 NAG DA . -49.23 18.60 26.74
O6 NAG DA . -52.26 19.19 28.38
O7 NAG DA . -44.21 18.99 27.37
C1 NAG EA . -24.57 33.01 15.00
C2 NAG EA . -24.20 33.61 13.63
C3 NAG EA . -24.10 35.08 13.89
C4 NAG EA . -25.49 35.61 14.18
C5 NAG EA . -25.98 34.94 15.47
C6 NAG EA . -27.43 35.27 15.74
C7 NAG EA . -22.14 32.21 12.95
C8 NAG EA . -20.90 32.49 12.13
N2 NAG EA . -22.94 33.29 13.01
O3 NAG EA . -23.51 35.65 12.75
O4 NAG EA . -25.36 37.00 14.29
O5 NAG EA . -25.83 33.53 15.42
O6 NAG EA . -28.17 35.11 14.55
O7 NAG EA . -22.33 31.12 13.46
C1 OCT FA . 36.29 30.09 9.87
C2 OCT FA . 37.39 29.86 10.92
C3 OCT FA . 37.88 31.20 11.44
C4 OCT FA . 38.80 30.97 12.63
C5 OCT FA . 39.13 32.30 13.30
C6 OCT FA . 39.72 32.04 14.68
C7 OCT FA . 39.93 33.38 15.39
C8 OCT FA . 40.42 33.11 16.82
C1 HEX GA . 12.70 32.76 10.61
C2 HEX GA . 11.62 31.71 10.80
C3 HEX GA . 10.28 32.39 11.07
C4 HEX GA . 9.21 31.34 11.31
C5 HEX GA . 7.89 32.03 11.66
C6 HEX GA . 6.80 30.97 11.89
C1 HEX HA . 30.77 37.62 8.33
C2 HEX HA . 32.19 37.59 8.86
C3 HEX HA . 33.12 38.40 7.95
C4 HEX HA . 34.54 38.35 8.49
C5 HEX HA . 35.42 39.27 7.65
C6 HEX HA . 36.86 39.20 8.16
C1 OCT IA . 38.10 40.97 -6.88
C2 OCT IA . 36.70 40.46 -7.20
C3 OCT IA . 36.27 39.47 -6.11
C4 OCT IA . 34.87 38.94 -6.44
C5 OCT IA . 34.44 37.93 -5.38
C6 OCT IA . 33.07 37.40 -5.76
C7 OCT IA . 32.62 36.41 -4.70
C8 OCT IA . 31.26 35.80 -5.02
C1 HEX JA . 34.39 33.38 -9.46
C2 HEX JA . 35.20 34.66 -9.28
C3 HEX JA . 35.86 35.03 -10.60
C4 HEX JA . 36.65 36.34 -10.44
C5 HEX JA . 37.16 36.82 -11.80
C6 HEX JA . 38.11 37.99 -11.58
C9 A1IIV KA . 16.49 16.98 -6.34
C5 A1IIV KA . 19.19 19.65 -6.45
C6 A1IIV KA . 18.52 20.61 -7.17
C2 A1IIV KA . 16.66 19.15 -7.45
C1 A1IIV KA . 17.26 20.38 -7.68
C10 A1IIV KA . 16.68 15.68 -6.58
C12 A1IIV KA . 15.41 13.87 -5.49
C14 A1IIV KA . 13.88 13.61 -6.87
C3 A1IIV KA . 17.31 18.16 -6.72
C4 A1IIV KA . 18.59 18.43 -6.24
N11 A1IIV KA . 15.59 14.72 -6.53
N13 A1IIV KA . 14.33 13.15 -5.68
N15 A1IIV KA . 14.59 14.55 -7.42
CL16 A1IIV KA . 15.02 17.38 -5.49
CL7 A1IIV KA . 19.23 22.18 -7.37
CL8 A1IIV KA . 19.48 17.22 -5.39
C1 OCT LA . 17.21 28.12 -8.04
C2 OCT LA . 15.76 27.67 -8.13
C3 OCT LA . 14.87 28.89 -8.36
C4 OCT LA . 13.41 28.44 -8.51
C5 OCT LA . 12.52 29.67 -8.72
C6 OCT LA . 11.07 29.21 -8.85
C7 OCT LA . 10.18 30.44 -9.08
C8 OCT LA . 8.73 30.00 -9.22
C1 OCT MA . 6.41 32.33 -6.61
C2 OCT MA . 7.05 33.12 -5.48
C3 OCT MA . 8.57 33.09 -5.65
C4 OCT MA . 9.23 33.81 -4.47
C5 OCT MA . 10.75 33.79 -4.65
C6 OCT MA . 11.40 34.45 -3.44
C7 OCT MA . 12.93 34.49 -3.63
C8 OCT MA . 13.56 35.21 -2.45
N ABU NA . -24.15 -4.03 -25.92
CD ABU NA . -24.09 -5.23 -25.02
CB ABU NA . -23.41 -6.40 -25.70
CG ABU NA . -23.41 -7.62 -24.79
C ABU NA . -22.72 -8.83 -25.38
O ABU NA . -21.85 -8.65 -26.25
OXT ABU NA . -23.07 -9.97 -24.96
C1 NAG OA . -49.60 21.83 -20.66
C2 NAG OA . -48.64 22.98 -20.89
C3 NAG OA . -49.44 24.25 -21.21
C4 NAG OA . -50.51 23.99 -22.29
C5 NAG OA . -51.31 22.72 -21.96
C6 NAG OA . -52.33 22.34 -23.02
C7 NAG OA . -46.50 23.30 -19.64
C8 NAG OA . -45.95 23.43 -18.24
N2 NAG OA . -47.84 23.15 -19.71
O3 NAG OA . -48.56 25.25 -21.61
O4 NAG OA . -51.35 25.12 -22.33
O5 NAG OA . -50.41 21.65 -21.79
O6 NAG OA . -53.60 22.77 -22.64
O7 NAG OA . -45.76 23.33 -20.61
C1 NAG PA . -21.29 20.96 -32.01
C2 NAG PA . -20.46 20.01 -32.88
C3 NAG PA . -20.15 20.80 -34.14
C4 NAG PA . -21.45 20.99 -34.89
C5 NAG PA . -22.39 21.83 -34.01
C6 NAG PA . -23.77 21.90 -34.62
C7 NAG PA . -18.57 19.26 -31.27
C8 NAG PA . -17.13 18.87 -31.45
N2 NAG PA . -19.15 19.57 -32.45
O3 NAG PA . -19.18 20.08 -34.84
O4 NAG PA . -21.11 21.62 -36.09
O5 NAG PA . -22.49 21.29 -32.69
O6 NAG PA . -24.17 20.62 -35.03
O7 NAG PA . -19.10 19.30 -30.17
C1 OCT QA . 37.08 26.96 -14.74
C2 OCT QA . 37.78 28.03 -13.92
C3 OCT QA . 38.35 29.10 -14.85
C4 OCT QA . 38.85 30.28 -14.03
C5 OCT QA . 39.22 31.43 -14.95
C6 OCT QA . 39.36 32.72 -14.13
C7 OCT QA . 39.61 33.90 -15.08
C8 OCT QA . 39.64 35.19 -14.26
C1 HEX RA . 15.09 24.06 -23.24
C2 HEX RA . 13.81 23.63 -22.50
C3 HEX RA . 12.60 23.88 -23.40
C4 HEX RA . 11.33 23.51 -22.64
C5 HEX RA . 10.11 23.82 -23.51
C6 HEX RA . 8.84 23.43 -22.77
C1 HEX SA . 33.65 27.23 -23.57
C2 HEX SA . 34.85 27.98 -22.99
C3 HEX SA . 36.11 27.63 -23.77
C4 HEX SA . 37.31 28.37 -23.18
C5 HEX SA . 38.53 28.12 -24.06
C6 HEX SA . 39.75 28.82 -23.44
C1 OCT TA . 45.34 16.02 -29.38
C2 OCT TA . 44.01 15.27 -29.38
C3 OCT TA . 43.13 15.81 -28.26
C4 OCT TA . 41.80 15.05 -28.24
C5 OCT TA . 40.92 15.57 -27.11
C6 OCT TA . 39.63 14.76 -27.11
C7 OCT TA . 38.74 15.28 -26.00
C8 OCT TA . 37.43 14.49 -25.90
C1 HEX UA . 41.15 10.18 -24.23
C2 HEX UA . 42.10 10.97 -25.13
C3 HEX UA . 43.17 10.03 -25.71
C4 HEX UA . 44.09 10.80 -26.63
C5 HEX UA . 45.03 9.84 -27.35
C6 HEX UA . 46.09 10.65 -28.11
C1 OCT VA . 23.60 6.24 -23.58
C2 OCT VA . 22.17 5.71 -23.59
C3 OCT VA . 21.62 5.77 -25.01
C4 OCT VA . 20.21 5.19 -25.03
C5 OCT VA . 19.64 5.27 -26.44
C6 OCT VA . 18.22 4.72 -26.46
C7 OCT VA . 17.67 4.77 -27.89
C8 OCT VA . 16.25 4.21 -27.92
C1 OCT WA . 13.77 6.99 -29.86
C2 OCT WA . 14.22 8.43 -30.06
C3 OCT WA . 15.70 8.56 -29.68
C4 OCT WA . 16.13 10.02 -29.80
C5 OCT WA . 17.61 10.14 -29.43
C6 OCT WA . 18.02 11.62 -29.49
C7 OCT WA . 19.51 11.74 -29.17
C8 OCT WA . 19.93 13.21 -29.30
C9 A1IIV XA . 23.50 -6.65 -1.89
C5 A1IIV XA . 27.13 -7.15 -2.88
C6 A1IIV XA . 27.15 -8.53 -2.96
C2 A1IIV XA . 24.90 -8.64 -2.19
C1 A1IIV XA . 26.05 -9.28 -2.61
C10 A1IIV XA . 23.06 -5.83 -0.92
C12 A1IIV XA . 20.90 -4.65 -0.97
C14 A1IIV XA . 19.70 -6.00 0.03
C3 A1IIV XA . 24.84 -7.24 -2.11
C4 A1IIV XA . 25.98 -6.52 -2.46
N11 A1IIV XA . 21.66 -5.71 -0.60
N13 A1IIV XA . 19.66 -4.80 -0.59
N15 A1IIV XA . 20.89 -6.59 0.06
CL16 A1IIV XA . 22.28 -7.17 -3.03
CL7 A1IIV XA . 28.57 -9.33 -3.56
CL8 A1IIV XA . 26.00 -4.79 -2.32
C1 OCT YA . 29.86 -14.64 -6.71
C2 OCT YA . 28.40 -15.12 -6.61
C3 OCT YA . 28.28 -16.50 -7.25
C4 OCT YA . 26.85 -17.01 -7.10
C5 OCT YA . 26.72 -18.37 -7.77
C6 OCT YA . 25.28 -18.87 -7.64
C7 OCT YA . 25.17 -20.25 -8.28
C8 OCT YA . 23.73 -20.75 -8.15
C1 OCT ZA . 22.42 -21.99 -11.95
C2 OCT ZA . 23.17 -21.55 -13.20
C3 OCT ZA . 24.48 -20.87 -12.81
C4 OCT ZA . 25.19 -20.37 -14.06
C5 OCT ZA . 26.51 -19.70 -13.68
C6 OCT ZA . 27.18 -19.14 -14.92
C7 OCT ZA . 28.52 -18.52 -14.55
C8 OCT ZA . 29.21 -18.02 -15.82
N ABU AB . -16.46 -29.75 -10.74
CD ABU AB . -16.87 -29.36 -9.37
CB ABU AB . -16.26 -30.27 -8.33
CG ABU AB . -16.72 -29.88 -6.93
C ABU AB . -16.13 -30.74 -5.82
O ABU AB . -15.03 -31.29 -6.02
OXT ABU AB . -16.79 -30.83 -4.76
C1 NAG BB . -37.20 -20.44 -39.51
C2 NAG BB . -36.02 -20.04 -40.39
C3 NAG BB . -36.47 -20.04 -41.85
C4 NAG BB . -37.22 -21.31 -42.22
C5 NAG BB . -38.30 -21.63 -41.18
C6 NAG BB . -39.04 -22.93 -41.43
C7 NAG BB . -34.28 -18.37 -39.71
C8 NAG BB . -34.13 -16.94 -39.26
N2 NAG BB . -35.56 -18.75 -39.94
O3 NAG BB . -35.33 -19.85 -42.65
O4 NAG BB . -37.79 -21.10 -43.49
O5 NAG BB . -37.69 -21.69 -39.91
O6 NAG BB . -40.28 -22.66 -42.05
O7 NAG BB . -33.32 -19.10 -39.85
C1 NAG CB . -7.52 -25.63 -34.70
C2 NAG CB . -6.67 -26.61 -33.87
C3 NAG CB . -5.90 -27.41 -34.90
C4 NAG CB . -6.89 -28.28 -35.65
C5 NAG CB . -7.85 -27.35 -36.39
C6 NAG CB . -8.98 -28.14 -37.03
C7 NAG CB . -5.46 -25.05 -32.19
C8 NAG CB . -4.13 -25.09 -31.50
N2 NAG CB . -5.63 -26.13 -32.99
O3 NAG CB . -4.92 -28.12 -34.20
O4 NAG CB . -6.11 -29.08 -36.51
O5 NAG CB . -8.41 -26.37 -35.53
O6 NAG CB . -9.48 -29.06 -36.08
O7 NAG CB . -6.26 -24.14 -32.03
C9 A1IIV DB . 20.42 3.58 -13.07
C5 A1IIV DB . 23.49 4.98 -14.83
C6 A1IIV DB . 23.22 4.54 -16.12
C2 A1IIV DB . 21.28 3.39 -15.36
C1 A1IIV DB . 22.13 3.76 -16.39
C10 A1IIV DB . 20.42 2.93 -11.91
C12 A1IIV DB . 18.61 3.01 -10.26
C14 A1IIV DB . 17.47 1.38 -10.85
C3 A1IIV DB . 21.51 3.82 -14.05
C4 A1IIV DB . 22.64 4.61 -13.81
N11 A1IIV DB . 19.21 2.42 -11.32
N13 A1IIV DB . 17.49 2.37 -9.95
N15 A1IIV DB . 18.48 1.35 -11.70
CL16 A1IIV DB . 18.87 4.21 -13.57
CL7 A1IIV DB . 24.25 5.07 -17.42
CL8 A1IIV DB . 23.03 5.12 -12.20
C1 OCT EB . 43.98 3.54 -19.31
C2 OCT EB . 44.62 4.82 -19.85
C3 OCT EB . 45.61 4.46 -20.96
C4 OCT EB . 46.07 5.74 -21.65
C5 OCT EB . 46.88 5.39 -22.89
C6 OCT EB . 47.02 6.62 -23.77
C7 OCT EB . 47.72 6.24 -25.07
C8 OCT EB . 47.78 7.46 -26.00
C1 HEX FB . 24.99 -9.50 -25.13
C2 HEX FB . 23.52 -9.23 -24.86
C3 HEX FB . 22.66 -10.20 -25.68
C4 HEX FB . 21.18 -9.88 -25.45
C5 HEX FB . 20.34 -10.80 -26.32
C6 HEX FB . 18.85 -10.51 -26.07
C1 HEX GB . 43.21 -5.07 -23.19
C2 HEX GB . 44.32 -4.04 -23.38
C3 HEX GB . 45.66 -4.63 -22.97
C4 HEX GB . 46.76 -3.59 -23.15
C5 HEX GB . 48.12 -4.24 -22.85
C6 HEX GB . 49.21 -3.19 -22.99
C1 OCT HB . 53.79 -12.19 -11.64
C2 OCT HB . 52.39 -12.72 -11.31
C3 OCT HB . 51.35 -11.67 -11.69
C4 OCT HB . 49.95 -12.19 -11.35
C5 OCT HB . 48.90 -11.14 -11.70
C6 OCT HB . 47.54 -11.70 -11.31
C7 OCT HB . 46.48 -10.65 -11.68
C8 OCT HB . 45.09 -11.10 -11.28
C1 HEX IB . 47.36 -10.43 -5.84
C2 HEX IB . 48.65 -10.79 -6.59
C3 HEX IB . 49.63 -11.45 -5.61
C4 HEX IB . 50.91 -11.83 -6.36
C5 HEX IB . 51.81 -12.65 -5.46
C6 HEX IB . 53.17 -12.85 -6.14
#